data_3FX0
# 
_entry.id   3FX0 
# 
_audit_conform.dict_name       mmcif_pdbx.dic 
_audit_conform.dict_version    5.387 
_audit_conform.dict_location   http://mmcif.pdb.org/dictionaries/ascii/mmcif_pdbx.dic 
# 
loop_
_database_2.database_id 
_database_2.database_code 
_database_2.pdbx_database_accession 
_database_2.pdbx_DOI 
PDB   3FX0         pdb_00003fx0 10.2210/pdb3fx0/pdb 
RCSB  RCSB051147   ?            ?                   
WWPDB D_1000051147 ?            ?                   
# 
loop_
_pdbx_audit_revision_history.ordinal 
_pdbx_audit_revision_history.data_content_type 
_pdbx_audit_revision_history.major_revision 
_pdbx_audit_revision_history.minor_revision 
_pdbx_audit_revision_history.revision_date 
1 'Structure model' 1 0 2009-04-07 
2 'Structure model' 1 1 2011-07-13 
3 'Structure model' 1 2 2017-11-01 
4 'Structure model' 1 3 2024-02-21 
# 
_pdbx_audit_revision_details.ordinal             1 
_pdbx_audit_revision_details.revision_ordinal    1 
_pdbx_audit_revision_details.data_content_type   'Structure model' 
_pdbx_audit_revision_details.provider            repository 
_pdbx_audit_revision_details.type                'Initial release' 
_pdbx_audit_revision_details.description         ? 
_pdbx_audit_revision_details.details             ? 
# 
loop_
_pdbx_audit_revision_group.ordinal 
_pdbx_audit_revision_group.revision_ordinal 
_pdbx_audit_revision_group.data_content_type 
_pdbx_audit_revision_group.group 
1 2 'Structure model' 'Version format compliance' 
2 3 'Structure model' 'Refinement description'    
3 4 'Structure model' 'Data collection'           
4 4 'Structure model' 'Database references'       
# 
loop_
_pdbx_audit_revision_category.ordinal 
_pdbx_audit_revision_category.revision_ordinal 
_pdbx_audit_revision_category.data_content_type 
_pdbx_audit_revision_category.category 
1 3 'Structure model' software           
2 4 'Structure model' chem_comp_atom     
3 4 'Structure model' chem_comp_bond     
4 4 'Structure model' database_2         
5 4 'Structure model' struct_ref_seq_dif 
# 
loop_
_pdbx_audit_revision_item.ordinal 
_pdbx_audit_revision_item.revision_ordinal 
_pdbx_audit_revision_item.data_content_type 
_pdbx_audit_revision_item.item 
1  3 'Structure model' '_software.classification'            
2  3 'Structure model' '_software.contact_author'            
3  3 'Structure model' '_software.contact_author_email'      
4  3 'Structure model' '_software.date'                      
5  3 'Structure model' '_software.language'                  
6  3 'Structure model' '_software.location'                  
7  3 'Structure model' '_software.name'                      
8  3 'Structure model' '_software.type'                      
9  3 'Structure model' '_software.version'                   
10 4 'Structure model' '_database_2.pdbx_DOI'                
11 4 'Structure model' '_database_2.pdbx_database_accession' 
12 4 'Structure model' '_struct_ref_seq_dif.details'         
# 
_pdbx_database_status.entry_id                        3FX0 
_pdbx_database_status.deposit_site                    RCSB 
_pdbx_database_status.process_site                    RCSB 
_pdbx_database_status.recvd_initial_deposition_date   2009-01-19 
_pdbx_database_status.status_code                     REL 
_pdbx_database_status.status_code_sf                  REL 
_pdbx_database_status.status_code_mr                  ? 
_pdbx_database_status.SG_entry                        ? 
_pdbx_database_status.pdb_format_compatible           Y 
_pdbx_database_status.status_code_cs                  ? 
_pdbx_database_status.methods_development_category    ? 
_pdbx_database_status.status_code_nmr_data            ? 
# 
loop_
_audit_author.name 
_audit_author.pdbx_ordinal 
'Lo, Y.C.'  1 
'Lin, S.C.' 2 
'Wu, H.'    3 
# 
_citation.id                        primary 
_citation.title                     'Structural basis for recognition of diubiquitins by NEMO.' 
_citation.journal_abbrev            Mol.Cell 
_citation.journal_volume            33 
_citation.page_first                602 
_citation.page_last                 615 
_citation.year                      2009 
_citation.journal_id_ASTM           MOCEFL 
_citation.country                   US 
_citation.journal_id_ISSN           1097-2765 
_citation.journal_id_CSD            2168 
_citation.book_publisher            ? 
_citation.pdbx_database_id_PubMed   19185524 
_citation.pdbx_database_id_DOI      10.1016/j.molcel.2009.01.012 
# 
loop_
_citation_author.citation_id 
_citation_author.name 
_citation_author.ordinal 
_citation_author.identifier_ORCID 
primary 'Lo, Y.C.'          1 ? 
primary 'Lin, S.C.'         2 ? 
primary 'Rospigliosi, C.C.' 3 ? 
primary 'Conze, D.B.'       4 ? 
primary 'Wu, C.J.'          5 ? 
primary 'Ashwell, J.D.'     6 ? 
primary 'Eliezer, D.'       7 ? 
primary 'Wu, H.'            8 ? 
# 
_entity.id                         1 
_entity.type                       polymer 
_entity.src_method                 man 
_entity.pdbx_description           'NF-kappa-B essential modulator' 
_entity.formula_weight             11074.619 
_entity.pdbx_number_of_molecules   2 
_entity.pdbx_ec                    ? 
_entity.pdbx_mutation              ? 
_entity.pdbx_fragment              'CC2_LZ domain' 
_entity.details                    ? 
# 
_entity_name_com.entity_id   1 
_entity_name_com.name        
;NEMO, NF-kappa-B essential modifier, Inhibitor of nuclear factor kappa-B kinase subunit gamma, IkB kinase subunit gamma, I-kappa-B kinase gamma, IKK-gamma, IKKG, IkB kinase-associated protein 1, IKKAP1, FIP-3
;
# 
_entity_poly.entity_id                      1 
_entity_poly.type                           'polypeptide(L)' 
_entity_poly.nstd_linkage                   no 
_entity_poly.nstd_monomer                   no 
_entity_poly.pdbx_seq_one_letter_code       
;GSHMKSSVVGSERKRGMQLEDLKQQLQQAEEALVAKQEVIDKLKEEAEQHKIVMETVPVLKAQADIYKADFQAERQAREK
LAEKKELLQEQLEQLQ
;
_entity_poly.pdbx_seq_one_letter_code_can   
;GSHMKSSVVGSERKRGMQLEDLKQQLQQAEEALVAKQEVIDKLKEEAEQHKIVMETVPVLKAQADIYKADFQAERQAREK
LAEKKELLQEQLEQLQ
;
_entity_poly.pdbx_strand_id                 A,B 
_entity_poly.pdbx_target_identifier         ? 
# 
loop_
_entity_poly_seq.entity_id 
_entity_poly_seq.num 
_entity_poly_seq.mon_id 
_entity_poly_seq.hetero 
1 1  GLY n 
1 2  SER n 
1 3  HIS n 
1 4  MET n 
1 5  LYS n 
1 6  SER n 
1 7  SER n 
1 8  VAL n 
1 9  VAL n 
1 10 GLY n 
1 11 SER n 
1 12 GLU n 
1 13 ARG n 
1 14 LYS n 
1 15 ARG n 
1 16 GLY n 
1 17 MET n 
1 18 GLN n 
1 19 LEU n 
1 20 GLU n 
1 21 ASP n 
1 22 LEU n 
1 23 LYS n 
1 24 GLN n 
1 25 GLN n 
1 26 LEU n 
1 27 GLN n 
1 28 GLN n 
1 29 ALA n 
1 30 GLU n 
1 31 GLU n 
1 32 ALA n 
1 33 LEU n 
1 34 VAL n 
1 35 ALA n 
1 36 LYS n 
1 37 GLN n 
1 38 GLU n 
1 39 VAL n 
1 40 ILE n 
1 41 ASP n 
1 42 LYS n 
1 43 LEU n 
1 44 LYS n 
1 45 GLU n 
1 46 GLU n 
1 47 ALA n 
1 48 GLU n 
1 49 GLN n 
1 50 HIS n 
1 51 LYS n 
1 52 ILE n 
1 53 VAL n 
1 54 MET n 
1 55 GLU n 
1 56 THR n 
1 57 VAL n 
1 58 PRO n 
1 59 VAL n 
1 60 LEU n 
1 61 LYS n 
1 62 ALA n 
1 63 GLN n 
1 64 ALA n 
1 65 ASP n 
1 66 ILE n 
1 67 TYR n 
1 68 LYS n 
1 69 ALA n 
1 70 ASP n 
1 71 PHE n 
1 72 GLN n 
1 73 ALA n 
1 74 GLU n 
1 75 ARG n 
1 76 GLN n 
1 77 ALA n 
1 78 ARG n 
1 79 GLU n 
1 80 LYS n 
1 81 LEU n 
1 82 ALA n 
1 83 GLU n 
1 84 LYS n 
1 85 LYS n 
1 86 GLU n 
1 87 LEU n 
1 88 LEU n 
1 89 GLN n 
1 90 GLU n 
1 91 GLN n 
1 92 LEU n 
1 93 GLU n 
1 94 GLN n 
1 95 LEU n 
1 96 GLN n 
# 
_entity_src_gen.entity_id                          1 
_entity_src_gen.pdbx_src_id                        1 
_entity_src_gen.pdbx_alt_source_flag               sample 
_entity_src_gen.pdbx_seq_type                      ? 
_entity_src_gen.pdbx_beg_seq_num                   ? 
_entity_src_gen.pdbx_end_seq_num                   ? 
_entity_src_gen.gene_src_common_name               human 
_entity_src_gen.gene_src_genus                     ? 
_entity_src_gen.pdbx_gene_src_gene                 'IKBKG, FIP3, NEMO' 
_entity_src_gen.gene_src_species                   ? 
_entity_src_gen.gene_src_strain                    ? 
_entity_src_gen.gene_src_tissue                    ? 
_entity_src_gen.gene_src_tissue_fraction           ? 
_entity_src_gen.gene_src_details                   ? 
_entity_src_gen.pdbx_gene_src_fragment             ? 
_entity_src_gen.pdbx_gene_src_scientific_name      'Homo sapiens' 
_entity_src_gen.pdbx_gene_src_ncbi_taxonomy_id     9606 
_entity_src_gen.pdbx_gene_src_variant              ? 
_entity_src_gen.pdbx_gene_src_cell_line            ? 
_entity_src_gen.pdbx_gene_src_atcc                 ? 
_entity_src_gen.pdbx_gene_src_organ                ? 
_entity_src_gen.pdbx_gene_src_organelle            ? 
_entity_src_gen.pdbx_gene_src_cell                 ? 
_entity_src_gen.pdbx_gene_src_cellular_location    ? 
_entity_src_gen.host_org_common_name               ? 
_entity_src_gen.pdbx_host_org_scientific_name      'Escherichia coli' 
_entity_src_gen.pdbx_host_org_ncbi_taxonomy_id     562 
_entity_src_gen.host_org_genus                     ? 
_entity_src_gen.pdbx_host_org_gene                 ? 
_entity_src_gen.pdbx_host_org_organ                ? 
_entity_src_gen.host_org_species                   ? 
_entity_src_gen.pdbx_host_org_tissue               ? 
_entity_src_gen.pdbx_host_org_tissue_fraction      ? 
_entity_src_gen.pdbx_host_org_strain               'BL21(DE3)RIPL' 
_entity_src_gen.pdbx_host_org_variant              ? 
_entity_src_gen.pdbx_host_org_cell_line            ? 
_entity_src_gen.pdbx_host_org_atcc                 ? 
_entity_src_gen.pdbx_host_org_culture_collection   ? 
_entity_src_gen.pdbx_host_org_cell                 ? 
_entity_src_gen.pdbx_host_org_organelle            ? 
_entity_src_gen.pdbx_host_org_cellular_location    ? 
_entity_src_gen.pdbx_host_org_vector_type          plasmid 
_entity_src_gen.pdbx_host_org_vector               ? 
_entity_src_gen.host_org_details                   ? 
_entity_src_gen.expression_system_id               ? 
_entity_src_gen.plasmid_name                       pET-28 
_entity_src_gen.plasmid_details                    ? 
_entity_src_gen.pdbx_description                   ? 
# 
loop_
_chem_comp.id 
_chem_comp.type 
_chem_comp.mon_nstd_flag 
_chem_comp.name 
_chem_comp.pdbx_synonyms 
_chem_comp.formula 
_chem_comp.formula_weight 
ALA 'L-peptide linking' y ALANINE         ? 'C3 H7 N O2'     89.093  
ARG 'L-peptide linking' y ARGININE        ? 'C6 H15 N4 O2 1' 175.209 
ASP 'L-peptide linking' y 'ASPARTIC ACID' ? 'C4 H7 N O4'     133.103 
GLN 'L-peptide linking' y GLUTAMINE       ? 'C5 H10 N2 O3'   146.144 
GLU 'L-peptide linking' y 'GLUTAMIC ACID' ? 'C5 H9 N O4'     147.129 
GLY 'peptide linking'   y GLYCINE         ? 'C2 H5 N O2'     75.067  
HIS 'L-peptide linking' y HISTIDINE       ? 'C6 H10 N3 O2 1' 156.162 
ILE 'L-peptide linking' y ISOLEUCINE      ? 'C6 H13 N O2'    131.173 
LEU 'L-peptide linking' y LEUCINE         ? 'C6 H13 N O2'    131.173 
LYS 'L-peptide linking' y LYSINE          ? 'C6 H15 N2 O2 1' 147.195 
MET 'L-peptide linking' y METHIONINE      ? 'C5 H11 N O2 S'  149.211 
PHE 'L-peptide linking' y PHENYLALANINE   ? 'C9 H11 N O2'    165.189 
PRO 'L-peptide linking' y PROLINE         ? 'C5 H9 N O2'     115.130 
SER 'L-peptide linking' y SERINE          ? 'C3 H7 N O3'     105.093 
THR 'L-peptide linking' y THREONINE       ? 'C4 H9 N O3'     119.119 
TYR 'L-peptide linking' y TYROSINE        ? 'C9 H11 N O3'    181.189 
VAL 'L-peptide linking' y VALINE          ? 'C5 H11 N O2'    117.146 
# 
loop_
_pdbx_poly_seq_scheme.asym_id 
_pdbx_poly_seq_scheme.entity_id 
_pdbx_poly_seq_scheme.seq_id 
_pdbx_poly_seq_scheme.mon_id 
_pdbx_poly_seq_scheme.ndb_seq_num 
_pdbx_poly_seq_scheme.pdb_seq_num 
_pdbx_poly_seq_scheme.auth_seq_num 
_pdbx_poly_seq_scheme.pdb_mon_id 
_pdbx_poly_seq_scheme.auth_mon_id 
_pdbx_poly_seq_scheme.pdb_strand_id 
_pdbx_poly_seq_scheme.pdb_ins_code 
_pdbx_poly_seq_scheme.hetero 
A 1 1  GLY 1  242  ?    ?   ?   A . n 
A 1 2  SER 2  243  ?    ?   ?   A . n 
A 1 3  HIS 3  244  ?    ?   ?   A . n 
A 1 4  MET 4  245  ?    ?   ?   A . n 
A 1 5  LYS 5  246  ?    ?   ?   A . n 
A 1 6  SER 6  247  ?    ?   ?   A . n 
A 1 7  SER 7  248  ?    ?   ?   A . n 
A 1 8  VAL 8  249  ?    ?   ?   A . n 
A 1 9  VAL 9  250  ?    ?   ?   A . n 
A 1 10 GLY 10 251  ?    ?   ?   A . n 
A 1 11 SER 11 252  ?    ?   ?   A . n 
A 1 12 GLU 12 253  ?    ?   ?   A . n 
A 1 13 ARG 13 254  ?    ?   ?   A . n 
A 1 14 LYS 14 255  ?    ?   ?   A . n 
A 1 15 ARG 15 256  ?    ?   ?   A . n 
A 1 16 GLY 16 257  ?    ?   ?   A . n 
A 1 17 MET 17 258  ?    ?   ?   A . n 
A 1 18 GLN 18 259  ?    ?   ?   A . n 
A 1 19 LEU 19 260  ?    ?   ?   A . n 
A 1 20 GLU 20 261  ?    ?   ?   A . n 
A 1 21 ASP 21 262  ?    ?   ?   A . n 
A 1 22 LEU 22 263  ?    ?   ?   A . n 
A 1 23 LYS 23 264  ?    ?   ?   A . n 
A 1 24 GLN 24 265  ?    ?   ?   A . n 
A 1 25 GLN 25 266  ?    ?   ?   A . n 
A 1 26 LEU 26 267  267  LEU LEU A . n 
A 1 27 GLN 27 268  268  GLN GLN A . n 
A 1 28 GLN 28 269  269  GLN GLN A . n 
A 1 29 ALA 29 270  270  ALA ALA A . n 
A 1 30 GLU 30 271  271  GLU GLU A . n 
A 1 31 GLU 31 272  272  GLU GLU A . n 
A 1 32 ALA 32 273  273  ALA ALA A . n 
A 1 33 LEU 33 274  274  LEU LEU A . n 
A 1 34 VAL 34 275  275  VAL VAL A . n 
A 1 35 ALA 35 276  276  ALA ALA A . n 
A 1 36 LYS 36 277  277  LYS LYS A . n 
A 1 37 GLN 37 278  278  GLN GLN A . n 
A 1 38 GLU 38 279  279  GLU GLU A . n 
A 1 39 VAL 39 280  280  VAL VAL A . n 
A 1 40 ILE 40 281  281  ILE ILE A . n 
A 1 41 ASP 41 282  282  ASP ASP A . n 
A 1 42 LYS 42 283  283  LYS LYS A . n 
A 1 43 LEU 43 284  284  LEU LEU A . n 
A 1 44 LYS 44 285  285  LYS LYS A . n 
A 1 45 GLU 45 286  286  GLU GLU A . n 
A 1 46 GLU 46 287  287  GLU GLU A . n 
A 1 47 ALA 47 288  288  ALA ALA A . n 
A 1 48 GLU 48 289  289  GLU GLU A . n 
A 1 49 GLN 49 290  290  GLN GLN A . n 
A 1 50 HIS 50 291  291  HIS HIS A . n 
A 1 51 LYS 51 292  292  LYS LYS A . n 
A 1 52 ILE 52 293  293  ILE ILE A . n 
A 1 53 VAL 53 294  294  VAL VAL A . n 
A 1 54 MET 54 295  295  MET MET A . n 
A 1 55 GLU 55 296  296  GLU GLU A . n 
A 1 56 THR 56 297  297  THR THR A . n 
A 1 57 VAL 57 298  298  VAL VAL A . n 
A 1 58 PRO 58 299  299  PRO PRO A . n 
A 1 59 VAL 59 300  300  VAL VAL A . n 
A 1 60 LEU 60 301  301  LEU LEU A . n 
A 1 61 LYS 61 302  302  LYS LYS A . n 
A 1 62 ALA 62 303  303  ALA ALA A . n 
A 1 63 GLN 63 304  304  GLN GLN A . n 
A 1 64 ALA 64 305  305  ALA ALA A . n 
A 1 65 ASP 65 306  306  ASP ASP A . n 
A 1 66 ILE 66 307  307  ILE ILE A . n 
A 1 67 TYR 67 308  308  TYR TYR A . n 
A 1 68 LYS 68 309  309  LYS LYS A . n 
A 1 69 ALA 69 310  310  ALA ALA A . n 
A 1 70 ASP 70 311  311  ASP ASP A . n 
A 1 71 PHE 71 312  312  PHE PHE A . n 
A 1 72 GLN 72 313  313  GLN GLN A . n 
A 1 73 ALA 73 314  314  ALA ALA A . n 
A 1 74 GLU 74 315  315  GLU GLU A . n 
A 1 75 ARG 75 316  316  ARG ARG A . n 
A 1 76 GLN 76 317  317  GLN GLN A . n 
A 1 77 ALA 77 318  318  ALA ALA A . n 
A 1 78 ARG 78 319  319  ARG ARG A . n 
A 1 79 GLU 79 320  320  GLU GLU A . n 
A 1 80 LYS 80 321  321  LYS LYS A . n 
A 1 81 LEU 81 322  322  LEU LEU A . n 
A 1 82 ALA 82 323  323  ALA ALA A . n 
A 1 83 GLU 83 324  324  GLU GLU A . n 
A 1 84 LYS 84 325  325  LYS LYS A . n 
A 1 85 LYS 85 326  326  LYS LYS A . n 
A 1 86 GLU 86 327  327  GLU GLU A . n 
A 1 87 LEU 87 328  328  LEU LEU A . n 
A 1 88 LEU 88 329  329  LEU LEU A . n 
A 1 89 GLN 89 330  ?    ?   ?   A . n 
A 1 90 GLU 90 331  ?    ?   ?   A . n 
A 1 91 GLN 91 332  ?    ?   ?   A . n 
A 1 92 LEU 92 333  ?    ?   ?   A . n 
A 1 93 GLU 93 334  ?    ?   ?   A . n 
A 1 94 GLN 94 335  ?    ?   ?   A . n 
A 1 95 LEU 95 336  ?    ?   ?   A . n 
A 1 96 GLN 96 337  ?    ?   ?   A . n 
B 1 1  GLY 1  1242 ?    ?   ?   B . n 
B 1 2  SER 2  1243 ?    ?   ?   B . n 
B 1 3  HIS 3  1244 ?    ?   ?   B . n 
B 1 4  MET 4  1245 ?    ?   ?   B . n 
B 1 5  LYS 5  1246 ?    ?   ?   B . n 
B 1 6  SER 6  1247 ?    ?   ?   B . n 
B 1 7  SER 7  1248 ?    ?   ?   B . n 
B 1 8  VAL 8  1249 ?    ?   ?   B . n 
B 1 9  VAL 9  1250 ?    ?   ?   B . n 
B 1 10 GLY 10 1251 ?    ?   ?   B . n 
B 1 11 SER 11 1252 ?    ?   ?   B . n 
B 1 12 GLU 12 1253 ?    ?   ?   B . n 
B 1 13 ARG 13 1254 ?    ?   ?   B . n 
B 1 14 LYS 14 1255 ?    ?   ?   B . n 
B 1 15 ARG 15 1256 ?    ?   ?   B . n 
B 1 16 GLY 16 1257 ?    ?   ?   B . n 
B 1 17 MET 17 1258 ?    ?   ?   B . n 
B 1 18 GLN 18 1259 ?    ?   ?   B . n 
B 1 19 LEU 19 1260 ?    ?   ?   B . n 
B 1 20 GLU 20 1261 ?    ?   ?   B . n 
B 1 21 ASP 21 1262 ?    ?   ?   B . n 
B 1 22 LEU 22 1263 1263 LEU LEU B . n 
B 1 23 LYS 23 1264 1264 LYS LYS B . n 
B 1 24 GLN 24 1265 1265 GLN GLN B . n 
B 1 25 GLN 25 1266 1266 GLN GLN B . n 
B 1 26 LEU 26 1267 1267 LEU LEU B . n 
B 1 27 GLN 27 1268 1268 GLN GLN B . n 
B 1 28 GLN 28 1269 1269 GLN GLN B . n 
B 1 29 ALA 29 1270 1270 ALA ALA B . n 
B 1 30 GLU 30 1271 1271 GLU GLU B . n 
B 1 31 GLU 31 1272 1272 GLU GLU B . n 
B 1 32 ALA 32 1273 1273 ALA ALA B . n 
B 1 33 LEU 33 1274 1274 LEU LEU B . n 
B 1 34 VAL 34 1275 1275 VAL VAL B . n 
B 1 35 ALA 35 1276 1276 ALA ALA B . n 
B 1 36 LYS 36 1277 1277 LYS LYS B . n 
B 1 37 GLN 37 1278 1278 GLN GLN B . n 
B 1 38 GLU 38 1279 1279 GLU GLU B . n 
B 1 39 VAL 39 1280 1280 VAL VAL B . n 
B 1 40 ILE 40 1281 1281 ILE ILE B . n 
B 1 41 ASP 41 1282 1282 ASP ASP B . n 
B 1 42 LYS 42 1283 1283 LYS LYS B . n 
B 1 43 LEU 43 1284 1284 LEU LEU B . n 
B 1 44 LYS 44 1285 1285 LYS LYS B . n 
B 1 45 GLU 45 1286 1286 GLU GLU B . n 
B 1 46 GLU 46 1287 1287 GLU GLU B . n 
B 1 47 ALA 47 1288 1288 ALA ALA B . n 
B 1 48 GLU 48 1289 1289 GLU GLU B . n 
B 1 49 GLN 49 1290 1290 GLN GLN B . n 
B 1 50 HIS 50 1291 1291 HIS HIS B . n 
B 1 51 LYS 51 1292 1292 LYS LYS B . n 
B 1 52 ILE 52 1293 1293 ILE ILE B . n 
B 1 53 VAL 53 1294 1294 VAL VAL B . n 
B 1 54 MET 54 1295 1295 MET MET B . n 
B 1 55 GLU 55 1296 1296 GLU GLU B . n 
B 1 56 THR 56 1297 1297 THR THR B . n 
B 1 57 VAL 57 1298 1298 VAL VAL B . n 
B 1 58 PRO 58 1299 1299 PRO PRO B . n 
B 1 59 VAL 59 1300 1300 VAL VAL B . n 
B 1 60 LEU 60 1301 1301 LEU LEU B . n 
B 1 61 LYS 61 1302 1302 LYS LYS B . n 
B 1 62 ALA 62 1303 1303 ALA ALA B . n 
B 1 63 GLN 63 1304 1304 GLN GLN B . n 
B 1 64 ALA 64 1305 1305 ALA ALA B . n 
B 1 65 ASP 65 1306 1306 ASP ASP B . n 
B 1 66 ILE 66 1307 1307 ILE ILE B . n 
B 1 67 TYR 67 1308 1308 TYR TYR B . n 
B 1 68 LYS 68 1309 1309 LYS LYS B . n 
B 1 69 ALA 69 1310 1310 ALA ALA B . n 
B 1 70 ASP 70 1311 1311 ASP ASP B . n 
B 1 71 PHE 71 1312 1312 PHE PHE B . n 
B 1 72 GLN 72 1313 1313 GLN GLN B . n 
B 1 73 ALA 73 1314 1314 ALA ALA B . n 
B 1 74 GLU 74 1315 1315 GLU GLU B . n 
B 1 75 ARG 75 1316 1316 ARG ARG B . n 
B 1 76 GLN 76 1317 1317 GLN GLN B . n 
B 1 77 ALA 77 1318 1318 ALA ALA B . n 
B 1 78 ARG 78 1319 1319 ARG ARG B . n 
B 1 79 GLU 79 1320 1320 GLU GLU B . n 
B 1 80 LYS 80 1321 1321 LYS LYS B . n 
B 1 81 LEU 81 1322 1322 LEU LEU B . n 
B 1 82 ALA 82 1323 1323 ALA ALA B . n 
B 1 83 GLU 83 1324 1324 GLU GLU B . n 
B 1 84 LYS 84 1325 1325 LYS LYS B . n 
B 1 85 LYS 85 1326 1326 LYS LYS B . n 
B 1 86 GLU 86 1327 1327 GLU GLU B . n 
B 1 87 LEU 87 1328 1328 LEU LEU B . n 
B 1 88 LEU 88 1329 1329 LEU LEU B . n 
B 1 89 GLN 89 1330 1330 GLN GLN B . n 
B 1 90 GLU 90 1331 1331 GLU GLU B . n 
B 1 91 GLN 91 1332 1332 GLN GLN B . n 
B 1 92 LEU 92 1333 1333 LEU LEU B . n 
B 1 93 GLU 93 1334 ?    ?   ?   B . n 
B 1 94 GLN 94 1335 ?    ?   ?   B . n 
B 1 95 LEU 95 1336 ?    ?   ?   B . n 
B 1 96 GLN 96 1337 ?    ?   ?   B . n 
# 
loop_
_software.name 
_software.version 
_software.date 
_software.type 
_software.contact_author 
_software.contact_author_email 
_software.classification 
_software.location 
_software.language 
_software.citation_id 
_software.pdbx_ordinal 
DENZO       .       ?               package 'Zbyszek Otwinowski'  hkl@hkl-xray.com             'data reduction'  
http://www.hkl-xray.com/                  ?          ? 1 
SCALEPACK   .       ?               package 'Zbyszek Otwinowski'  hkl@hkl-xray.com             'data scaling'    
http://www.hkl-xray.com/                  ?          ? 2 
SHELX       .       ?               package 'George M. Sheldrick' gsheldr@shelx.uni-ac.gwdg.de phasing           
http://shelx.uni-ac.gwdg.de/SHELX/        Fortran_77 ? 3 
CNS         1.2     1998            package 'Axel T. Brunger'     axel.brunger@yale.edu        refinement        
http://cns-online.org/                    Fortran_77 ? 4 
PDB_EXTRACT 3.006   'June 11, 2008' package PDB                   help@deposit.rcsb.org        'data extraction' 
http://sw-tools.pdb.org/apps/PDB_EXTRACT/ C++        ? 5 
ADSC        Quantum ?               ?       ?                     ?                            'data collection' ? ?          ? 6 
HKL-2000    .       ?               ?       ?                     ?                            'data reduction'  ? ?          ? 7 
SHELXD      .       ?               ?       ?                     ?                            phasing           ? ?          ? 8 
# 
_cell.length_a           76.194 
_cell.length_b           76.194 
_cell.length_c           76.892 
_cell.angle_alpha        90.000 
_cell.angle_beta         90.000 
_cell.angle_gamma        120.000 
_cell.entry_id           3FX0 
_cell.pdbx_unique_axis   ? 
_cell.Z_PDB              12 
_cell.length_a_esd       ? 
_cell.length_b_esd       ? 
_cell.length_c_esd       ? 
_cell.angle_alpha_esd    ? 
_cell.angle_beta_esd     ? 
_cell.angle_gamma_esd    ? 
# 
_symmetry.space_group_name_H-M             'P 65' 
_symmetry.entry_id                         3FX0 
_symmetry.Int_Tables_number                170 
_symmetry.pdbx_full_space_group_name_H-M   ? 
_symmetry.cell_setting                     ? 
_symmetry.space_group_name_Hall            ? 
# 
_exptl.crystals_number   1 
_exptl.entry_id          3FX0 
_exptl.method            'X-RAY DIFFRACTION' 
# 
_exptl_crystal.id                    1 
_exptl_crystal.density_Matthews      2.91 
_exptl_crystal.density_meas          ? 
_exptl_crystal.density_percent_sol   57.72 
_exptl_crystal.description           ? 
_exptl_crystal.F_000                 ? 
_exptl_crystal.preparation           ? 
# 
_exptl_crystal_grow.crystal_id      1 
_exptl_crystal_grow.method          'VAPOR DIFFUSION, HANGING DROP' 
_exptl_crystal_grow.pH              8.0 
_exptl_crystal_grow.temp            277 
_exptl_crystal_grow.temp_details    ? 
_exptl_crystal_grow.pdbx_details    
'10% PEG 1000, 10% PEG 4000, 0.1M Tris, pH 8.0, VAPOR DIFFUSION, HANGING DROP, temperature 277K' 
_exptl_crystal_grow.pdbx_pH_range   . 
# 
_diffrn.id                     1 
_diffrn.ambient_temp           113 
_diffrn.ambient_temp_details   ? 
_diffrn.crystal_id             1 
# 
_diffrn_detector.diffrn_id              1 
_diffrn_detector.detector               CCD 
_diffrn_detector.type                   'ADSC QUANTUM Q315r' 
_diffrn_detector.pdbx_collection_date   2008-08-03 
_diffrn_detector.details                ? 
# 
_diffrn_radiation.diffrn_id                        1 
_diffrn_radiation.wavelength_id                    1 
_diffrn_radiation.pdbx_diffrn_protocol             'SINGLE WAVELENGTH' 
_diffrn_radiation.monochromator                    ? 
_diffrn_radiation.pdbx_monochromatic_or_laue_m_l   M 
_diffrn_radiation.pdbx_scattering_type             x-ray 
# 
_diffrn_radiation_wavelength.id           1 
_diffrn_radiation_wavelength.wavelength   0.97930 
_diffrn_radiation_wavelength.wt           1.0 
# 
_diffrn_source.diffrn_id                   1 
_diffrn_source.source                      SYNCHROTRON 
_diffrn_source.type                        'APS BEAMLINE 24-ID-C' 
_diffrn_source.pdbx_wavelength             ? 
_diffrn_source.pdbx_wavelength_list        0.97930 
_diffrn_source.pdbx_synchrotron_site       APS 
_diffrn_source.pdbx_synchrotron_beamline   24-ID-C 
# 
_reflns.entry_id                     3FX0 
_reflns.d_resolution_high            3.19 
_reflns.d_resolution_low             32.99 
_reflns.number_obs                   4241 
_reflns.pdbx_Rmerge_I_obs            0.058 
_reflns.pdbx_chi_squared             0.863 
_reflns.pdbx_redundancy              5.400 
_reflns.percent_possible_obs         99.000 
_reflns.limit_h_max                  20 
_reflns.limit_h_min                  1 
_reflns.limit_k_max                  20 
_reflns.limit_k_min                  1 
_reflns.limit_l_max                  23 
_reflns.limit_l_min                  0 
_reflns.number_all                   4240 
_reflns.observed_criterion_sigma_F   0.0 
_reflns.observed_criterion_F_max     376726.54 
_reflns.observed_criterion_F_min     0.550000 
_reflns.observed_criterion_sigma_I   ? 
_reflns.pdbx_Rsym_value              ? 
_reflns.B_iso_Wilson_estimate        ? 
_reflns.R_free_details               ? 
_reflns.pdbx_scaling_rejects         ? 
_reflns.pdbx_netI_over_sigmaI        ? 
_reflns.pdbx_diffrn_id               1 
_reflns.pdbx_ordinal                 1 
# 
loop_
_reflns_shell.d_res_high 
_reflns_shell.d_res_low 
_reflns_shell.number_measured_obs 
_reflns_shell.number_measured_all 
_reflns_shell.number_unique_obs 
_reflns_shell.Rmerge_I_obs 
_reflns_shell.meanI_over_sigI_obs 
_reflns_shell.pdbx_Rsym_value 
_reflns_shell.pdbx_chi_squared 
_reflns_shell.pdbx_redundancy 
_reflns_shell.percent_possible_obs 
_reflns_shell.number_unique_all 
_reflns_shell.percent_possible_all 
_reflns_shell.pdbx_diffrn_id 
_reflns_shell.pdbx_ordinal 
3.20 3.40  ? ? ? 0.546 ? ? 0.606 5.60 ? 698 99.40 ? 1 
3.40 3.66  ? ? ? 0.269 ? ? 0.704 5.50 ? 707 99.60 ? 2 
3.66 4.03  ? ? ? 0.107 ? ? 0.913 5.50 ? 714 99.70 ? 3 
4.03 4.61  ? ? ? 0.068 ? ? 0.937 5.50 ? 698 99.60 ? 4 
4.61 5.81  ? ? ? 0.059 ? ? 0.932 5.40 ? 710 99.60 ? 5 
5.81 35.00 ? ? ? 0.039 ? ? 1.120 4.90 ? 714 96.50 ? 6 
# 
_refine.entry_id                                 3FX0 
_refine.ls_number_reflns_all                     4239 
_refine.ls_number_reflns_obs                     4105 
_refine.ls_percent_reflns_obs                    96.800 
_refine.ls_d_res_high                            3.200 
_refine.ls_d_res_low                             35.000 
_refine.B_iso_min                                59.19 
_refine.B_iso_max                                200.00 
_refine.B_iso_mean                               150.224 
_refine.occupancy_min                            1.00 
_refine.occupancy_max                            1.00 
_refine.aniso_B[1][1]                            16.526 
_refine.aniso_B[2][2]                            16.526 
_refine.aniso_B[3][3]                            -33.052 
_refine.aniso_B[1][2]                            0.000 
_refine.aniso_B[1][3]                            0.000 
_refine.aniso_B[2][3]                            0.000 
_refine.solvent_model_param_bsol                 123.734 
_refine.solvent_model_param_ksol                 0.35 
_refine.solvent_model_details                    'CNS bulk solvent model used' 
_refine.ls_R_factor_R_work                       0.247 
_refine.ls_R_factor_R_free                       0.306 
_refine.ls_R_factor_R_free_error                 0.015 
_refine.ls_number_reflns_R_free                  431 
_refine.ls_percent_reflns_R_free                 10.200 
_refine.details                                  ? 
_refine.pdbx_ls_sigma_F                          0.00 
_refine.pdbx_method_to_determine_struct          SAD 
_refine.pdbx_ls_sigma_I                          ? 
_refine.ls_R_factor_all                          ? 
_refine.ls_R_factor_obs                          ? 
_refine.ls_redundancy_reflns_obs                 ? 
_refine.pdbx_data_cutoff_high_absF               ? 
_refine.pdbx_data_cutoff_low_absF                ? 
_refine.ls_number_parameters                     ? 
_refine.ls_number_restraints                     ? 
_refine.ls_R_factor_R_free_error_details         ? 
_refine.pdbx_starting_model                      ? 
_refine.pdbx_ls_cross_valid_method               THROUGHOUT 
_refine.pdbx_R_Free_selection_details            RANDOM 
_refine.pdbx_stereochem_target_val_spec_case     ? 
_refine.pdbx_stereochemistry_target_values       'Engh & Huber' 
_refine.pdbx_isotropic_thermal_model             ? 
_refine.correlation_coeff_Fo_to_Fc               ? 
_refine.correlation_coeff_Fo_to_Fc_free          ? 
_refine.pdbx_solvent_vdw_probe_radii             ? 
_refine.pdbx_solvent_ion_probe_radii             ? 
_refine.pdbx_solvent_shrinkage_radii             ? 
_refine.overall_SU_R_Cruickshank_DPI             ? 
_refine.overall_SU_R_free                        ? 
_refine.overall_SU_ML                            ? 
_refine.overall_SU_B                             ? 
_refine.pdbx_overall_ESU_R_Free                  ? 
_refine.pdbx_data_cutoff_high_rms_absF           ? 
_refine.pdbx_overall_ESU_R                       ? 
_refine.ls_wR_factor_R_free                      ? 
_refine.ls_wR_factor_R_work                      ? 
_refine.overall_FOM_free_R_set                   ? 
_refine.overall_FOM_work_R_set                   ? 
_refine.pdbx_overall_phase_error                 ? 
_refine.pdbx_refine_id                           'X-RAY DIFFRACTION' 
_refine.pdbx_diffrn_id                           1 
_refine.pdbx_TLS_residual_ADP_flag               ? 
_refine.pdbx_overall_SU_R_free_Cruickshank_DPI   ? 
_refine.pdbx_overall_SU_R_Blow_DPI               ? 
_refine.pdbx_overall_SU_R_free_Blow_DPI          ? 
# 
_refine_analyze.entry_id                        3FX0 
_refine_analyze.Luzzati_d_res_low_obs           5.00 
_refine_analyze.pdbx_Luzzati_d_res_high_obs     3.20 
_refine_analyze.Luzzati_coordinate_error_obs    0.45 
_refine_analyze.Luzzati_sigma_a_obs             0.76 
_refine_analyze.Luzzati_coordinate_error_free   0.69 
_refine_analyze.Luzzati_sigma_a_free            1.06 
_refine_analyze.Luzzati_d_res_low_free          ? 
_refine_analyze.number_disordered_residues      ? 
_refine_analyze.occupancy_sum_non_hydrogen      ? 
_refine_analyze.occupancy_sum_hydrogen          ? 
_refine_analyze.pdbx_refine_id                  'X-RAY DIFFRACTION' 
# 
_refine_hist.pdbx_refine_id                   'X-RAY DIFFRACTION' 
_refine_hist.cycle_id                         LAST 
_refine_hist.pdbx_number_atoms_protein        1088 
_refine_hist.pdbx_number_atoms_nucleic_acid   0 
_refine_hist.pdbx_number_atoms_ligand         0 
_refine_hist.number_atoms_solvent             0 
_refine_hist.number_atoms_total               1088 
_refine_hist.d_res_high                       3.200 
_refine_hist.d_res_low                        35.000 
# 
loop_
_refine_ls_restr.type 
_refine_ls_restr.dev_ideal 
_refine_ls_restr.dev_ideal_target 
_refine_ls_restr.number 
_refine_ls_restr.weight 
_refine_ls_restr.pdbx_refine_id 
_refine_ls_restr.pdbx_restraint_function 
x_bond_d           0.008 . ? ? 'X-RAY DIFFRACTION' ? 
x_angle_deg        1.4   . ? ? 'X-RAY DIFFRACTION' ? 
x_torsion_deg      23.0  . ? ? 'X-RAY DIFFRACTION' ? 
x_torsion_impr_deg 0.72  . ? ? 'X-RAY DIFFRACTION' ? 
# 
loop_
_refine_ls_shell.d_res_high 
_refine_ls_shell.d_res_low 
_refine_ls_shell.number_reflns_all 
_refine_ls_shell.number_reflns_obs 
_refine_ls_shell.number_reflns_R_work 
_refine_ls_shell.percent_reflns_obs 
_refine_ls_shell.R_factor_R_work 
_refine_ls_shell.R_factor_R_free 
_refine_ls_shell.R_factor_R_free_error 
_refine_ls_shell.number_reflns_R_free 
_refine_ls_shell.percent_reflns_R_free 
_refine_ls_shell.pdbx_total_number_of_bins_used 
_refine_ls_shell.redundancy_reflns_obs 
_refine_ls_shell.R_factor_all 
_refine_ls_shell.pdbx_refine_id 
3.20 3.35  523 466 419 89.1 0.413 0.425 0.062 47 10.1 . . . 'X-RAY DIFFRACTION' 
3.35 3.52  525 496 445 94.5 0.341 0.432 0.061 51 10.3 . . . 'X-RAY DIFFRACTION' 
3.52 3.74  528 514 455 97.3 0.302 0.360 0.047 59 11.5 . . . 'X-RAY DIFFRACTION' 
3.74 4.03  536 522 472 97.4 0.228 0.324 0.046 50 9.6  . . . 'X-RAY DIFFRACTION' 
4.03 4.44  521 518 452 99.4 0.239 0.342 0.042 66 12.7 . . . 'X-RAY DIFFRACTION' 
4.44 5.08  536 535 468 99.8 0.233 0.300 0.037 67 12.5 . . . 'X-RAY DIFFRACTION' 
5.08 6.39  532 530 480 99.6 0.269 0.314 0.044 50 9.4  . . . 'X-RAY DIFFRACTION' 
6.39 32.99 540 524 483 97.0 0.216 0.231 0.036 41 7.8  . . . 'X-RAY DIFFRACTION' 
# 
_pdbx_xplor_file.serial_no        1 
_pdbx_xplor_file.param_file       CNS_TOPPAR:protein_rep.param 
_pdbx_xplor_file.topol_file       ? 
_pdbx_xplor_file.pdbx_refine_id   'X-RAY DIFFRACTION' 
# 
_struct.entry_id                  3FX0 
_struct.title                     'Crystal structure of Human NEMO CC2_LZ domain' 
_struct.pdbx_model_details        ? 
_struct.pdbx_CASP_flag            ? 
_struct.pdbx_model_type_details   ? 
# 
_struct_keywords.entry_id        3FX0 
_struct_keywords.pdbx_keywords   'SIGNALING PROTEIN' 
_struct_keywords.text            
;Coiled-coil, Coiled coil, Cytoplasm, Disease mutation, Ectodermal dysplasia, Host-virus interaction, Metal-binding, Nucleus, Osteopetrosis, Phosphoprotein, Transcription, Transcription regulation, Ubl conjugation, Zinc, Zinc-finger, SIGNALING PROTEIN
;
# 
loop_
_struct_asym.id 
_struct_asym.pdbx_blank_PDB_chainid_flag 
_struct_asym.pdbx_modified 
_struct_asym.entity_id 
_struct_asym.details 
A N N 1 ? 
B N N 1 ? 
# 
_struct_ref.id                         1 
_struct_ref.db_name                    UNP 
_struct_ref.db_code                    NEMO_HUMAN 
_struct_ref.pdbx_db_accession          Q9Y6K9 
_struct_ref.entity_id                  1 
_struct_ref.pdbx_seq_one_letter_code   
;KSSVVGSERKRGMQLEDLKQQLQQAEEALVAKQEVIDKLKEEAEQHKIVMETVPVLKAQADIYKADFQAERQAREKLAEK
KELLQEQLEQLQ
;
_struct_ref.pdbx_align_begin           246 
_struct_ref.pdbx_db_isoform            ? 
# 
loop_
_struct_ref_seq.align_id 
_struct_ref_seq.ref_id 
_struct_ref_seq.pdbx_PDB_id_code 
_struct_ref_seq.pdbx_strand_id 
_struct_ref_seq.seq_align_beg 
_struct_ref_seq.pdbx_seq_align_beg_ins_code 
_struct_ref_seq.seq_align_end 
_struct_ref_seq.pdbx_seq_align_end_ins_code 
_struct_ref_seq.pdbx_db_accession 
_struct_ref_seq.db_align_beg 
_struct_ref_seq.pdbx_db_align_beg_ins_code 
_struct_ref_seq.db_align_end 
_struct_ref_seq.pdbx_db_align_end_ins_code 
_struct_ref_seq.pdbx_auth_seq_align_beg 
_struct_ref_seq.pdbx_auth_seq_align_end 
1 1 3FX0 A 5 ? 96 ? Q9Y6K9 246 ? 337 ? 246  337  
2 1 3FX0 B 5 ? 96 ? Q9Y6K9 246 ? 337 ? 1246 1337 
# 
loop_
_struct_ref_seq_dif.align_id 
_struct_ref_seq_dif.pdbx_pdb_id_code 
_struct_ref_seq_dif.mon_id 
_struct_ref_seq_dif.pdbx_pdb_strand_id 
_struct_ref_seq_dif.seq_num 
_struct_ref_seq_dif.pdbx_pdb_ins_code 
_struct_ref_seq_dif.pdbx_seq_db_name 
_struct_ref_seq_dif.pdbx_seq_db_accession_code 
_struct_ref_seq_dif.db_mon_id 
_struct_ref_seq_dif.pdbx_seq_db_seq_num 
_struct_ref_seq_dif.details 
_struct_ref_seq_dif.pdbx_auth_seq_num 
_struct_ref_seq_dif.pdbx_ordinal 
1 3FX0 GLY A 1 ? UNP Q9Y6K9 ? ? 'expression tag' 242  1 
1 3FX0 SER A 2 ? UNP Q9Y6K9 ? ? 'expression tag' 243  2 
1 3FX0 HIS A 3 ? UNP Q9Y6K9 ? ? 'expression tag' 244  3 
1 3FX0 MET A 4 ? UNP Q9Y6K9 ? ? 'expression tag' 245  4 
2 3FX0 GLY B 1 ? UNP Q9Y6K9 ? ? 'expression tag' 1242 5 
2 3FX0 SER B 2 ? UNP Q9Y6K9 ? ? 'expression tag' 1243 6 
2 3FX0 HIS B 3 ? UNP Q9Y6K9 ? ? 'expression tag' 1244 7 
2 3FX0 MET B 4 ? UNP Q9Y6K9 ? ? 'expression tag' 1245 8 
# 
_pdbx_struct_assembly.id                   1 
_pdbx_struct_assembly.details              software_defined_assembly 
_pdbx_struct_assembly.method_details       PISA 
_pdbx_struct_assembly.oligomeric_details   dimeric 
_pdbx_struct_assembly.oligomeric_count     2 
# 
loop_
_pdbx_struct_assembly_prop.biol_id 
_pdbx_struct_assembly_prop.type 
_pdbx_struct_assembly_prop.value 
_pdbx_struct_assembly_prop.details 
1 'ABSA (A^2)' 3370  ? 
1 MORE         -37   ? 
1 'SSA (A^2)'  10090 ? 
# 
_pdbx_struct_assembly_gen.assembly_id       1 
_pdbx_struct_assembly_gen.oper_expression   1 
_pdbx_struct_assembly_gen.asym_id_list      A,B 
# 
_pdbx_struct_oper_list.id                   1 
_pdbx_struct_oper_list.type                 'identity operation' 
_pdbx_struct_oper_list.name                 1_555 
_pdbx_struct_oper_list.symmetry_operation   x,y,z 
_pdbx_struct_oper_list.matrix[1][1]         1.0000000000 
_pdbx_struct_oper_list.matrix[1][2]         0.0000000000 
_pdbx_struct_oper_list.matrix[1][3]         0.0000000000 
_pdbx_struct_oper_list.vector[1]            0.0000000000 
_pdbx_struct_oper_list.matrix[2][1]         0.0000000000 
_pdbx_struct_oper_list.matrix[2][2]         1.0000000000 
_pdbx_struct_oper_list.matrix[2][3]         0.0000000000 
_pdbx_struct_oper_list.vector[2]            0.0000000000 
_pdbx_struct_oper_list.matrix[3][1]         0.0000000000 
_pdbx_struct_oper_list.matrix[3][2]         0.0000000000 
_pdbx_struct_oper_list.matrix[3][3]         1.0000000000 
_pdbx_struct_oper_list.vector[3]            0.0000000000 
# 
_struct_biol.id        1 
_struct_biol.details   ? 
# 
loop_
_struct_conf.conf_type_id 
_struct_conf.id 
_struct_conf.pdbx_PDB_helix_id 
_struct_conf.beg_label_comp_id 
_struct_conf.beg_label_asym_id 
_struct_conf.beg_label_seq_id 
_struct_conf.pdbx_beg_PDB_ins_code 
_struct_conf.end_label_comp_id 
_struct_conf.end_label_asym_id 
_struct_conf.end_label_seq_id 
_struct_conf.pdbx_end_PDB_ins_code 
_struct_conf.beg_auth_comp_id 
_struct_conf.beg_auth_asym_id 
_struct_conf.beg_auth_seq_id 
_struct_conf.end_auth_comp_id 
_struct_conf.end_auth_asym_id 
_struct_conf.end_auth_seq_id 
_struct_conf.pdbx_PDB_helix_class 
_struct_conf.details 
_struct_conf.pdbx_PDB_helix_length 
HELX_P HELX_P1 1 GLU A 38 ? LEU A 81 ? GLU A 279  LEU A 322  1 ? 44 
HELX_P HELX_P2 2 GLN B 28 ? LEU B 33 ? GLN B 1269 LEU B 1274 1 ? 6  
HELX_P HELX_P3 3 ASP B 41 ? GLU B 46 ? ASP B 1282 GLU B 1287 1 ? 6  
HELX_P HELX_P4 4 ALA B 47 ? MET B 54 ? ALA B 1288 MET B 1295 1 ? 8  
HELX_P HELX_P5 5 THR B 56 ? GLN B 76 ? THR B 1297 GLN B 1317 1 ? 21 
HELX_P HELX_P6 6 ALA B 82 ? LEU B 87 ? ALA B 1323 LEU B 1328 1 ? 6  
# 
_struct_conf_type.id          HELX_P 
_struct_conf_type.criteria    ? 
_struct_conf_type.reference   ? 
# 
loop_
_pdbx_validate_torsion.id 
_pdbx_validate_torsion.PDB_model_num 
_pdbx_validate_torsion.auth_comp_id 
_pdbx_validate_torsion.auth_asym_id 
_pdbx_validate_torsion.auth_seq_id 
_pdbx_validate_torsion.PDB_ins_code 
_pdbx_validate_torsion.label_alt_id 
_pdbx_validate_torsion.phi 
_pdbx_validate_torsion.psi 
1 1 GLU A 271  ? ? -64.75  2.25   
2 1 VAL A 275  ? ? -145.45 -20.17 
3 1 LEU A 284  ? ? -68.35  6.77   
4 1 HIS A 291  ? ? -54.39  -5.21  
5 1 LYS A 325  ? ? -104.95 49.49  
6 1 GLN B 1266 ? ? -133.01 -39.19 
7 1 ARG B 1319 ? ? -142.81 -20.73 
8 1 LYS B 1325 ? ? -95.18  39.40  
9 1 LYS B 1326 ? ? -153.44 -43.35 
# 
_diffrn_reflns.diffrn_id                   1 
_diffrn_reflns.pdbx_d_res_high             3.300 
_diffrn_reflns.pdbx_d_res_low              50.000 
_diffrn_reflns.pdbx_number_obs             7530 
_diffrn_reflns.pdbx_Rmerge_I_obs           0.063 
_diffrn_reflns.pdbx_Rsym_value             ? 
_diffrn_reflns.pdbx_chi_squared            1.00 
_diffrn_reflns.av_sigmaI_over_netI         24.54 
_diffrn_reflns.pdbx_redundancy             9.60 
_diffrn_reflns.pdbx_percent_possible_obs   99.30 
_diffrn_reflns.number                      72528 
_diffrn_reflns.pdbx_observed_criterion     ? 
_diffrn_reflns.limit_h_max                 ? 
_diffrn_reflns.limit_h_min                 ? 
_diffrn_reflns.limit_k_max                 ? 
_diffrn_reflns.limit_k_min                 ? 
_diffrn_reflns.limit_l_max                 ? 
_diffrn_reflns.limit_l_min                 ? 
# 
loop_
_pdbx_diffrn_reflns_shell.diffrn_id 
_pdbx_diffrn_reflns_shell.d_res_high 
_pdbx_diffrn_reflns_shell.d_res_low 
_pdbx_diffrn_reflns_shell.number_obs 
_pdbx_diffrn_reflns_shell.rejects 
_pdbx_diffrn_reflns_shell.Rmerge_I_obs 
_pdbx_diffrn_reflns_shell.Rsym_value 
_pdbx_diffrn_reflns_shell.chi_squared 
_pdbx_diffrn_reflns_shell.redundancy 
_pdbx_diffrn_reflns_shell.percent_possible_obs 
1 7.10 50.00 ? ? 0.039 ? 0.890 8.90 96.60 
1 5.64 7.10  ? ? 0.062 ? 1.125 9.40 99.50 
1 4.93 5.64  ? ? 0.068 ? 1.112 9.50 99.70 
1 4.48 4.93  ? ? 0.066 ? 0.983 9.70 99.60 
1 4.16 4.48  ? ? 0.086 ? 0.965 9.80 99.70 
1 3.91 4.16  ? ? 0.099 ? 0.917 9.80 99.70 
1 3.72 3.91  ? ? 0.154 ? 1.009 9.80 99.60 
1 3.55 3.72  ? ? 0.264 ? 1.073 9.80 99.60 
1 3.42 3.55  ? ? 0.449 ? 0.968 9.80 99.60 
1 3.30 3.42  ? ? 0.600 ? 0.979 9.80 99.60 
# 
loop_
_pdbx_phasing_MAD_set_site.id 
_pdbx_phasing_MAD_set_site.atom_type_symbol 
_pdbx_phasing_MAD_set_site.Cartn_x 
_pdbx_phasing_MAD_set_site.Cartn_y 
_pdbx_phasing_MAD_set_site.Cartn_z 
_pdbx_phasing_MAD_set_site.occupancy 
_pdbx_phasing_MAD_set_site.b_iso 
1 S 2.742   -3.347  5.512   1.000 20.00 
2 S 7.328   -4.966  2.449   0.769 20.00 
3 S -18.923 -17.301 -12.344 0.518 20.00 
4 S -19.030 -17.863 -7.513  0.487 20.00 
5 S 20.377  -4.902  18.686  0.386 20.00 
6 S -17.210 -0.622  -4.489  0.367 20.00 
7 S -1.735  -13.929 13.692  0.304 20.00 
8 S -10.028 -18.091 -19.473 0.296 20.00 
# 
_phasing.method   SAD 
# 
loop_
_pdbx_unobs_or_zero_occ_residues.id 
_pdbx_unobs_or_zero_occ_residues.PDB_model_num 
_pdbx_unobs_or_zero_occ_residues.polymer_flag 
_pdbx_unobs_or_zero_occ_residues.occupancy_flag 
_pdbx_unobs_or_zero_occ_residues.auth_asym_id 
_pdbx_unobs_or_zero_occ_residues.auth_comp_id 
_pdbx_unobs_or_zero_occ_residues.auth_seq_id 
_pdbx_unobs_or_zero_occ_residues.PDB_ins_code 
_pdbx_unobs_or_zero_occ_residues.label_asym_id 
_pdbx_unobs_or_zero_occ_residues.label_comp_id 
_pdbx_unobs_or_zero_occ_residues.label_seq_id 
1  1 Y 1 A GLY 242  ? A GLY 1  
2  1 Y 1 A SER 243  ? A SER 2  
3  1 Y 1 A HIS 244  ? A HIS 3  
4  1 Y 1 A MET 245  ? A MET 4  
5  1 Y 1 A LYS 246  ? A LYS 5  
6  1 Y 1 A SER 247  ? A SER 6  
7  1 Y 1 A SER 248  ? A SER 7  
8  1 Y 1 A VAL 249  ? A VAL 8  
9  1 Y 1 A VAL 250  ? A VAL 9  
10 1 Y 1 A GLY 251  ? A GLY 10 
11 1 Y 1 A SER 252  ? A SER 11 
12 1 Y 1 A GLU 253  ? A GLU 12 
13 1 Y 1 A ARG 254  ? A ARG 13 
14 1 Y 1 A LYS 255  ? A LYS 14 
15 1 Y 1 A ARG 256  ? A ARG 15 
16 1 Y 1 A GLY 257  ? A GLY 16 
17 1 Y 1 A MET 258  ? A MET 17 
18 1 Y 1 A GLN 259  ? A GLN 18 
19 1 Y 1 A LEU 260  ? A LEU 19 
20 1 Y 1 A GLU 261  ? A GLU 20 
21 1 Y 1 A ASP 262  ? A ASP 21 
22 1 Y 1 A LEU 263  ? A LEU 22 
23 1 Y 1 A LYS 264  ? A LYS 23 
24 1 Y 1 A GLN 265  ? A GLN 24 
25 1 Y 1 A GLN 266  ? A GLN 25 
26 1 Y 1 A GLN 330  ? A GLN 89 
27 1 Y 1 A GLU 331  ? A GLU 90 
28 1 Y 1 A GLN 332  ? A GLN 91 
29 1 Y 1 A LEU 333  ? A LEU 92 
30 1 Y 1 A GLU 334  ? A GLU 93 
31 1 Y 1 A GLN 335  ? A GLN 94 
32 1 Y 1 A LEU 336  ? A LEU 95 
33 1 Y 1 A GLN 337  ? A GLN 96 
34 1 Y 1 B GLY 1242 ? B GLY 1  
35 1 Y 1 B SER 1243 ? B SER 2  
36 1 Y 1 B HIS 1244 ? B HIS 3  
37 1 Y 1 B MET 1245 ? B MET 4  
38 1 Y 1 B LYS 1246 ? B LYS 5  
39 1 Y 1 B SER 1247 ? B SER 6  
40 1 Y 1 B SER 1248 ? B SER 7  
41 1 Y 1 B VAL 1249 ? B VAL 8  
42 1 Y 1 B VAL 1250 ? B VAL 9  
43 1 Y 1 B GLY 1251 ? B GLY 10 
44 1 Y 1 B SER 1252 ? B SER 11 
45 1 Y 1 B GLU 1253 ? B GLU 12 
46 1 Y 1 B ARG 1254 ? B ARG 13 
47 1 Y 1 B LYS 1255 ? B LYS 14 
48 1 Y 1 B ARG 1256 ? B ARG 15 
49 1 Y 1 B GLY 1257 ? B GLY 16 
50 1 Y 1 B MET 1258 ? B MET 17 
51 1 Y 1 B GLN 1259 ? B GLN 18 
52 1 Y 1 B LEU 1260 ? B LEU 19 
53 1 Y 1 B GLU 1261 ? B GLU 20 
54 1 Y 1 B ASP 1262 ? B ASP 21 
55 1 Y 1 B GLU 1334 ? B GLU 93 
56 1 Y 1 B GLN 1335 ? B GLN 94 
57 1 Y 1 B LEU 1336 ? B LEU 95 
58 1 Y 1 B GLN 1337 ? B GLN 96 
# 
loop_
_chem_comp_atom.comp_id 
_chem_comp_atom.atom_id 
_chem_comp_atom.type_symbol 
_chem_comp_atom.pdbx_aromatic_flag 
_chem_comp_atom.pdbx_stereo_config 
_chem_comp_atom.pdbx_ordinal 
ALA N    N N N 1   
ALA CA   C N S 2   
ALA C    C N N 3   
ALA O    O N N 4   
ALA CB   C N N 5   
ALA OXT  O N N 6   
ALA H    H N N 7   
ALA H2   H N N 8   
ALA HA   H N N 9   
ALA HB1  H N N 10  
ALA HB2  H N N 11  
ALA HB3  H N N 12  
ALA HXT  H N N 13  
ARG N    N N N 14  
ARG CA   C N S 15  
ARG C    C N N 16  
ARG O    O N N 17  
ARG CB   C N N 18  
ARG CG   C N N 19  
ARG CD   C N N 20  
ARG NE   N N N 21  
ARG CZ   C N N 22  
ARG NH1  N N N 23  
ARG NH2  N N N 24  
ARG OXT  O N N 25  
ARG H    H N N 26  
ARG H2   H N N 27  
ARG HA   H N N 28  
ARG HB2  H N N 29  
ARG HB3  H N N 30  
ARG HG2  H N N 31  
ARG HG3  H N N 32  
ARG HD2  H N N 33  
ARG HD3  H N N 34  
ARG HE   H N N 35  
ARG HH11 H N N 36  
ARG HH12 H N N 37  
ARG HH21 H N N 38  
ARG HH22 H N N 39  
ARG HXT  H N N 40  
ASP N    N N N 41  
ASP CA   C N S 42  
ASP C    C N N 43  
ASP O    O N N 44  
ASP CB   C N N 45  
ASP CG   C N N 46  
ASP OD1  O N N 47  
ASP OD2  O N N 48  
ASP OXT  O N N 49  
ASP H    H N N 50  
ASP H2   H N N 51  
ASP HA   H N N 52  
ASP HB2  H N N 53  
ASP HB3  H N N 54  
ASP HD2  H N N 55  
ASP HXT  H N N 56  
GLN N    N N N 57  
GLN CA   C N S 58  
GLN C    C N N 59  
GLN O    O N N 60  
GLN CB   C N N 61  
GLN CG   C N N 62  
GLN CD   C N N 63  
GLN OE1  O N N 64  
GLN NE2  N N N 65  
GLN OXT  O N N 66  
GLN H    H N N 67  
GLN H2   H N N 68  
GLN HA   H N N 69  
GLN HB2  H N N 70  
GLN HB3  H N N 71  
GLN HG2  H N N 72  
GLN HG3  H N N 73  
GLN HE21 H N N 74  
GLN HE22 H N N 75  
GLN HXT  H N N 76  
GLU N    N N N 77  
GLU CA   C N S 78  
GLU C    C N N 79  
GLU O    O N N 80  
GLU CB   C N N 81  
GLU CG   C N N 82  
GLU CD   C N N 83  
GLU OE1  O N N 84  
GLU OE2  O N N 85  
GLU OXT  O N N 86  
GLU H    H N N 87  
GLU H2   H N N 88  
GLU HA   H N N 89  
GLU HB2  H N N 90  
GLU HB3  H N N 91  
GLU HG2  H N N 92  
GLU HG3  H N N 93  
GLU HE2  H N N 94  
GLU HXT  H N N 95  
GLY N    N N N 96  
GLY CA   C N N 97  
GLY C    C N N 98  
GLY O    O N N 99  
GLY OXT  O N N 100 
GLY H    H N N 101 
GLY H2   H N N 102 
GLY HA2  H N N 103 
GLY HA3  H N N 104 
GLY HXT  H N N 105 
HIS N    N N N 106 
HIS CA   C N S 107 
HIS C    C N N 108 
HIS O    O N N 109 
HIS CB   C N N 110 
HIS CG   C Y N 111 
HIS ND1  N Y N 112 
HIS CD2  C Y N 113 
HIS CE1  C Y N 114 
HIS NE2  N Y N 115 
HIS OXT  O N N 116 
HIS H    H N N 117 
HIS H2   H N N 118 
HIS HA   H N N 119 
HIS HB2  H N N 120 
HIS HB3  H N N 121 
HIS HD1  H N N 122 
HIS HD2  H N N 123 
HIS HE1  H N N 124 
HIS HE2  H N N 125 
HIS HXT  H N N 126 
ILE N    N N N 127 
ILE CA   C N S 128 
ILE C    C N N 129 
ILE O    O N N 130 
ILE CB   C N S 131 
ILE CG1  C N N 132 
ILE CG2  C N N 133 
ILE CD1  C N N 134 
ILE OXT  O N N 135 
ILE H    H N N 136 
ILE H2   H N N 137 
ILE HA   H N N 138 
ILE HB   H N N 139 
ILE HG12 H N N 140 
ILE HG13 H N N 141 
ILE HG21 H N N 142 
ILE HG22 H N N 143 
ILE HG23 H N N 144 
ILE HD11 H N N 145 
ILE HD12 H N N 146 
ILE HD13 H N N 147 
ILE HXT  H N N 148 
LEU N    N N N 149 
LEU CA   C N S 150 
LEU C    C N N 151 
LEU O    O N N 152 
LEU CB   C N N 153 
LEU CG   C N N 154 
LEU CD1  C N N 155 
LEU CD2  C N N 156 
LEU OXT  O N N 157 
LEU H    H N N 158 
LEU H2   H N N 159 
LEU HA   H N N 160 
LEU HB2  H N N 161 
LEU HB3  H N N 162 
LEU HG   H N N 163 
LEU HD11 H N N 164 
LEU HD12 H N N 165 
LEU HD13 H N N 166 
LEU HD21 H N N 167 
LEU HD22 H N N 168 
LEU HD23 H N N 169 
LEU HXT  H N N 170 
LYS N    N N N 171 
LYS CA   C N S 172 
LYS C    C N N 173 
LYS O    O N N 174 
LYS CB   C N N 175 
LYS CG   C N N 176 
LYS CD   C N N 177 
LYS CE   C N N 178 
LYS NZ   N N N 179 
LYS OXT  O N N 180 
LYS H    H N N 181 
LYS H2   H N N 182 
LYS HA   H N N 183 
LYS HB2  H N N 184 
LYS HB3  H N N 185 
LYS HG2  H N N 186 
LYS HG3  H N N 187 
LYS HD2  H N N 188 
LYS HD3  H N N 189 
LYS HE2  H N N 190 
LYS HE3  H N N 191 
LYS HZ1  H N N 192 
LYS HZ2  H N N 193 
LYS HZ3  H N N 194 
LYS HXT  H N N 195 
MET N    N N N 196 
MET CA   C N S 197 
MET C    C N N 198 
MET O    O N N 199 
MET CB   C N N 200 
MET CG   C N N 201 
MET SD   S N N 202 
MET CE   C N N 203 
MET OXT  O N N 204 
MET H    H N N 205 
MET H2   H N N 206 
MET HA   H N N 207 
MET HB2  H N N 208 
MET HB3  H N N 209 
MET HG2  H N N 210 
MET HG3  H N N 211 
MET HE1  H N N 212 
MET HE2  H N N 213 
MET HE3  H N N 214 
MET HXT  H N N 215 
PHE N    N N N 216 
PHE CA   C N S 217 
PHE C    C N N 218 
PHE O    O N N 219 
PHE CB   C N N 220 
PHE CG   C Y N 221 
PHE CD1  C Y N 222 
PHE CD2  C Y N 223 
PHE CE1  C Y N 224 
PHE CE2  C Y N 225 
PHE CZ   C Y N 226 
PHE OXT  O N N 227 
PHE H    H N N 228 
PHE H2   H N N 229 
PHE HA   H N N 230 
PHE HB2  H N N 231 
PHE HB3  H N N 232 
PHE HD1  H N N 233 
PHE HD2  H N N 234 
PHE HE1  H N N 235 
PHE HE2  H N N 236 
PHE HZ   H N N 237 
PHE HXT  H N N 238 
PRO N    N N N 239 
PRO CA   C N S 240 
PRO C    C N N 241 
PRO O    O N N 242 
PRO CB   C N N 243 
PRO CG   C N N 244 
PRO CD   C N N 245 
PRO OXT  O N N 246 
PRO H    H N N 247 
PRO HA   H N N 248 
PRO HB2  H N N 249 
PRO HB3  H N N 250 
PRO HG2  H N N 251 
PRO HG3  H N N 252 
PRO HD2  H N N 253 
PRO HD3  H N N 254 
PRO HXT  H N N 255 
SER N    N N N 256 
SER CA   C N S 257 
SER C    C N N 258 
SER O    O N N 259 
SER CB   C N N 260 
SER OG   O N N 261 
SER OXT  O N N 262 
SER H    H N N 263 
SER H2   H N N 264 
SER HA   H N N 265 
SER HB2  H N N 266 
SER HB3  H N N 267 
SER HG   H N N 268 
SER HXT  H N N 269 
THR N    N N N 270 
THR CA   C N S 271 
THR C    C N N 272 
THR O    O N N 273 
THR CB   C N R 274 
THR OG1  O N N 275 
THR CG2  C N N 276 
THR OXT  O N N 277 
THR H    H N N 278 
THR H2   H N N 279 
THR HA   H N N 280 
THR HB   H N N 281 
THR HG1  H N N 282 
THR HG21 H N N 283 
THR HG22 H N N 284 
THR HG23 H N N 285 
THR HXT  H N N 286 
TYR N    N N N 287 
TYR CA   C N S 288 
TYR C    C N N 289 
TYR O    O N N 290 
TYR CB   C N N 291 
TYR CG   C Y N 292 
TYR CD1  C Y N 293 
TYR CD2  C Y N 294 
TYR CE1  C Y N 295 
TYR CE2  C Y N 296 
TYR CZ   C Y N 297 
TYR OH   O N N 298 
TYR OXT  O N N 299 
TYR H    H N N 300 
TYR H2   H N N 301 
TYR HA   H N N 302 
TYR HB2  H N N 303 
TYR HB3  H N N 304 
TYR HD1  H N N 305 
TYR HD2  H N N 306 
TYR HE1  H N N 307 
TYR HE2  H N N 308 
TYR HH   H N N 309 
TYR HXT  H N N 310 
VAL N    N N N 311 
VAL CA   C N S 312 
VAL C    C N N 313 
VAL O    O N N 314 
VAL CB   C N N 315 
VAL CG1  C N N 316 
VAL CG2  C N N 317 
VAL OXT  O N N 318 
VAL H    H N N 319 
VAL H2   H N N 320 
VAL HA   H N N 321 
VAL HB   H N N 322 
VAL HG11 H N N 323 
VAL HG12 H N N 324 
VAL HG13 H N N 325 
VAL HG21 H N N 326 
VAL HG22 H N N 327 
VAL HG23 H N N 328 
VAL HXT  H N N 329 
# 
loop_
_chem_comp_bond.comp_id 
_chem_comp_bond.atom_id_1 
_chem_comp_bond.atom_id_2 
_chem_comp_bond.value_order 
_chem_comp_bond.pdbx_aromatic_flag 
_chem_comp_bond.pdbx_stereo_config 
_chem_comp_bond.pdbx_ordinal 
ALA N   CA   sing N N 1   
ALA N   H    sing N N 2   
ALA N   H2   sing N N 3   
ALA CA  C    sing N N 4   
ALA CA  CB   sing N N 5   
ALA CA  HA   sing N N 6   
ALA C   O    doub N N 7   
ALA C   OXT  sing N N 8   
ALA CB  HB1  sing N N 9   
ALA CB  HB2  sing N N 10  
ALA CB  HB3  sing N N 11  
ALA OXT HXT  sing N N 12  
ARG N   CA   sing N N 13  
ARG N   H    sing N N 14  
ARG N   H2   sing N N 15  
ARG CA  C    sing N N 16  
ARG CA  CB   sing N N 17  
ARG CA  HA   sing N N 18  
ARG C   O    doub N N 19  
ARG C   OXT  sing N N 20  
ARG CB  CG   sing N N 21  
ARG CB  HB2  sing N N 22  
ARG CB  HB3  sing N N 23  
ARG CG  CD   sing N N 24  
ARG CG  HG2  sing N N 25  
ARG CG  HG3  sing N N 26  
ARG CD  NE   sing N N 27  
ARG CD  HD2  sing N N 28  
ARG CD  HD3  sing N N 29  
ARG NE  CZ   sing N N 30  
ARG NE  HE   sing N N 31  
ARG CZ  NH1  sing N N 32  
ARG CZ  NH2  doub N N 33  
ARG NH1 HH11 sing N N 34  
ARG NH1 HH12 sing N N 35  
ARG NH2 HH21 sing N N 36  
ARG NH2 HH22 sing N N 37  
ARG OXT HXT  sing N N 38  
ASP N   CA   sing N N 39  
ASP N   H    sing N N 40  
ASP N   H2   sing N N 41  
ASP CA  C    sing N N 42  
ASP CA  CB   sing N N 43  
ASP CA  HA   sing N N 44  
ASP C   O    doub N N 45  
ASP C   OXT  sing N N 46  
ASP CB  CG   sing N N 47  
ASP CB  HB2  sing N N 48  
ASP CB  HB3  sing N N 49  
ASP CG  OD1  doub N N 50  
ASP CG  OD2  sing N N 51  
ASP OD2 HD2  sing N N 52  
ASP OXT HXT  sing N N 53  
GLN N   CA   sing N N 54  
GLN N   H    sing N N 55  
GLN N   H2   sing N N 56  
GLN CA  C    sing N N 57  
GLN CA  CB   sing N N 58  
GLN CA  HA   sing N N 59  
GLN C   O    doub N N 60  
GLN C   OXT  sing N N 61  
GLN CB  CG   sing N N 62  
GLN CB  HB2  sing N N 63  
GLN CB  HB3  sing N N 64  
GLN CG  CD   sing N N 65  
GLN CG  HG2  sing N N 66  
GLN CG  HG3  sing N N 67  
GLN CD  OE1  doub N N 68  
GLN CD  NE2  sing N N 69  
GLN NE2 HE21 sing N N 70  
GLN NE2 HE22 sing N N 71  
GLN OXT HXT  sing N N 72  
GLU N   CA   sing N N 73  
GLU N   H    sing N N 74  
GLU N   H2   sing N N 75  
GLU CA  C    sing N N 76  
GLU CA  CB   sing N N 77  
GLU CA  HA   sing N N 78  
GLU C   O    doub N N 79  
GLU C   OXT  sing N N 80  
GLU CB  CG   sing N N 81  
GLU CB  HB2  sing N N 82  
GLU CB  HB3  sing N N 83  
GLU CG  CD   sing N N 84  
GLU CG  HG2  sing N N 85  
GLU CG  HG3  sing N N 86  
GLU CD  OE1  doub N N 87  
GLU CD  OE2  sing N N 88  
GLU OE2 HE2  sing N N 89  
GLU OXT HXT  sing N N 90  
GLY N   CA   sing N N 91  
GLY N   H    sing N N 92  
GLY N   H2   sing N N 93  
GLY CA  C    sing N N 94  
GLY CA  HA2  sing N N 95  
GLY CA  HA3  sing N N 96  
GLY C   O    doub N N 97  
GLY C   OXT  sing N N 98  
GLY OXT HXT  sing N N 99  
HIS N   CA   sing N N 100 
HIS N   H    sing N N 101 
HIS N   H2   sing N N 102 
HIS CA  C    sing N N 103 
HIS CA  CB   sing N N 104 
HIS CA  HA   sing N N 105 
HIS C   O    doub N N 106 
HIS C   OXT  sing N N 107 
HIS CB  CG   sing N N 108 
HIS CB  HB2  sing N N 109 
HIS CB  HB3  sing N N 110 
HIS CG  ND1  sing Y N 111 
HIS CG  CD2  doub Y N 112 
HIS ND1 CE1  doub Y N 113 
HIS ND1 HD1  sing N N 114 
HIS CD2 NE2  sing Y N 115 
HIS CD2 HD2  sing N N 116 
HIS CE1 NE2  sing Y N 117 
HIS CE1 HE1  sing N N 118 
HIS NE2 HE2  sing N N 119 
HIS OXT HXT  sing N N 120 
ILE N   CA   sing N N 121 
ILE N   H    sing N N 122 
ILE N   H2   sing N N 123 
ILE CA  C    sing N N 124 
ILE CA  CB   sing N N 125 
ILE CA  HA   sing N N 126 
ILE C   O    doub N N 127 
ILE C   OXT  sing N N 128 
ILE CB  CG1  sing N N 129 
ILE CB  CG2  sing N N 130 
ILE CB  HB   sing N N 131 
ILE CG1 CD1  sing N N 132 
ILE CG1 HG12 sing N N 133 
ILE CG1 HG13 sing N N 134 
ILE CG2 HG21 sing N N 135 
ILE CG2 HG22 sing N N 136 
ILE CG2 HG23 sing N N 137 
ILE CD1 HD11 sing N N 138 
ILE CD1 HD12 sing N N 139 
ILE CD1 HD13 sing N N 140 
ILE OXT HXT  sing N N 141 
LEU N   CA   sing N N 142 
LEU N   H    sing N N 143 
LEU N   H2   sing N N 144 
LEU CA  C    sing N N 145 
LEU CA  CB   sing N N 146 
LEU CA  HA   sing N N 147 
LEU C   O    doub N N 148 
LEU C   OXT  sing N N 149 
LEU CB  CG   sing N N 150 
LEU CB  HB2  sing N N 151 
LEU CB  HB3  sing N N 152 
LEU CG  CD1  sing N N 153 
LEU CG  CD2  sing N N 154 
LEU CG  HG   sing N N 155 
LEU CD1 HD11 sing N N 156 
LEU CD1 HD12 sing N N 157 
LEU CD1 HD13 sing N N 158 
LEU CD2 HD21 sing N N 159 
LEU CD2 HD22 sing N N 160 
LEU CD2 HD23 sing N N 161 
LEU OXT HXT  sing N N 162 
LYS N   CA   sing N N 163 
LYS N   H    sing N N 164 
LYS N   H2   sing N N 165 
LYS CA  C    sing N N 166 
LYS CA  CB   sing N N 167 
LYS CA  HA   sing N N 168 
LYS C   O    doub N N 169 
LYS C   OXT  sing N N 170 
LYS CB  CG   sing N N 171 
LYS CB  HB2  sing N N 172 
LYS CB  HB3  sing N N 173 
LYS CG  CD   sing N N 174 
LYS CG  HG2  sing N N 175 
LYS CG  HG3  sing N N 176 
LYS CD  CE   sing N N 177 
LYS CD  HD2  sing N N 178 
LYS CD  HD3  sing N N 179 
LYS CE  NZ   sing N N 180 
LYS CE  HE2  sing N N 181 
LYS CE  HE3  sing N N 182 
LYS NZ  HZ1  sing N N 183 
LYS NZ  HZ2  sing N N 184 
LYS NZ  HZ3  sing N N 185 
LYS OXT HXT  sing N N 186 
MET N   CA   sing N N 187 
MET N   H    sing N N 188 
MET N   H2   sing N N 189 
MET CA  C    sing N N 190 
MET CA  CB   sing N N 191 
MET CA  HA   sing N N 192 
MET C   O    doub N N 193 
MET C   OXT  sing N N 194 
MET CB  CG   sing N N 195 
MET CB  HB2  sing N N 196 
MET CB  HB3  sing N N 197 
MET CG  SD   sing N N 198 
MET CG  HG2  sing N N 199 
MET CG  HG3  sing N N 200 
MET SD  CE   sing N N 201 
MET CE  HE1  sing N N 202 
MET CE  HE2  sing N N 203 
MET CE  HE3  sing N N 204 
MET OXT HXT  sing N N 205 
PHE N   CA   sing N N 206 
PHE N   H    sing N N 207 
PHE N   H2   sing N N 208 
PHE CA  C    sing N N 209 
PHE CA  CB   sing N N 210 
PHE CA  HA   sing N N 211 
PHE C   O    doub N N 212 
PHE C   OXT  sing N N 213 
PHE CB  CG   sing N N 214 
PHE CB  HB2  sing N N 215 
PHE CB  HB3  sing N N 216 
PHE CG  CD1  doub Y N 217 
PHE CG  CD2  sing Y N 218 
PHE CD1 CE1  sing Y N 219 
PHE CD1 HD1  sing N N 220 
PHE CD2 CE2  doub Y N 221 
PHE CD2 HD2  sing N N 222 
PHE CE1 CZ   doub Y N 223 
PHE CE1 HE1  sing N N 224 
PHE CE2 CZ   sing Y N 225 
PHE CE2 HE2  sing N N 226 
PHE CZ  HZ   sing N N 227 
PHE OXT HXT  sing N N 228 
PRO N   CA   sing N N 229 
PRO N   CD   sing N N 230 
PRO N   H    sing N N 231 
PRO CA  C    sing N N 232 
PRO CA  CB   sing N N 233 
PRO CA  HA   sing N N 234 
PRO C   O    doub N N 235 
PRO C   OXT  sing N N 236 
PRO CB  CG   sing N N 237 
PRO CB  HB2  sing N N 238 
PRO CB  HB3  sing N N 239 
PRO CG  CD   sing N N 240 
PRO CG  HG2  sing N N 241 
PRO CG  HG3  sing N N 242 
PRO CD  HD2  sing N N 243 
PRO CD  HD3  sing N N 244 
PRO OXT HXT  sing N N 245 
SER N   CA   sing N N 246 
SER N   H    sing N N 247 
SER N   H2   sing N N 248 
SER CA  C    sing N N 249 
SER CA  CB   sing N N 250 
SER CA  HA   sing N N 251 
SER C   O    doub N N 252 
SER C   OXT  sing N N 253 
SER CB  OG   sing N N 254 
SER CB  HB2  sing N N 255 
SER CB  HB3  sing N N 256 
SER OG  HG   sing N N 257 
SER OXT HXT  sing N N 258 
THR N   CA   sing N N 259 
THR N   H    sing N N 260 
THR N   H2   sing N N 261 
THR CA  C    sing N N 262 
THR CA  CB   sing N N 263 
THR CA  HA   sing N N 264 
THR C   O    doub N N 265 
THR C   OXT  sing N N 266 
THR CB  OG1  sing N N 267 
THR CB  CG2  sing N N 268 
THR CB  HB   sing N N 269 
THR OG1 HG1  sing N N 270 
THR CG2 HG21 sing N N 271 
THR CG2 HG22 sing N N 272 
THR CG2 HG23 sing N N 273 
THR OXT HXT  sing N N 274 
TYR N   CA   sing N N 275 
TYR N   H    sing N N 276 
TYR N   H2   sing N N 277 
TYR CA  C    sing N N 278 
TYR CA  CB   sing N N 279 
TYR CA  HA   sing N N 280 
TYR C   O    doub N N 281 
TYR C   OXT  sing N N 282 
TYR CB  CG   sing N N 283 
TYR CB  HB2  sing N N 284 
TYR CB  HB3  sing N N 285 
TYR CG  CD1  doub Y N 286 
TYR CG  CD2  sing Y N 287 
TYR CD1 CE1  sing Y N 288 
TYR CD1 HD1  sing N N 289 
TYR CD2 CE2  doub Y N 290 
TYR CD2 HD2  sing N N 291 
TYR CE1 CZ   doub Y N 292 
TYR CE1 HE1  sing N N 293 
TYR CE2 CZ   sing Y N 294 
TYR CE2 HE2  sing N N 295 
TYR CZ  OH   sing N N 296 
TYR OH  HH   sing N N 297 
TYR OXT HXT  sing N N 298 
VAL N   CA   sing N N 299 
VAL N   H    sing N N 300 
VAL N   H2   sing N N 301 
VAL CA  C    sing N N 302 
VAL CA  CB   sing N N 303 
VAL CA  HA   sing N N 304 
VAL C   O    doub N N 305 
VAL C   OXT  sing N N 306 
VAL CB  CG1  sing N N 307 
VAL CB  CG2  sing N N 308 
VAL CB  HB   sing N N 309 
VAL CG1 HG11 sing N N 310 
VAL CG1 HG12 sing N N 311 
VAL CG1 HG13 sing N N 312 
VAL CG2 HG21 sing N N 313 
VAL CG2 HG22 sing N N 314 
VAL CG2 HG23 sing N N 315 
VAL OXT HXT  sing N N 316 
# 
_atom_sites.entry_id                    3FX0 
_atom_sites.fract_transf_matrix[1][1]   -0.01482963 
_atom_sites.fract_transf_matrix[1][2]   0.00310583 
_atom_sites.fract_transf_matrix[1][3]   0.00029355 
_atom_sites.fract_transf_matrix[2][1]   -0.00946497 
_atom_sites.fract_transf_matrix[2][2]   -0.00895263 
_atom_sites.fract_transf_matrix[2][3]   0.00774201 
_atom_sites.fract_transf_matrix[3][1]   0.00174408 
_atom_sites.fract_transf_matrix[3][2]   0.00732543 
_atom_sites.fract_transf_matrix[3][3]   0.01060313 
_atom_sites.fract_transf_vector[1]      1.040704 
_atom_sites.fract_transf_vector[2]      0.212477 
_atom_sites.fract_transf_vector[3]      0.084356 
# 
loop_
_atom_type.symbol 
C 
N 
O 
S 
# 
loop_
_atom_site.group_PDB 
_atom_site.id 
_atom_site.type_symbol 
_atom_site.label_atom_id 
_atom_site.label_alt_id 
_atom_site.label_comp_id 
_atom_site.label_asym_id 
_atom_site.label_entity_id 
_atom_site.label_seq_id 
_atom_site.pdbx_PDB_ins_code 
_atom_site.Cartn_x 
_atom_site.Cartn_y 
_atom_site.Cartn_z 
_atom_site.occupancy 
_atom_site.B_iso_or_equiv 
_atom_site.pdbx_formal_charge 
_atom_site.auth_seq_id 
_atom_site.auth_comp_id 
_atom_site.auth_asym_id 
_atom_site.auth_atom_id 
_atom_site.pdbx_PDB_model_num 
ATOM 1    N N   . LEU A 1 26 ? 19.489  -22.319 35.891  1.00 132.84 ? 267  LEU A N   1 
ATOM 2    C CA  . LEU A 1 26 ? 19.691  -20.838 35.908  1.00 132.84 ? 267  LEU A CA  1 
ATOM 3    C C   . LEU A 1 26 ? 20.887  -20.363 35.083  1.00 132.84 ? 267  LEU A C   1 
ATOM 4    O O   . LEU A 1 26 ? 21.310  -19.205 35.183  1.00 132.84 ? 267  LEU A O   1 
ATOM 5    C CB  . LEU A 1 26 ? 19.833  -20.343 37.352  1.00 127.63 ? 267  LEU A CB  1 
ATOM 6    C CG  . LEU A 1 26 ? 18.514  -20.087 38.091  1.00 127.63 ? 267  LEU A CG  1 
ATOM 7    C CD1 . LEU A 1 26 ? 17.813  -18.876 37.489  1.00 127.63 ? 267  LEU A CD1 1 
ATOM 8    C CD2 . LEU A 1 26 ? 17.630  -21.316 38.005  1.00 127.63 ? 267  LEU A CD2 1 
ATOM 9    N N   . GLN A 1 27 ? 21.433  -21.259 34.266  1.00 199.96 ? 268  GLN A N   1 
ATOM 10   C CA  . GLN A 1 27 ? 22.563  -20.902 33.424  1.00 199.96 ? 268  GLN A CA  1 
ATOM 11   C C   . GLN A 1 27 ? 22.233  -21.186 31.956  1.00 199.96 ? 268  GLN A C   1 
ATOM 12   O O   . GLN A 1 27 ? 23.057  -20.964 31.067  1.00 199.96 ? 268  GLN A O   1 
ATOM 13   C CB  . GLN A 1 27 ? 23.818  -21.663 33.867  1.00 199.96 ? 268  GLN A CB  1 
ATOM 14   C CG  . GLN A 1 27 ? 25.105  -20.835 33.773  1.00 199.96 ? 268  GLN A CG  1 
ATOM 15   C CD  . GLN A 1 27 ? 25.097  -19.597 34.672  1.00 199.96 ? 268  GLN A CD  1 
ATOM 16   O OE1 . GLN A 1 27 ? 26.041  -18.806 34.660  1.00 199.96 ? 268  GLN A OE1 1 
ATOM 17   N NE2 . GLN A 1 27 ? 24.034  -19.430 35.452  1.00 199.96 ? 268  GLN A NE2 1 
ATOM 18   N N   . GLN A 1 28 ? 21.021  -21.683 31.716  1.00 189.35 ? 269  GLN A N   1 
ATOM 19   C CA  . GLN A 1 28 ? 20.530  -21.962 30.366  1.00 189.35 ? 269  GLN A CA  1 
ATOM 20   C C   . GLN A 1 28 ? 19.332  -21.038 30.179  1.00 189.35 ? 269  GLN A C   1 
ATOM 21   O O   . GLN A 1 28 ? 18.706  -20.990 29.114  1.00 179.01 ? 269  GLN A O   1 
ATOM 22   C CB  . GLN A 1 28 ? 20.092  -23.422 30.233  1.00 199.96 ? 269  GLN A CB  1 
ATOM 23   C CG  . GLN A 1 28 ? 21.211  -24.422 30.449  1.00 199.96 ? 269  GLN A CG  1 
ATOM 24   C CD  . GLN A 1 28 ? 22.483  -24.040 29.709  1.00 199.96 ? 269  GLN A CD  1 
ATOM 25   O OE1 . GLN A 1 28 ? 22.451  -23.702 28.524  1.00 199.96 ? 269  GLN A OE1 1 
ATOM 26   N NE2 . GLN A 1 28 ? 23.614  -24.100 30.406  1.00 199.96 ? 269  GLN A NE2 1 
ATOM 27   N N   . ALA A 1 29 ? 19.039  -20.307 31.254  1.00 199.96 ? 270  ALA A N   1 
ATOM 28   C CA  . ALA A 1 29 ? 17.944  -19.347 31.318  1.00 199.96 ? 270  ALA A CA  1 
ATOM 29   C C   . ALA A 1 29 ? 18.520  -17.935 31.328  1.00 199.96 ? 270  ALA A C   1 
ATOM 30   O O   . ALA A 1 29 ? 18.111  -17.090 30.534  1.00 199.96 ? 270  ALA A O   1 
ATOM 31   C CB  . ALA A 1 29 ? 17.119  -19.578 32.576  1.00 117.83 ? 270  ALA A CB  1 
ATOM 32   N N   . GLU A 1 30 ? 19.466  -17.681 32.233  1.00 174.63 ? 271  GLU A N   1 
ATOM 33   C CA  . GLU A 1 30 ? 20.091  -16.365 32.314  1.00 174.63 ? 271  GLU A CA  1 
ATOM 34   C C   . GLU A 1 30 ? 20.849  -16.159 31.005  1.00 174.63 ? 271  GLU A C   1 
ATOM 35   O O   . GLU A 1 30 ? 21.516  -15.143 30.801  1.00 174.63 ? 271  GLU A O   1 
ATOM 36   C CB  . GLU A 1 30 ? 21.053  -16.292 33.507  1.00 199.96 ? 271  GLU A CB  1 
ATOM 37   C CG  . GLU A 1 30 ? 21.006  -14.965 34.277  1.00 199.96 ? 271  GLU A CG  1 
ATOM 38   C CD  . GLU A 1 30 ? 21.373  -13.751 33.426  1.00 199.96 ? 271  GLU A CD  1 
ATOM 39   O OE1 . GLU A 1 30 ? 22.522  -13.683 32.936  1.00 199.96 ? 271  GLU A OE1 1 
ATOM 40   O OE2 . GLU A 1 30 ? 20.513  -12.857 33.253  1.00 199.96 ? 271  GLU A OE2 1 
ATOM 41   N N   . GLU A 1 31 ? 20.730  -17.150 30.123  1.00 178.23 ? 272  GLU A N   1 
ATOM 42   C CA  . GLU A 1 31 ? 21.357  -17.135 28.806  1.00 178.23 ? 272  GLU A CA  1 
ATOM 43   C C   . GLU A 1 31 ? 20.262  -17.006 27.754  1.00 178.23 ? 272  GLU A C   1 
ATOM 44   O O   . GLU A 1 31 ? 20.485  -17.228 26.565  1.00 178.23 ? 272  GLU A O   1 
ATOM 45   C CB  . GLU A 1 31 ? 22.147  -18.427 28.584  1.00 199.64 ? 272  GLU A CB  1 
ATOM 46   C CG  . GLU A 1 31 ? 23.547  -18.422 29.191  1.00 199.64 ? 272  GLU A CG  1 
ATOM 47   C CD  . GLU A 1 31 ? 23.591  -17.815 30.584  1.00 199.64 ? 272  GLU A CD  1 
ATOM 48   O OE1 . GLU A 1 31 ? 22.871  -18.310 31.482  1.00 199.64 ? 272  GLU A OE1 1 
ATOM 49   O OE2 . GLU A 1 31 ? 24.353  -16.840 30.780  1.00 199.64 ? 272  GLU A OE2 1 
ATOM 50   N N   . ALA A 1 32 ? 19.070  -16.650 28.212  1.00 186.98 ? 273  ALA A N   1 
ATOM 51   C CA  . ALA A 1 32 ? 17.936  -16.477 27.329  1.00 186.98 ? 273  ALA A CA  1 
ATOM 52   C C   . ALA A 1 32 ? 17.229  -15.170 27.676  1.00 186.98 ? 273  ALA A C   1 
ATOM 53   O O   . ALA A 1 32 ? 16.414  -14.678 26.908  1.00 164.52 ? 273  ALA A O   1 
ATOM 54   C CB  . ALA A 1 32 ? 16.992  -17.657 27.457  1.00 100.61 ? 273  ALA A CB  1 
ATOM 55   N N   . LEU A 1 33 ? 17.534  -14.616 28.845  1.00 170.06 ? 274  LEU A N   1 
ATOM 56   C CA  . LEU A 1 33 ? 16.957  -13.335 29.251  1.00 170.06 ? 274  LEU A CA  1 
ATOM 57   C C   . LEU A 1 33 ? 18.027  -12.295 28.949  1.00 170.06 ? 274  LEU A C   1 
ATOM 58   O O   . LEU A 1 33 ? 18.070  -11.212 29.541  1.00 151.31 ? 274  LEU A O   1 
ATOM 59   C CB  . LEU A 1 33 ? 16.610  -13.321 30.743  1.00 184.40 ? 274  LEU A CB  1 
ATOM 60   C CG  . LEU A 1 33 ? 15.412  -14.165 31.184  1.00 184.40 ? 274  LEU A CG  1 
ATOM 61   C CD1 . LEU A 1 33 ? 15.120  -13.897 32.655  1.00 184.40 ? 274  LEU A CD1 1 
ATOM 62   C CD2 . LEU A 1 33 ? 14.196  -13.825 30.333  1.00 184.40 ? 274  LEU A CD2 1 
ATOM 63   N N   . VAL A 1 34 ? 18.900  -12.677 28.022  1.00 199.96 ? 275  VAL A N   1 
ATOM 64   C CA  . VAL A 1 34 ? 20.008  -11.860 27.544  1.00 199.96 ? 275  VAL A CA  1 
ATOM 65   C C   . VAL A 1 34 ? 20.145  -12.215 26.064  1.00 199.96 ? 275  VAL A C   1 
ATOM 66   O O   . VAL A 1 34 ? 20.715  -11.458 25.276  1.00 199.96 ? 275  VAL A O   1 
ATOM 67   C CB  . VAL A 1 34 ? 21.329  -12.200 28.290  1.00 161.84 ? 275  VAL A CB  1 
ATOM 68   C CG1 . VAL A 1 34 ? 22.502  -11.462 27.652  1.00 161.84 ? 275  VAL A CG1 1 
ATOM 69   C CG2 . VAL A 1 34 ? 21.207  -11.818 29.768  1.00 161.84 ? 275  VAL A CG2 1 
ATOM 70   N N   . ALA A 1 35 ? 19.601  -13.374 25.705  1.00 192.40 ? 276  ALA A N   1 
ATOM 71   C CA  . ALA A 1 35 ? 19.622  -13.871 24.331  1.00 192.40 ? 276  ALA A CA  1 
ATOM 72   C C   . ALA A 1 35 ? 18.315  -13.513 23.617  1.00 192.40 ? 276  ALA A C   1 
ATOM 73   O O   . ALA A 1 35 ? 18.327  -13.081 22.461  1.00 190.69 ? 276  ALA A O   1 
ATOM 74   C CB  . ALA A 1 35 ? 19.826  -15.385 24.325  1.00 122.47 ? 276  ALA A CB  1 
ATOM 75   N N   . LYS A 1 36 ? 17.193  -13.708 24.309  1.00 178.34 ? 277  LYS A N   1 
ATOM 76   C CA  . LYS A 1 36 ? 15.874  -13.388 23.761  1.00 178.34 ? 277  LYS A CA  1 
ATOM 77   C C   . LYS A 1 36 ? 15.543  -11.913 24.014  1.00 178.34 ? 277  LYS A C   1 
ATOM 78   O O   . LYS A 1 36 ? 14.417  -11.469 23.803  1.00 156.61 ? 277  LYS A O   1 
ATOM 79   C CB  . LYS A 1 36 ? 14.786  -14.285 24.376  1.00 150.99 ? 277  LYS A CB  1 
ATOM 80   C CG  . LYS A 1 36 ? 14.901  -15.765 24.019  1.00 150.99 ? 277  LYS A CG  1 
ATOM 81   C CD  . LYS A 1 36 ? 13.717  -16.561 24.563  1.00 150.99 ? 277  LYS A CD  1 
ATOM 82   C CE  . LYS A 1 36 ? 13.905  -18.061 24.357  1.00 150.99 ? 277  LYS A CE  1 
ATOM 83   N NZ  . LYS A 1 36 ? 14.065  -18.426 22.921  1.00 150.99 ? 277  LYS A NZ  1 
ATOM 84   N N   . GLN A 1 37 ? 16.527  -11.163 24.496  1.00 181.59 ? 278  GLN A N   1 
ATOM 85   C CA  . GLN A 1 37 ? 16.350  -9.738  24.721  1.00 181.59 ? 278  GLN A CA  1 
ATOM 86   C C   . GLN A 1 37 ? 17.056  -9.107  23.527  1.00 181.59 ? 278  GLN A C   1 
ATOM 87   O O   . GLN A 1 37 ? 17.122  -7.883  23.395  1.00 156.79 ? 278  GLN A O   1 
ATOM 88   C CB  . GLN A 1 37 ? 17.016  -9.288  26.020  1.00 180.55 ? 278  GLN A CB  1 
ATOM 89   C CG  . GLN A 1 37 ? 16.897  -7.790  26.277  1.00 180.55 ? 278  GLN A CG  1 
ATOM 90   C CD  . GLN A 1 37 ? 17.877  -7.293  27.329  1.00 180.55 ? 278  GLN A CD  1 
ATOM 91   O OE1 . GLN A 1 37 ? 18.028  -6.089  27.531  1.00 180.55 ? 278  GLN A OE1 1 
ATOM 92   N NE2 . GLN A 1 37 ? 18.544  -8.222  28.005  1.00 180.55 ? 278  GLN A NE2 1 
ATOM 93   N N   . GLU A 1 38 ? 17.589  -9.975  22.667  1.00 192.24 ? 279  GLU A N   1 
ATOM 94   C CA  . GLU A 1 38 ? 18.291  -9.570  21.451  1.00 192.24 ? 279  GLU A CA  1 
ATOM 95   C C   . GLU A 1 38 ? 17.316  -9.619  20.281  1.00 192.24 ? 279  GLU A C   1 
ATOM 96   O O   . GLU A 1 38 ? 17.154  -8.640  19.553  1.00 191.79 ? 279  GLU A O   1 
ATOM 97   C CB  . GLU A 1 38 ? 19.464  -10.514 21.166  1.00 180.41 ? 279  GLU A CB  1 
ATOM 98   C CG  . GLU A 1 38 ? 20.501  -10.572 22.273  1.00 180.41 ? 279  GLU A CG  1 
ATOM 99   C CD  . GLU A 1 38 ? 21.759  -11.308 21.856  1.00 180.41 ? 279  GLU A CD  1 
ATOM 100  O OE1 . GLU A 1 38 ? 21.654  -12.484 21.450  1.00 180.41 ? 279  GLU A OE1 1 
ATOM 101  O OE2 . GLU A 1 38 ? 22.854  -10.709 21.935  1.00 180.41 ? 279  GLU A OE2 1 
ATOM 102  N N   . VAL A 1 39 ? 16.666  -10.768 20.114  1.00 154.76 ? 280  VAL A N   1 
ATOM 103  C CA  . VAL A 1 39 ? 15.694  -10.964 19.042  1.00 154.76 ? 280  VAL A CA  1 
ATOM 104  C C   . VAL A 1 39 ? 14.461  -10.072 19.234  1.00 154.76 ? 280  VAL A C   1 
ATOM 105  O O   . VAL A 1 39 ? 13.691  -9.868  18.301  1.00 130.67 ? 280  VAL A O   1 
ATOM 106  C CB  . VAL A 1 39 ? 15.260  -12.456 18.952  1.00 153.92 ? 280  VAL A CB  1 
ATOM 107  C CG1 . VAL A 1 39 ? 14.417  -12.694 17.704  1.00 153.92 ? 280  VAL A CG1 1 
ATOM 108  C CG2 . VAL A 1 39 ? 16.489  -13.348 18.929  1.00 153.92 ? 280  VAL A CG2 1 
ATOM 109  N N   . ILE A 1 40 ? 14.265  -9.546  20.442  1.00 172.13 ? 281  ILE A N   1 
ATOM 110  C CA  . ILE A 1 40 ? 13.131  -8.658  20.697  1.00 172.13 ? 281  ILE A CA  1 
ATOM 111  C C   . ILE A 1 40 ? 13.570  -7.220  20.431  1.00 172.13 ? 281  ILE A C   1 
ATOM 112  O O   . ILE A 1 40 ? 12.746  -6.303  20.428  1.00 149.70 ? 281  ILE A O   1 
ATOM 113  C CB  . ILE A 1 40 ? 12.596  -8.752  22.158  1.00 167.71 ? 281  ILE A CB  1 
ATOM 114  C CG1 . ILE A 1 40 ? 13.743  -8.553  23.155  1.00 167.71 ? 281  ILE A CG1 1 
ATOM 115  C CG2 . ILE A 1 40 ? 11.880  -10.070 22.369  1.00 167.71 ? 281  ILE A CG2 1 
ATOM 116  C CD1 . ILE A 1 40 ? 13.314  -8.505  24.617  1.00 167.71 ? 281  ILE A CD1 1 
ATOM 117  N N   . ASP A 1 41 ? 14.875  -7.034  20.225  1.00 161.33 ? 282  ASP A N   1 
ATOM 118  C CA  . ASP A 1 41 ? 15.450  -5.720  19.925  1.00 161.33 ? 282  ASP A CA  1 
ATOM 119  C C   . ASP A 1 41 ? 15.675  -5.664  18.413  1.00 161.33 ? 282  ASP A C   1 
ATOM 120  O O   . ASP A 1 41 ? 15.742  -4.588  17.805  1.00 138.85 ? 282  ASP A O   1 
ATOM 121  C CB  . ASP A 1 41 ? 16.771  -5.524  20.679  1.00 173.65 ? 282  ASP A CB  1 
ATOM 122  C CG  . ASP A 1 41 ? 16.565  -5.049  22.113  1.00 173.65 ? 282  ASP A CG  1 
ATOM 123  O OD1 . ASP A 1 41 ? 15.819  -5.710  22.868  1.00 173.65 ? 282  ASP A OD1 1 
ATOM 124  O OD2 . ASP A 1 41 ? 17.154  -4.010  22.487  1.00 173.65 ? 282  ASP A OD2 1 
ATOM 125  N N   . LYS A 1 42 ? 15.790  -6.852  17.822  1.00 170.21 ? 283  LYS A N   1 
ATOM 126  C CA  . LYS A 1 42 ? 15.956  -7.012  16.383  1.00 170.21 ? 283  LYS A CA  1 
ATOM 127  C C   . LYS A 1 42 ? 14.575  -6.699  15.819  1.00 170.21 ? 283  LYS A C   1 
ATOM 128  O O   . LYS A 1 42 ? 14.398  -5.744  15.061  1.00 149.43 ? 283  LYS A O   1 
ATOM 129  C CB  . LYS A 1 42 ? 16.334  -8.464  16.049  1.00 160.18 ? 283  LYS A CB  1 
ATOM 130  C CG  . LYS A 1 42 ? 16.335  -8.801  14.559  1.00 160.18 ? 283  LYS A CG  1 
ATOM 131  C CD  . LYS A 1 42 ? 16.156  -10.301 14.302  1.00 160.18 ? 283  LYS A CD  1 
ATOM 132  C CE  . LYS A 1 42 ? 17.288  -11.131 14.890  1.00 160.18 ? 283  LYS A CE  1 
ATOM 133  N NZ  . LYS A 1 42 ? 17.114  -12.582 14.602  1.00 160.18 ? 283  LYS A NZ  1 
ATOM 134  N N   . LEU A 1 43 ? 13.596  -7.506  16.225  1.00 162.11 ? 284  LEU A N   1 
ATOM 135  C CA  . LEU A 1 43 ? 12.214  -7.345  15.787  1.00 162.11 ? 284  LEU A CA  1 
ATOM 136  C C   . LEU A 1 43 ? 11.616  -6.064  16.370  1.00 162.11 ? 284  LEU A C   1 
ATOM 137  O O   . LEU A 1 43 ? 10.423  -5.807  16.234  1.00 140.37 ? 284  LEU A O   1 
ATOM 138  C CB  . LEU A 1 43 ? 11.359  -8.551  16.218  1.00 131.07 ? 284  LEU A CB  1 
ATOM 139  C CG  . LEU A 1 43 ? 11.827  -10.006 16.022  1.00 131.07 ? 284  LEU A CG  1 
ATOM 140  C CD1 . LEU A 1 43 ? 10.584  -10.895 15.948  1.00 131.07 ? 284  LEU A CD1 1 
ATOM 141  C CD2 . LEU A 1 43 ? 12.671  -10.170 14.753  1.00 131.07 ? 284  LEU A CD2 1 
ATOM 142  N N   . LYS A 1 44 ? 12.454  -5.271  17.028  1.00 156.05 ? 285  LYS A N   1 
ATOM 143  C CA  . LYS A 1 44 ? 12.031  -4.008  17.622  1.00 156.05 ? 285  LYS A CA  1 
ATOM 144  C C   . LYS A 1 44 ? 12.337  -2.902  16.628  1.00 156.05 ? 285  LYS A C   1 
ATOM 145  O O   . LYS A 1 44 ? 11.473  -2.094  16.284  1.00 132.96 ? 285  LYS A O   1 
ATOM 146  C CB  . LYS A 1 44 ? 12.791  -3.767  18.940  1.00 185.80 ? 285  LYS A CB  1 
ATOM 147  C CG  . LYS A 1 44 ? 12.912  -2.302  19.409  1.00 185.80 ? 285  LYS A CG  1 
ATOM 148  C CD  . LYS A 1 44 ? 14.186  -1.624  18.873  1.00 185.80 ? 285  LYS A CD  1 
ATOM 149  C CE  . LYS A 1 44 ? 14.375  -0.214  19.434  1.00 185.80 ? 285  LYS A CE  1 
ATOM 150  N NZ  . LYS A 1 44 ? 15.592  0.446   18.880  1.00 185.80 ? 285  LYS A NZ  1 
ATOM 151  N N   . GLU A 1 45 ? 13.584  -2.889  16.172  1.00 191.66 ? 286  GLU A N   1 
ATOM 152  C CA  . GLU A 1 45 ? 14.070  -1.909  15.215  1.00 191.66 ? 286  GLU A CA  1 
ATOM 153  C C   . GLU A 1 45 ? 13.550  -2.235  13.816  1.00 191.66 ? 286  GLU A C   1 
ATOM 154  O O   . GLU A 1 45 ? 12.990  -1.370  13.137  1.00 186.08 ? 286  GLU A O   1 
ATOM 155  C CB  . GLU A 1 45 ? 15.599  -1.912  15.244  1.00 175.52 ? 286  GLU A CB  1 
ATOM 156  C CG  . GLU A 1 45 ? 16.272  -1.198  14.095  1.00 175.52 ? 286  GLU A CG  1 
ATOM 157  C CD  . GLU A 1 45 ? 17.780  -1.286  14.187  1.00 175.52 ? 286  GLU A CD  1 
ATOM 158  O OE1 . GLU A 1 45 ? 18.357  -0.633  15.079  1.00 175.52 ? 286  GLU A OE1 1 
ATOM 159  O OE2 . GLU A 1 45 ? 18.386  -2.018  13.377  1.00 175.52 ? 286  GLU A OE2 1 
ATOM 160  N N   . GLU A 1 46 ? 13.732  -3.490  13.402  1.00 184.62 ? 287  GLU A N   1 
ATOM 161  C CA  . GLU A 1 46 ? 13.285  -3.954  12.090  1.00 184.62 ? 287  GLU A CA  1 
ATOM 162  C C   . GLU A 1 46 ? 11.813  -3.651  11.856  1.00 184.62 ? 287  GLU A C   1 
ATOM 163  O O   . GLU A 1 46 ? 11.346  -3.688  10.721  1.00 184.62 ? 287  GLU A O   1 
ATOM 164  C CB  . GLU A 1 46 ? 13.494  -5.469  11.944  1.00 173.40 ? 287  GLU A CB  1 
ATOM 165  C CG  . GLU A 1 46 ? 14.932  -5.922  11.716  1.00 173.40 ? 287  GLU A CG  1 
ATOM 166  C CD  . GLU A 1 46 ? 15.060  -7.439  11.548  1.00 173.40 ? 287  GLU A CD  1 
ATOM 167  O OE1 . GLU A 1 46 ? 16.188  -7.925  11.318  1.00 173.40 ? 287  GLU A OE1 1 
ATOM 168  O OE2 . GLU A 1 46 ? 14.034  -8.149  11.648  1.00 173.40 ? 287  GLU A OE2 1 
ATOM 169  N N   . ALA A 1 47 ? 11.082  -3.353  12.929  1.00 146.25 ? 288  ALA A N   1 
ATOM 170  C CA  . ALA A 1 47 ? 9.655   -3.068  12.820  1.00 146.25 ? 288  ALA A CA  1 
ATOM 171  C C   . ALA A 1 47 ? 9.319   -1.580  12.751  1.00 146.25 ? 288  ALA A C   1 
ATOM 172  O O   . ALA A 1 47 ? 8.231   -1.212  12.310  1.00 146.25 ? 288  ALA A O   1 
ATOM 173  C CB  . ALA A 1 47 ? 8.902   -3.728  13.973  1.00 151.90 ? 288  ALA A CB  1 
ATOM 174  N N   . GLU A 1 48 ? 10.234  -0.724  13.195  1.00 197.99 ? 289  GLU A N   1 
ATOM 175  C CA  . GLU A 1 48 ? 10.000  0.717   13.128  1.00 197.99 ? 289  GLU A CA  1 
ATOM 176  C C   . GLU A 1 48 ? 10.267  1.094   11.686  1.00 197.99 ? 289  GLU A C   1 
ATOM 177  O O   . GLU A 1 48 ? 9.764   2.103   11.167  1.00 161.59 ? 289  GLU A O   1 
ATOM 178  C CB  . GLU A 1 48 ? 10.971  1.450   14.036  1.00 186.23 ? 289  GLU A CB  1 
ATOM 179  C CG  . GLU A 1 48 ? 10.732  1.189   15.491  1.00 186.23 ? 289  GLU A CG  1 
ATOM 180  C CD  . GLU A 1 48 ? 11.913  1.584   16.325  1.00 186.23 ? 289  GLU A CD  1 
ATOM 181  O OE1 . GLU A 1 48 ? 11.769  1.629   17.564  1.00 186.23 ? 289  GLU A OE1 1 
ATOM 182  O OE2 . GLU A 1 48 ? 12.989  1.842   15.737  1.00 186.23 ? 289  GLU A OE2 1 
ATOM 183  N N   . GLN A 1 49 ? 11.077  0.244   11.062  1.00 186.56 ? 290  GLN A N   1 
ATOM 184  C CA  . GLN A 1 49 ? 11.470  0.365   9.667   1.00 186.56 ? 290  GLN A CA  1 
ATOM 185  C C   . GLN A 1 49 ? 10.211  0.125   8.829   1.00 186.56 ? 290  GLN A C   1 
ATOM 186  O O   . GLN A 1 49 ? 9.722   1.021   8.138   1.00 144.84 ? 290  GLN A O   1 
ATOM 187  C CB  . GLN A 1 49 ? 12.534  -0.701  9.360   1.00 199.96 ? 290  GLN A CB  1 
ATOM 188  C CG  . GLN A 1 49 ? 13.235  -0.580  8.011   1.00 199.96 ? 290  GLN A CG  1 
ATOM 189  C CD  . GLN A 1 49 ? 14.171  -1.751  7.732   1.00 199.96 ? 290  GLN A CD  1 
ATOM 190  O OE1 . GLN A 1 49 ? 15.023  -2.090  8.558   1.00 199.96 ? 290  GLN A OE1 1 
ATOM 191  N NE2 . GLN A 1 49 ? 14.017  -2.372  6.564   1.00 199.96 ? 290  GLN A NE2 1 
ATOM 192  N N   . HIS A 1 50 ? 9.682   -1.091  8.925   1.00 159.33 ? 291  HIS A N   1 
ATOM 193  C CA  . HIS A 1 50 ? 8.480   -1.491  8.201   1.00 159.33 ? 291  HIS A CA  1 
ATOM 194  C C   . HIS A 1 50 ? 7.292   -0.555  8.451   1.00 159.33 ? 291  HIS A C   1 
ATOM 195  O O   . HIS A 1 50 ? 6.236   -0.720  7.830   1.00 111.06 ? 291  HIS A O   1 
ATOM 196  C CB  . HIS A 1 50 ? 8.070   -2.915  8.605   1.00 185.42 ? 291  HIS A CB  1 
ATOM 197  C CG  . HIS A 1 50 ? 9.129   -3.952  8.381   1.00 185.42 ? 291  HIS A CG  1 
ATOM 198  N ND1 . HIS A 1 50 ? 8.950   -5.277  8.717   1.00 185.42 ? 291  HIS A ND1 1 
ATOM 199  C CD2 . HIS A 1 50 ? 10.373  -3.863  7.851   1.00 185.42 ? 291  HIS A CD2 1 
ATOM 200  C CE1 . HIS A 1 50 ? 10.037  -5.961  8.402   1.00 185.42 ? 291  HIS A CE1 1 
ATOM 201  N NE2 . HIS A 1 50 ? 10.915  -5.126  7.876   1.00 185.42 ? 291  HIS A NE2 1 
ATOM 202  N N   . LYS A 1 51 ? 7.453   0.416   9.352   1.00 139.38 ? 292  LYS A N   1 
ATOM 203  C CA  . LYS A 1 51 ? 6.360   1.336   9.671   1.00 139.38 ? 292  LYS A CA  1 
ATOM 204  C C   . LYS A 1 51 ? 6.370   2.583   8.796   1.00 139.38 ? 292  LYS A C   1 
ATOM 205  O O   . LYS A 1 51 ? 5.323   3.187   8.541   1.00 167.98 ? 292  LYS A O   1 
ATOM 206  C CB  . LYS A 1 51 ? 6.416   1.757   11.145  1.00 166.84 ? 292  LYS A CB  1 
ATOM 207  C CG  . LYS A 1 51 ? 5.044   2.113   11.729  1.00 166.84 ? 292  LYS A CG  1 
ATOM 208  C CD  . LYS A 1 51 ? 5.129   2.889   13.044  1.00 166.84 ? 292  LYS A CD  1 
ATOM 209  C CE  . LYS A 1 51 ? 5.959   2.172   14.099  1.00 166.84 ? 292  LYS A CE  1 
ATOM 210  N NZ  . LYS A 1 51 ? 7.411   2.128   13.752  1.00 166.84 ? 292  LYS A NZ  1 
ATOM 211  N N   . ILE A 1 52 ? 7.554   2.963   8.329   1.00 199.46 ? 293  ILE A N   1 
ATOM 212  C CA  . ILE A 1 52 ? 7.682   4.143   7.492   1.00 199.46 ? 293  ILE A CA  1 
ATOM 213  C C   . ILE A 1 52 ? 7.009   3.976   6.121   1.00 199.46 ? 293  ILE A C   1 
ATOM 214  O O   . ILE A 1 52 ? 6.348   4.901   5.643   1.00 199.46 ? 293  ILE A O   1 
ATOM 215  C CB  . ILE A 1 52 ? 9.169   4.533   7.325   1.00 177.13 ? 293  ILE A CB  1 
ATOM 216  C CG1 . ILE A 1 52 ? 9.846   4.566   8.704   1.00 177.13 ? 293  ILE A CG1 1 
ATOM 217  C CG2 . ILE A 1 52 ? 9.274   5.904   6.657   1.00 177.13 ? 293  ILE A CG2 1 
ATOM 218  C CD1 . ILE A 1 52 ? 11.331  4.894   8.675   1.00 177.13 ? 293  ILE A CD1 1 
ATOM 219  N N   . VAL A 1 53 ? 7.164   2.807   5.495   1.00 139.15 ? 294  VAL A N   1 
ATOM 220  C CA  . VAL A 1 53 ? 6.535   2.560   4.190   1.00 139.15 ? 294  VAL A CA  1 
ATOM 221  C C   . VAL A 1 53 ? 5.021   2.597   4.337   1.00 139.15 ? 294  VAL A C   1 
ATOM 222  O O   . VAL A 1 53 ? 4.327   3.320   3.616   1.00 176.19 ? 294  VAL A O   1 
ATOM 223  C CB  . VAL A 1 53 ? 6.912   1.174   3.586   1.00 100.46 ? 294  VAL A CB  1 
ATOM 224  C CG1 . VAL A 1 53 ? 8.282   1.224   2.950   1.00 100.46 ? 294  VAL A CG1 1 
ATOM 225  C CG2 . VAL A 1 53 ? 6.871   0.113   4.655   1.00 100.46 ? 294  VAL A CG2 1 
ATOM 226  N N   . MET A 1 54 ? 4.517   1.813   5.283   1.00 111.17 ? 295  MET A N   1 
ATOM 227  C CA  . MET A 1 54 ? 3.089   1.729   5.548   1.00 111.17 ? 295  MET A CA  1 
ATOM 228  C C   . MET A 1 54 ? 2.443   3.094   5.750   1.00 111.17 ? 295  MET A C   1 
ATOM 229  O O   . MET A 1 54 ? 1.223   3.233   5.631   1.00 148.12 ? 295  MET A O   1 
ATOM 230  C CB  . MET A 1 54 ? 2.853   0.855   6.768   1.00 134.90 ? 295  MET A CB  1 
ATOM 231  C CG  . MET A 1 54 ? 3.397   -0.544  6.597   1.00 134.90 ? 295  MET A CG  1 
ATOM 232  S SD  . MET A 1 54 ? 3.337   -1.453  8.127   1.00 134.90 ? 295  MET A SD  1 
ATOM 233  C CE  . MET A 1 54 ? 1.568   -1.282  8.528   1.00 134.90 ? 295  MET A CE  1 
ATOM 234  N N   . GLU A 1 55 ? 3.261   4.095   6.062   1.00 139.81 ? 296  GLU A N   1 
ATOM 235  C CA  . GLU A 1 55 ? 2.766   5.453   6.253   1.00 139.81 ? 296  GLU A CA  1 
ATOM 236  C C   . GLU A 1 55 ? 2.195   5.959   4.925   1.00 139.81 ? 296  GLU A C   1 
ATOM 237  O O   . GLU A 1 55 ? 1.095   6.517   4.876   1.00 175.81 ? 296  GLU A O   1 
ATOM 238  C CB  . GLU A 1 55 ? 3.908   6.368   6.687   1.00 199.96 ? 296  GLU A CB  1 
ATOM 239  C CG  . GLU A 1 55 ? 4.585   5.964   7.982   1.00 199.96 ? 296  GLU A CG  1 
ATOM 240  C CD  . GLU A 1 55 ? 5.969   6.583   8.130   1.00 199.96 ? 296  GLU A CD  1 
ATOM 241  O OE1 . GLU A 1 55 ? 6.568   6.451   9.221   1.00 199.96 ? 296  GLU A OE1 1 
ATOM 242  O OE2 . GLU A 1 55 ? 6.464   7.189   7.152   1.00 199.96 ? 296  GLU A OE2 1 
ATOM 243  N N   . THR A 1 56 ? 2.956   5.751   3.851   1.00 125.99 ? 297  THR A N   1 
ATOM 244  C CA  . THR A 1 56 ? 2.561   6.194   2.516   1.00 125.99 ? 297  THR A CA  1 
ATOM 245  C C   . THR A 1 56 ? 1.450   5.400   1.856   1.00 125.99 ? 297  THR A C   1 
ATOM 246  O O   . THR A 1 56 ? 0.613   5.970   1.163   1.00 161.33 ? 297  THR A O   1 
ATOM 247  C CB  . THR A 1 56 ? 3.758   6.196   1.545   1.00 99.44  ? 297  THR A CB  1 
ATOM 248  O OG1 . THR A 1 56 ? 4.577   5.049   1.800   1.00 99.44  ? 297  THR A OG1 1 
ATOM 249  C CG2 . THR A 1 56 ? 4.564   7.491   1.683   1.00 99.44  ? 297  THR A CG2 1 
ATOM 250  N N   . VAL A 1 57 ? 1.449   4.089   2.057   1.00 97.61  ? 298  VAL A N   1 
ATOM 251  C CA  . VAL A 1 57 ? 0.430   3.244   1.450   1.00 97.61  ? 298  VAL A CA  1 
ATOM 252  C C   . VAL A 1 57 ? -0.941  3.909   1.268   1.00 97.61  ? 298  VAL A C   1 
ATOM 253  O O   . VAL A 1 57 ? -1.521  3.843   0.180   1.00 109.35 ? 298  VAL A O   1 
ATOM 254  C CB  . VAL A 1 57 ? 0.273   1.902   2.221   1.00 82.72  ? 298  VAL A CB  1 
ATOM 255  C CG1 . VAL A 1 57 ? -1.119  1.298   1.984   1.00 82.72  ? 298  VAL A CG1 1 
ATOM 256  C CG2 . VAL A 1 57 ? 1.345   0.913   1.740   1.00 82.72  ? 298  VAL A CG2 1 
ATOM 257  N N   . PRO A 1 58 ? -1.480  4.559   2.315   1.00 118.00 ? 299  PRO A N   1 
ATOM 258  C CA  . PRO A 1 58 ? -2.795  5.186   2.100   1.00 118.00 ? 299  PRO A CA  1 
ATOM 259  C C   . PRO A 1 58 ? -2.813  6.328   1.049   1.00 118.00 ? 299  PRO A C   1 
ATOM 260  O O   . PRO A 1 58 ? -3.818  6.505   0.352   1.00 132.55 ? 299  PRO A O   1 
ATOM 261  C CB  . PRO A 1 58 ? -3.217  5.616   3.512   1.00 88.02  ? 299  PRO A CB  1 
ATOM 262  C CG  . PRO A 1 58 ? -1.905  5.749   4.256   1.00 88.02  ? 299  PRO A CG  1 
ATOM 263  C CD  . PRO A 1 58 ? -1.084  4.603   3.733   1.00 88.02  ? 299  PRO A CD  1 
ATOM 264  N N   . VAL A 1 59 ? -1.715  7.088   0.933   1.00 94.85  ? 300  VAL A N   1 
ATOM 265  C CA  . VAL A 1 59 ? -1.615  8.152   -0.075  1.00 94.85  ? 300  VAL A CA  1 
ATOM 266  C C   . VAL A 1 59 ? -1.492  7.481   -1.459  1.00 94.85  ? 300  VAL A C   1 
ATOM 267  O O   . VAL A 1 59 ? -2.011  7.973   -2.465  1.00 112.74 ? 300  VAL A O   1 
ATOM 268  C CB  . VAL A 1 59 ? -0.384  9.049   0.171   1.00 70.65  ? 300  VAL A CB  1 
ATOM 269  C CG1 . VAL A 1 59 ? -0.253  10.088  -0.936  1.00 70.65  ? 300  VAL A CG1 1 
ATOM 270  C CG2 . VAL A 1 59 ? -0.511  9.735   1.488   1.00 70.65  ? 300  VAL A CG2 1 
ATOM 271  N N   . LEU A 1 60 ? -0.798  6.350   -1.487  1.00 92.81  ? 301  LEU A N   1 
ATOM 272  C CA  . LEU A 1 60 ? -0.633  5.588   -2.705  1.00 92.81  ? 301  LEU A CA  1 
ATOM 273  C C   . LEU A 1 60 ? -1.968  5.047   -3.173  1.00 92.81  ? 301  LEU A C   1 
ATOM 274  O O   . LEU A 1 60 ? -2.123  4.710   -4.349  1.00 108.97 ? 301  LEU A O   1 
ATOM 275  C CB  . LEU A 1 60 ? 0.322   4.431   -2.474  1.00 66.34  ? 301  LEU A CB  1 
ATOM 276  C CG  . LEU A 1 60 ? 1.776   4.840   -2.668  1.00 66.34  ? 301  LEU A CG  1 
ATOM 277  C CD1 . LEU A 1 60 ? 2.689   3.625   -2.485  1.00 66.34  ? 301  LEU A CD1 1 
ATOM 278  C CD2 . LEU A 1 60 ? 1.936   5.430   -4.063  1.00 66.34  ? 301  LEU A CD2 1 
ATOM 279  N N   . LYS A 1 61 ? -2.929  4.943   -2.258  1.00 93.99  ? 302  LYS A N   1 
ATOM 280  C CA  . LYS A 1 61 ? -4.250  4.451   -2.629  1.00 93.99  ? 302  LYS A CA  1 
ATOM 281  C C   . LYS A 1 61 ? -5.090  5.617   -3.127  1.00 93.99  ? 302  LYS A C   1 
ATOM 282  O O   . LYS A 1 61 ? -5.848  5.472   -4.093  1.00 111.13 ? 302  LYS A O   1 
ATOM 283  C CB  . LYS A 1 61 ? -4.938  3.791   -1.448  1.00 120.59 ? 302  LYS A CB  1 
ATOM 284  C CG  . LYS A 1 61 ? -4.408  2.445   -1.111  1.00 120.59 ? 302  LYS A CG  1 
ATOM 285  C CD  . LYS A 1 61 ? -4.984  2.000   0.213   1.00 120.59 ? 302  LYS A CD  1 
ATOM 286  C CE  . LYS A 1 61 ? -4.443  0.639   0.638   1.00 120.59 ? 302  LYS A CE  1 
ATOM 287  N NZ  . LYS A 1 61 ? -5.033  0.171   1.932   1.00 120.59 ? 302  LYS A NZ  1 
ATOM 288  N N   . ALA A 1 62 ? -4.948  6.774   -2.474  1.00 96.51  ? 303  ALA A N   1 
ATOM 289  C CA  . ALA A 1 62 ? -5.702  7.964   -2.856  1.00 96.51  ? 303  ALA A CA  1 
ATOM 290  C C   . ALA A 1 62 ? -5.318  8.409   -4.267  1.00 96.51  ? 303  ALA A C   1 
ATOM 291  O O   . ALA A 1 62 ? -6.120  9.022   -4.970  1.00 110.85 ? 303  ALA A O   1 
ATOM 292  C CB  . ALA A 1 62 ? -5.465  9.060   -1.866  1.00 59.15  ? 303  ALA A CB  1 
ATOM 293  N N   . GLN A 1 63 ? -4.089  8.095   -4.677  1.00 100.44 ? 304  GLN A N   1 
ATOM 294  C CA  . GLN A 1 63 ? -3.625  8.412   -6.028  1.00 100.44 ? 304  GLN A CA  1 
ATOM 295  C C   . GLN A 1 63 ? -4.286  7.464   -7.023  1.00 100.44 ? 304  GLN A C   1 
ATOM 296  O O   . GLN A 1 63 ? -4.823  7.883   -8.048  1.00 111.47 ? 304  GLN A O   1 
ATOM 297  C CB  . GLN A 1 63 ? -2.128  8.238   -6.132  1.00 104.33 ? 304  GLN A CB  1 
ATOM 298  C CG  . GLN A 1 63 ? -1.364  9.506   -6.036  1.00 104.33 ? 304  GLN A CG  1 
ATOM 299  C CD  . GLN A 1 63 ? 0.048   9.220   -5.631  1.00 104.33 ? 304  GLN A CD  1 
ATOM 300  O OE1 . GLN A 1 63 ? 0.689   8.313   -6.192  1.00 104.33 ? 304  GLN A OE1 1 
ATOM 301  N NE2 . GLN A 1 63 ? 0.554   9.968   -4.642  1.00 104.33 ? 304  GLN A NE2 1 
ATOM 302  N N   . ALA A 1 64 ? -4.231  6.174   -6.725  1.00 109.88 ? 305  ALA A N   1 
ATOM 303  C CA  . ALA A 1 64 ? -4.856  5.202   -7.597  1.00 109.88 ? 305  ALA A CA  1 
ATOM 304  C C   . ALA A 1 64 ? -6.329  5.580   -7.754  1.00 109.88 ? 305  ALA A C   1 
ATOM 305  O O   . ALA A 1 64 ? -6.875  5.510   -8.853  1.00 121.02 ? 305  ALA A O   1 
ATOM 306  C CB  . ALA A 1 64 ? -4.730  3.802   -7.007  1.00 117.67 ? 305  ALA A CB  1 
ATOM 307  N N   . ASP A 1 65 ? -6.955  6.003   -6.654  1.00 89.48  ? 306  ASP A N   1 
ATOM 308  C CA  . ASP A 1 65 ? -8.372  6.381   -6.647  1.00 89.48  ? 306  ASP A CA  1 
ATOM 309  C C   . ASP A 1 65 ? -8.710  7.582   -7.521  1.00 89.48  ? 306  ASP A C   1 
ATOM 310  O O   . ASP A 1 65 ? -9.642  7.524   -8.332  1.00 103.52 ? 306  ASP A O   1 
ATOM 311  C CB  . ASP A 1 65 ? -8.832  6.659   -5.212  1.00 121.00 ? 306  ASP A CB  1 
ATOM 312  C CG  . ASP A 1 65 ? -9.109  5.391   -4.441  1.00 121.00 ? 306  ASP A CG  1 
ATOM 313  O OD1 . ASP A 1 65 ? -9.208  5.463   -3.199  1.00 121.00 ? 306  ASP A OD1 1 
ATOM 314  O OD2 . ASP A 1 65 ? -9.238  4.324   -5.078  1.00 121.00 ? 306  ASP A OD2 1 
ATOM 315  N N   . ILE A 1 66 ? -7.960  8.670   -7.361  1.00 94.47  ? 307  ILE A N   1 
ATOM 316  C CA  . ILE A 1 66 ? -8.233  9.860   -8.150  1.00 94.47  ? 307  ILE A CA  1 
ATOM 317  C C   . ILE A 1 66 ? -7.963  9.605   -9.628  1.00 94.47  ? 307  ILE A C   1 
ATOM 318  O O   . ILE A 1 66 ? -8.689  10.109  -10.480 1.00 107.42 ? 307  ILE A O   1 
ATOM 319  C CB  . ILE A 1 66 ? -7.412  11.094  -7.664  1.00 94.14  ? 307  ILE A CB  1 
ATOM 320  C CG1 . ILE A 1 66 ? -5.934  10.947  -7.996  1.00 94.14  ? 307  ILE A CG1 1 
ATOM 321  C CG2 . ILE A 1 66 ? -7.538  11.236  -6.167  1.00 94.14  ? 307  ILE A CG2 1 
ATOM 322  C CD1 . ILE A 1 66 ? -5.071  12.176  -7.583  1.00 94.14  ? 307  ILE A CD1 1 
ATOM 323  N N   . TYR A 1 67 ? -6.931  8.817   -9.941  1.00 78.35  ? 308  TYR A N   1 
ATOM 324  C CA  . TYR A 1 67 ? -6.610  8.514   -11.344 1.00 78.35  ? 308  TYR A CA  1 
ATOM 325  C C   . TYR A 1 67 ? -7.657  7.607   -11.933 1.00 78.35  ? 308  TYR A C   1 
ATOM 326  O O   . TYR A 1 67 ? -8.014  7.741   -13.097 1.00 87.20  ? 308  TYR A O   1 
ATOM 327  C CB  . TYR A 1 67 ? -5.260  7.822   -11.486 1.00 92.99  ? 308  TYR A CB  1 
ATOM 328  C CG  . TYR A 1 67 ? -4.060  8.735   -11.381 1.00 92.99  ? 308  TYR A CG  1 
ATOM 329  C CD1 . TYR A 1 67 ? -2.910  8.302   -10.735 1.00 92.99  ? 308  TYR A CD1 1 
ATOM 330  C CD2 . TYR A 1 67 ? -4.066  10.025  -11.927 1.00 92.99  ? 308  TYR A CD2 1 
ATOM 331  C CE1 . TYR A 1 67 ? -1.795  9.116   -10.625 1.00 92.99  ? 308  TYR A CE1 1 
ATOM 332  C CE2 . TYR A 1 67 ? -2.947  10.855  -11.820 1.00 92.99  ? 308  TYR A CE2 1 
ATOM 333  C CZ  . TYR A 1 67 ? -1.814  10.386  -11.160 1.00 92.99  ? 308  TYR A CZ  1 
ATOM 334  O OH  . TYR A 1 67 ? -0.688  11.161  -10.986 1.00 92.99  ? 308  TYR A OH  1 
ATOM 335  N N   . LYS A 1 68 ? -8.139  6.661   -11.132 1.00 89.98  ? 309  LYS A N   1 
ATOM 336  C CA  . LYS A 1 68 ? -9.171  5.750   -11.607 1.00 89.98  ? 309  LYS A CA  1 
ATOM 337  C C   . LYS A 1 68 ? -10.375 6.630   -11.902 1.00 89.98  ? 309  LYS A C   1 
ATOM 338  O O   . LYS A 1 68 ? -11.020 6.489   -12.936 1.00 100.36 ? 309  LYS A O   1 
ATOM 339  C CB  . LYS A 1 68 ? -9.534  4.709   -10.539 1.00 105.82 ? 309  LYS A CB  1 
ATOM 340  C CG  . LYS A 1 68 ? -10.073 3.388   -11.103 1.00 105.82 ? 309  LYS A CG  1 
ATOM 341  C CD  . LYS A 1 68 ? -11.165 2.764   -10.210 1.00 105.82 ? 309  LYS A CD  1 
ATOM 342  C CE  . LYS A 1 68 ? -10.664 2.348   -8.814  1.00 105.82 ? 309  LYS A CE  1 
ATOM 343  N NZ  . LYS A 1 68 ? -11.767 2.188   -7.807  1.00 105.82 ? 309  LYS A NZ  1 
ATOM 344  N N   . ALA A 1 69 ? -10.647 7.570   -10.999 1.00 105.03 ? 310  ALA A N   1 
ATOM 345  C CA  . ALA A 1 69 ? -11.783 8.476   -11.151 1.00 105.03 ? 310  ALA A CA  1 
ATOM 346  C C   . ALA A 1 69 ? -11.632 9.489   -12.282 1.00 105.03 ? 310  ALA A C   1 
ATOM 347  O O   . ALA A 1 69 ? -12.597 9.760   -12.996 1.00 115.28 ? 310  ALA A O   1 
ATOM 348  C CB  . ALA A 1 69 ? -12.039 9.196   -9.856  1.00 76.77  ? 310  ALA A CB  1 
ATOM 349  N N   . ASP A 1 70 ? -10.433 10.060  -12.428 1.00 106.29 ? 311  ASP A N   1 
ATOM 350  C CA  . ASP A 1 70 ? -10.164 11.042  -13.480 1.00 106.29 ? 311  ASP A CA  1 
ATOM 351  C C   . ASP A 1 70 ? -10.334 10.336  -14.810 1.00 106.29 ? 311  ASP A C   1 
ATOM 352  O O   . ASP A 1 70 ? -10.861 10.887  -15.774 1.00 115.72 ? 311  ASP A O   1 
ATOM 353  C CB  . ASP A 1 70 ? -8.737  11.581  -13.355 1.00 152.08 ? 311  ASP A CB  1 
ATOM 354  C CG  . ASP A 1 70 ? -8.553  12.481  -12.143 1.00 152.08 ? 311  ASP A CG  1 
ATOM 355  O OD1 . ASP A 1 70 ? -7.443  13.033  -11.975 1.00 152.08 ? 311  ASP A OD1 1 
ATOM 356  O OD2 . ASP A 1 70 ? -9.513  12.642  -11.359 1.00 152.08 ? 311  ASP A OD2 1 
ATOM 357  N N   . PHE A 1 71 ? -9.886  9.089   -14.836 1.00 92.00  ? 312  PHE A N   1 
ATOM 358  C CA  . PHE A 1 71 ? -9.966  8.269   -16.024 1.00 92.00  ? 312  PHE A CA  1 
ATOM 359  C C   . PHE A 1 71 ? -11.421 7.959   -16.357 1.00 92.00  ? 312  PHE A C   1 
ATOM 360  O O   . PHE A 1 71 ? -11.813 8.016   -17.521 1.00 103.92 ? 312  PHE A O   1 
ATOM 361  C CB  . PHE A 1 71 ? -9.178  6.974   -15.822 1.00 108.69 ? 312  PHE A CB  1 
ATOM 362  C CG  . PHE A 1 71 ? -9.594  5.878   -16.746 1.00 108.69 ? 312  PHE A CG  1 
ATOM 363  C CD1 . PHE A 1 71 ? -9.436  6.018   -18.119 1.00 108.69 ? 312  PHE A CD1 1 
ATOM 364  C CD2 . PHE A 1 71 ? -10.222 4.737   -16.247 1.00 108.69 ? 312  PHE A CD2 1 
ATOM 365  C CE1 . PHE A 1 71 ? -9.902  5.043   -18.984 1.00 108.69 ? 312  PHE A CE1 1 
ATOM 366  C CE2 . PHE A 1 71 ? -10.692 3.755   -17.098 1.00 108.69 ? 312  PHE A CE2 1 
ATOM 367  C CZ  . PHE A 1 71 ? -10.535 3.907   -18.474 1.00 108.69 ? 312  PHE A CZ  1 
ATOM 368  N N   . GLN A 1 72 ? -12.205 7.635   -15.324 1.00 117.64 ? 313  GLN A N   1 
ATOM 369  C CA  . GLN A 1 72 ? -13.631 7.322   -15.471 1.00 117.64 ? 313  GLN A CA  1 
ATOM 370  C C   . GLN A 1 72 ? -14.424 8.550   -15.917 1.00 117.64 ? 313  GLN A C   1 
ATOM 371  O O   . GLN A 1 72 ? -15.427 8.428   -16.629 1.00 124.48 ? 313  GLN A O   1 
ATOM 372  C CB  . GLN A 1 72 ? -14.200 6.785   -14.153 1.00 122.45 ? 313  GLN A CB  1 
ATOM 373  C CG  . GLN A 1 72 ? -13.818 5.334   -13.874 1.00 122.45 ? 313  GLN A CG  1 
ATOM 374  C CD  . GLN A 1 72 ? -14.206 4.855   -12.473 1.00 122.45 ? 313  GLN A CD  1 
ATOM 375  O OE1 . GLN A 1 72 ? -14.038 3.680   -12.148 1.00 122.45 ? 313  GLN A OE1 1 
ATOM 376  N NE2 . GLN A 1 72 ? -14.720 5.763   -11.641 1.00 122.45 ? 313  GLN A NE2 1 
ATOM 377  N N   . ALA A 1 73 ? -13.973 9.730   -15.485 1.00 110.21 ? 314  ALA A N   1 
ATOM 378  C CA  . ALA A 1 73 ? -14.599 10.990  -15.864 1.00 110.21 ? 314  ALA A CA  1 
ATOM 379  C C   . ALA A 1 73 ? -14.401 11.119  -17.368 1.00 110.21 ? 314  ALA A C   1 
ATOM 380  O O   . ALA A 1 73 ? -15.354 11.253  -18.121 1.00 122.39 ? 314  ALA A O   1 
ATOM 381  C CB  . ALA A 1 73 ? -13.927 12.151  -15.145 1.00 199.96 ? 314  ALA A CB  1 
ATOM 382  N N   . GLU A 1 74 ? -13.146 11.065  -17.797 1.00 99.70  ? 315  GLU A N   1 
ATOM 383  C CA  . GLU A 1 74 ? -12.797 11.155  -19.212 1.00 99.70  ? 315  GLU A CA  1 
ATOM 384  C C   . GLU A 1 74 ? -13.395 10.000  -20.016 1.00 99.70  ? 315  GLU A C   1 
ATOM 385  O O   . GLU A 1 74 ? -13.884 10.208  -21.118 1.00 115.40 ? 315  GLU A O   1 
ATOM 386  C CB  . GLU A 1 74 ? -11.282 11.134  -19.363 1.00 123.07 ? 315  GLU A CB  1 
ATOM 387  C CG  . GLU A 1 74 ? -10.587 12.264  -18.656 1.00 123.07 ? 315  GLU A CG  1 
ATOM 388  C CD  . GLU A 1 74 ? -10.756 13.558  -19.392 1.00 123.07 ? 315  GLU A CD  1 
ATOM 389  O OE1 . GLU A 1 74 ? -10.147 14.571  -18.977 1.00 123.07 ? 315  GLU A OE1 1 
ATOM 390  O OE2 . GLU A 1 74 ? -11.500 13.549  -20.397 1.00 123.07 ? 315  GLU A OE2 1 
ATOM 391  N N   . ARG A 1 75 ? -13.330 8.783   -19.468 1.00 163.72 ? 316  ARG A N   1 
ATOM 392  C CA  . ARG A 1 75 ? -13.876 7.592   -20.130 1.00 163.72 ? 316  ARG A CA  1 
ATOM 393  C C   . ARG A 1 75 ? -15.305 7.869   -20.546 1.00 163.72 ? 316  ARG A C   1 
ATOM 394  O O   . ARG A 1 75 ? -15.700 7.564   -21.668 1.00 144.97 ? 316  ARG A O   1 
ATOM 395  C CB  . ARG A 1 75 ? -13.851 6.381   -19.184 1.00 168.43 ? 316  ARG A CB  1 
ATOM 396  C CG  . ARG A 1 75 ? -14.724 5.188   -19.609 1.00 168.43 ? 316  ARG A CG  1 
ATOM 397  C CD  . ARG A 1 75 ? -13.898 3.972   -20.036 1.00 168.43 ? 316  ARG A CD  1 
ATOM 398  N NE  . ARG A 1 75 ? -13.394 4.071   -21.408 1.00 168.43 ? 316  ARG A NE  1 
ATOM 399  C CZ  . ARG A 1 75 ? -12.609 3.164   -21.990 1.00 168.43 ? 316  ARG A CZ  1 
ATOM 400  N NH1 . ARG A 1 75 ? -12.228 2.085   -21.317 1.00 168.43 ? 316  ARG A NH1 1 
ATOM 401  N NH2 . ARG A 1 75 ? -12.209 3.329   -23.249 1.00 168.43 ? 316  ARG A NH2 1 
ATOM 402  N N   . GLN A 1 76 ? -16.072 8.457   -19.633 1.00 152.37 ? 317  GLN A N   1 
ATOM 403  C CA  . GLN A 1 76 ? -17.463 8.785   -19.897 1.00 152.37 ? 317  GLN A CA  1 
ATOM 404  C C   . GLN A 1 76 ? -17.616 10.073  -20.724 1.00 152.37 ? 317  GLN A C   1 
ATOM 405  O O   . GLN A 1 76 ? -18.450 10.127  -21.624 1.00 152.37 ? 317  GLN A O   1 
ATOM 406  C CB  . GLN A 1 76 ? -18.221 8.912   -18.582 1.00 174.57 ? 317  GLN A CB  1 
ATOM 407  C CG  . GLN A 1 76 ? -19.667 8.502   -18.686 1.00 174.57 ? 317  GLN A CG  1 
ATOM 408  C CD  . GLN A 1 76 ? -20.424 8.752   -17.406 1.00 174.57 ? 317  GLN A CD  1 
ATOM 409  O OE1 . GLN A 1 76 ? -20.656 9.901   -17.027 1.00 174.57 ? 317  GLN A OE1 1 
ATOM 410  N NE2 . GLN A 1 76 ? -20.810 7.678   -16.723 1.00 174.57 ? 317  GLN A NE2 1 
ATOM 411  N N   . ALA A 1 77 ? -16.820 11.102  -20.430 1.00 136.58 ? 318  ALA A N   1 
ATOM 412  C CA  . ALA A 1 77 ? -16.880 12.359  -21.184 1.00 136.58 ? 318  ALA A CA  1 
ATOM 413  C C   . ALA A 1 77 ? -16.414 12.149  -22.616 1.00 136.58 ? 318  ALA A C   1 
ATOM 414  O O   . ALA A 1 77 ? -16.860 12.838  -23.528 1.00 115.16 ? 318  ALA A O   1 
ATOM 415  C CB  . ALA A 1 77 ? -16.014 13.411  -20.531 1.00 80.65  ? 318  ALA A CB  1 
ATOM 416  N N   . ARG A 1 78 ? -15.494 11.208  -22.803 1.00 159.02 ? 319  ARG A N   1 
ATOM 417  C CA  . ARG A 1 78 ? -14.969 10.895  -24.127 1.00 159.02 ? 319  ARG A CA  1 
ATOM 418  C C   . ARG A 1 78 ? -16.033 10.102  -24.864 1.00 159.02 ? 319  ARG A C   1 
ATOM 419  O O   . ARG A 1 78 ? -15.898 9.818   -26.047 1.00 137.29 ? 319  ARG A O   1 
ATOM 420  C CB  . ARG A 1 78 ? -13.681 10.076  -24.007 1.00 183.76 ? 319  ARG A CB  1 
ATOM 421  C CG  . ARG A 1 78 ? -12.914 9.870   -25.307 1.00 183.76 ? 319  ARG A CG  1 
ATOM 422  C CD  . ARG A 1 78 ? -13.232 8.532   -25.962 1.00 183.76 ? 319  ARG A CD  1 
ATOM 423  N NE  . ARG A 1 78 ? -12.348 8.258   -27.095 1.00 183.76 ? 319  ARG A NE  1 
ATOM 424  C CZ  . ARG A 1 78 ? -12.395 7.155   -27.838 1.00 183.76 ? 319  ARG A CZ  1 
ATOM 425  N NH1 . ARG A 1 78 ? -13.287 6.210   -27.574 1.00 183.76 ? 319  ARG A NH1 1 
ATOM 426  N NH2 . ARG A 1 78 ? -11.547 6.993   -28.845 1.00 183.76 ? 319  ARG A NH2 1 
ATOM 427  N N   . GLU A 1 79 ? -17.096 9.742   -24.156 1.00 150.44 ? 320  GLU A N   1 
ATOM 428  C CA  . GLU A 1 79 ? -18.191 9.004   -24.762 1.00 150.44 ? 320  GLU A CA  1 
ATOM 429  C C   . GLU A 1 79 ? -19.378 9.930   -25.061 1.00 150.44 ? 320  GLU A C   1 
ATOM 430  O O   . GLU A 1 79 ? -19.967 9.863   -26.146 1.00 125.64 ? 320  GLU A O   1 
ATOM 431  C CB  . GLU A 1 79 ? -18.606 7.842   -23.858 1.00 182.17 ? 320  GLU A CB  1 
ATOM 432  C CG  . GLU A 1 79 ? -17.695 6.629   -24.005 1.00 182.17 ? 320  GLU A CG  1 
ATOM 433  C CD  . GLU A 1 79 ? -18.043 5.509   -23.043 1.00 182.17 ? 320  GLU A CD  1 
ATOM 434  O OE1 . GLU A 1 79 ? -19.247 5.323   -22.764 1.00 182.17 ? 320  GLU A OE1 1 
ATOM 435  O OE2 . GLU A 1 79 ? -17.115 4.805   -22.580 1.00 182.17 ? 320  GLU A OE2 1 
ATOM 436  N N   . LYS A 1 80 ? -19.724 10.805  -24.118 1.00 149.37 ? 321  LYS A N   1 
ATOM 437  C CA  . LYS A 1 80 ? -20.824 11.738  -24.342 1.00 149.37 ? 321  LYS A CA  1 
ATOM 438  C C   . LYS A 1 80 ? -20.433 12.698  -25.462 1.00 149.37 ? 321  LYS A C   1 
ATOM 439  O O   . LYS A 1 80 ? -21.294 13.277  -26.111 1.00 126.13 ? 321  LYS A O   1 
ATOM 440  C CB  . LYS A 1 80 ? -21.155 12.532  -23.072 1.00 152.96 ? 321  LYS A CB  1 
ATOM 441  C CG  . LYS A 1 80 ? -21.640 11.707  -21.876 1.00 152.96 ? 321  LYS A CG  1 
ATOM 442  C CD  . LYS A 1 80 ? -23.038 11.119  -22.054 1.00 152.96 ? 321  LYS A CD  1 
ATOM 443  C CE  . LYS A 1 80 ? -23.067 9.861   -22.931 1.00 152.96 ? 321  LYS A CE  1 
ATOM 444  N NZ  . LYS A 1 80 ? -23.067 10.135  -24.399 1.00 152.96 ? 321  LYS A NZ  1 
ATOM 445  N N   . LEU A 1 81 ? -19.131 12.863  -25.687 1.00 143.92 ? 322  LEU A N   1 
ATOM 446  C CA  . LEU A 1 81 ? -18.649 13.743  -26.752 1.00 143.92 ? 322  LEU A CA  1 
ATOM 447  C C   . LEU A 1 81 ? -18.481 12.983  -28.063 1.00 143.92 ? 322  LEU A C   1 
ATOM 448  O O   . LEU A 1 81 ? -18.132 13.567  -29.084 1.00 119.81 ? 322  LEU A O   1 
ATOM 449  C CB  . LEU A 1 81 ? -17.315 14.381  -26.379 1.00 112.19 ? 322  LEU A CB  1 
ATOM 450  C CG  . LEU A 1 81 ? -16.737 15.251  -27.499 1.00 112.19 ? 322  LEU A CG  1 
ATOM 451  C CD1 . LEU A 1 81 ? -17.657 16.433  -27.761 1.00 112.19 ? 322  LEU A CD1 1 
ATOM 452  C CD2 . LEU A 1 81 ? -15.359 15.734  -27.112 1.00 112.19 ? 322  LEU A CD2 1 
ATOM 453  N N   . ALA A 1 82 ? -18.703 11.673  -28.017 1.00 147.94 ? 323  ALA A N   1 
ATOM 454  C CA  . ALA A 1 82 ? -18.615 10.829  -29.201 1.00 147.94 ? 323  ALA A CA  1 
ATOM 455  C C   . ALA A 1 82 ? -20.061 10.516  -29.535 1.00 147.94 ? 323  ALA A C   1 
ATOM 456  O O   . ALA A 1 82 ? -20.359 9.692   -30.396 1.00 125.51 ? 323  ALA A O   1 
ATOM 457  C CB  . ALA A 1 82 ? -17.852 9.552   -28.894 1.00 107.91 ? 323  ALA A CB  1 
ATOM 458  N N   . GLU A 1 83 ? -20.951 11.196  -28.819 1.00 199.87 ? 324  GLU A N   1 
ATOM 459  C CA  . GLU A 1 83 ? -22.392 11.064  -28.982 1.00 199.87 ? 324  GLU A CA  1 
ATOM 460  C C   . GLU A 1 83 ? -22.846 12.117  -29.991 1.00 199.87 ? 324  GLU A C   1 
ATOM 461  O O   . GLU A 1 83 ? -23.859 11.955  -30.675 1.00 177.39 ? 324  GLU A O   1 
ATOM 462  C CB  . GLU A 1 83 ? -23.088 11.298  -27.635 1.00 176.69 ? 324  GLU A CB  1 
ATOM 463  C CG  . GLU A 1 83 ? -24.595 11.303  -27.707 1.00 176.69 ? 324  GLU A CG  1 
ATOM 464  C CD  . GLU A 1 83 ? -25.126 10.007  -28.256 1.00 176.69 ? 324  GLU A CD  1 
ATOM 465  O OE1 . GLU A 1 83 ? -24.978 8.970   -27.578 1.00 176.69 ? 324  GLU A OE1 1 
ATOM 466  O OE2 . GLU A 1 83 ? -25.681 10.023  -29.373 1.00 176.69 ? 324  GLU A OE2 1 
ATOM 467  N N   . LYS A 1 84 ? -22.078 13.198  -30.068 1.00 162.07 ? 325  LYS A N   1 
ATOM 468  C CA  . LYS A 1 84 ? -22.384 14.277  -30.983 1.00 162.07 ? 325  LYS A CA  1 
ATOM 469  C C   . LYS A 1 84 ? -21.440 14.258  -32.187 1.00 162.07 ? 325  LYS A C   1 
ATOM 470  O O   . LYS A 1 84 ? -20.840 15.269  -32.549 1.00 141.29 ? 325  LYS A O   1 
ATOM 471  C CB  . LYS A 1 84 ? -22.328 15.622  -30.242 1.00 135.11 ? 325  LYS A CB  1 
ATOM 472  C CG  . LYS A 1 84 ? -23.328 15.701  -29.085 1.00 135.11 ? 325  LYS A CG  1 
ATOM 473  C CD  . LYS A 1 84 ? -23.760 17.132  -28.744 1.00 135.11 ? 325  LYS A CD  1 
ATOM 474  C CE  . LYS A 1 84 ? -22.668 17.956  -28.070 1.00 135.11 ? 325  LYS A CE  1 
ATOM 475  N NZ  . LYS A 1 84 ? -23.183 19.268  -27.557 1.00 135.11 ? 325  LYS A NZ  1 
ATOM 476  N N   . LYS A 1 85 ? -21.310 13.078  -32.789 1.00 197.94 ? 326  LYS A N   1 
ATOM 477  C CA  . LYS A 1 85 ? -20.488 12.862  -33.983 1.00 197.94 ? 326  LYS A CA  1 
ATOM 478  C C   . LYS A 1 85 ? -21.463 12.305  -35.015 1.00 197.94 ? 326  LYS A C   1 
ATOM 479  O O   . LYS A 1 85 ? -21.200 12.303  -36.222 1.00 177.13 ? 326  LYS A O   1 
ATOM 480  C CB  . LYS A 1 85 ? -19.385 11.831  -33.709 1.00 154.58 ? 326  LYS A CB  1 
ATOM 481  C CG  . LYS A 1 85 ? -18.957 11.013  -34.938 1.00 154.58 ? 326  LYS A CG  1 
ATOM 482  C CD  . LYS A 1 85 ? -18.134 9.784   -34.543 1.00 154.58 ? 326  LYS A CD  1 
ATOM 483  C CE  . LYS A 1 85 ? -18.015 8.797   -35.696 1.00 154.58 ? 326  LYS A CE  1 
ATOM 484  N NZ  . LYS A 1 85 ? -19.346 8.261   -36.093 1.00 154.58 ? 326  LYS A NZ  1 
ATOM 485  N N   . GLU A 1 86 ? -22.596 11.832  -34.497 1.00 199.96 ? 327  GLU A N   1 
ATOM 486  C CA  . GLU A 1 86 ? -23.673 11.253  -35.294 1.00 199.96 ? 327  GLU A CA  1 
ATOM 487  C C   . GLU A 1 86 ? -24.510 12.405  -35.846 1.00 199.96 ? 327  GLU A C   1 
ATOM 488  O O   . GLU A 1 86 ? -24.966 12.374  -36.993 1.00 197.45 ? 327  GLU A O   1 
ATOM 489  C CB  . GLU A 1 86 ? -24.558 10.363  -34.410 1.00 199.13 ? 327  GLU A CB  1 
ATOM 490  C CG  . GLU A 1 86 ? -23.841 9.711   -33.223 1.00 199.13 ? 327  GLU A CG  1 
ATOM 491  C CD  . GLU A 1 86 ? -22.755 8.728   -33.639 1.00 199.13 ? 327  GLU A CD  1 
ATOM 492  O OE1 . GLU A 1 86 ? -23.083 7.721   -34.301 1.00 199.13 ? 327  GLU A OE1 1 
ATOM 493  O OE2 . GLU A 1 86 ? -21.573 8.957   -33.300 1.00 199.13 ? 327  GLU A OE2 1 
ATOM 494  N N   . LEU A 1 87 ? -24.700 13.419  -35.006 1.00 199.96 ? 328  LEU A N   1 
ATOM 495  C CA  . LEU A 1 87 ? -25.476 14.605  -35.351 1.00 199.96 ? 328  LEU A CA  1 
ATOM 496  C C   . LEU A 1 87 ? -24.719 15.530  -36.320 1.00 199.96 ? 328  LEU A C   1 
ATOM 497  O O   . LEU A 1 87 ? -25.322 16.107  -37.232 1.00 199.96 ? 328  LEU A O   1 
ATOM 498  C CB  . LEU A 1 87 ? -25.873 15.355  -34.064 1.00 145.09 ? 328  LEU A CB  1 
ATOM 499  C CG  . LEU A 1 87 ? -26.887 14.670  -33.118 1.00 145.09 ? 328  LEU A CG  1 
ATOM 500  C CD1 . LEU A 1 87 ? -26.362 13.314  -32.642 1.00 145.09 ? 328  LEU A CD1 1 
ATOM 501  C CD2 . LEU A 1 87 ? -27.171 15.569  -31.915 1.00 145.09 ? 328  LEU A CD2 1 
ATOM 502  N N   . LEU A 1 88 ? -23.407 15.663  -36.132 1.00 136.13 ? 329  LEU A N   1 
ATOM 503  C CA  . LEU A 1 88 ? -22.579 16.507  -37.002 1.00 136.13 ? 329  LEU A CA  1 
ATOM 504  C C   . LEU A 1 88 ? -21.685 15.657  -37.918 1.00 136.13 ? 329  LEU A C   1 
ATOM 505  O O   . LEU A 1 88 ? -22.158 14.812  -38.690 1.00 136.13 ? 329  LEU A O   1 
ATOM 506  C CB  . LEU A 1 88 ? -21.698 17.448  -36.160 1.00 146.99 ? 329  LEU A CB  1 
ATOM 507  C CG  . LEU A 1 88 ? -22.328 18.479  -35.210 1.00 146.99 ? 329  LEU A CG  1 
ATOM 508  C CD1 . LEU A 1 88 ? -21.226 19.195  -34.451 1.00 146.99 ? 329  LEU A CD1 1 
ATOM 509  C CD2 . LEU A 1 88 ? -23.163 19.487  -35.982 1.00 146.99 ? 329  LEU A CD2 1 
ATOM 510  N N   . LEU B 1 22 ? 15.705  -22.802 47.307  1.00 196.81 ? 1263 LEU B N   1 
ATOM 511  C CA  . LEU B 1 22 ? 16.735  -22.734 46.271  1.00 196.81 ? 1263 LEU B CA  1 
ATOM 512  C C   . LEU B 1 22 ? 16.128  -22.842 44.861  1.00 196.81 ? 1263 LEU B C   1 
ATOM 513  O O   . LEU B 1 22 ? 16.853  -22.939 43.867  1.00 196.81 ? 1263 LEU B O   1 
ATOM 514  C CB  . LEU B 1 22 ? 17.780  -23.856 46.475  1.00 133.71 ? 1263 LEU B CB  1 
ATOM 515  C CG  . LEU B 1 22 ? 18.664  -23.921 47.740  1.00 133.71 ? 1263 LEU B CG  1 
ATOM 516  C CD1 . LEU B 1 22 ? 19.699  -25.052 47.592  1.00 133.71 ? 1263 LEU B CD1 1 
ATOM 517  C CD2 . LEU B 1 22 ? 19.373  -22.585 47.960  1.00 133.71 ? 1263 LEU B CD2 1 
ATOM 518  N N   . LYS B 1 23 ? 14.799  -22.812 44.779  1.00 182.84 ? 1264 LYS B N   1 
ATOM 519  C CA  . LYS B 1 23 ? 14.109  -22.933 43.495  1.00 182.84 ? 1264 LYS B CA  1 
ATOM 520  C C   . LYS B 1 23 ? 13.361  -21.654 43.144  1.00 182.84 ? 1264 LYS B C   1 
ATOM 521  O O   . LYS B 1 23 ? 12.319  -21.696 42.490  1.00 193.58 ? 1264 LYS B O   1 
ATOM 522  C CB  . LYS B 1 23 ? 13.126  -24.104 43.545  1.00 157.23 ? 1264 LYS B CB  1 
ATOM 523  C CG  . LYS B 1 23 ? 12.613  -24.589 42.195  1.00 157.23 ? 1264 LYS B CG  1 
ATOM 524  C CD  . LYS B 1 23 ? 11.544  -25.666 42.407  1.00 157.23 ? 1264 LYS B CD  1 
ATOM 525  C CE  . LYS B 1 23 ? 11.120  -26.348 41.110  1.00 157.23 ? 1264 LYS B CE  1 
ATOM 526  N NZ  . LYS B 1 23 ? 12.145  -27.296 40.593  1.00 157.23 ? 1264 LYS B NZ  1 
ATOM 527  N N   . GLN B 1 24 ? 13.896  -20.521 43.588  1.00 199.96 ? 1265 GLN B N   1 
ATOM 528  C CA  . GLN B 1 24 ? 13.287  -19.222 43.313  1.00 199.96 ? 1265 GLN B CA  1 
ATOM 529  C C   . GLN B 1 24 ? 13.955  -18.473 42.160  1.00 199.96 ? 1265 GLN B C   1 
ATOM 530  O O   . GLN B 1 24 ? 13.889  -17.244 42.087  1.00 199.96 ? 1265 GLN B O   1 
ATOM 531  C CB  . GLN B 1 24 ? 13.310  -18.344 44.569  1.00 199.96 ? 1265 GLN B CB  1 
ATOM 532  C CG  . GLN B 1 24 ? 12.115  -18.554 45.470  1.00 199.96 ? 1265 GLN B CG  1 
ATOM 533  C CD  . GLN B 1 24 ? 10.799  -18.392 44.725  1.00 199.96 ? 1265 GLN B CD  1 
ATOM 534  O OE1 . GLN B 1 24 ? 10.478  -19.172 43.823  1.00 199.96 ? 1265 GLN B OE1 1 
ATOM 535  N NE2 . GLN B 1 24 ? 10.030  -17.374 45.099  1.00 199.96 ? 1265 GLN B NE2 1 
ATOM 536  N N   . GLN B 1 25 ? 14.599  -19.218 41.265  1.00 199.96 ? 1266 GLN B N   1 
ATOM 537  C CA  . GLN B 1 25 ? 15.276  -18.633 40.111  1.00 199.96 ? 1266 GLN B CA  1 
ATOM 538  C C   . GLN B 1 25 ? 14.916  -19.399 38.836  1.00 199.96 ? 1266 GLN B C   1 
ATOM 539  O O   . GLN B 1 25 ? 14.731  -18.793 37.780  1.00 199.96 ? 1266 GLN B O   1 
ATOM 540  C CB  . GLN B 1 25 ? 16.797  -18.631 40.323  1.00 199.92 ? 1266 GLN B CB  1 
ATOM 541  C CG  . GLN B 1 25 ? 17.321  -17.602 41.329  1.00 199.92 ? 1266 GLN B CG  1 
ATOM 542  C CD  . GLN B 1 25 ? 17.547  -18.170 42.732  1.00 199.92 ? 1266 GLN B CD  1 
ATOM 543  O OE1 . GLN B 1 25 ? 17.960  -17.446 43.645  1.00 199.92 ? 1266 GLN B OE1 1 
ATOM 544  N NE2 . GLN B 1 25 ? 17.285  -19.464 42.906  1.00 199.92 ? 1266 GLN B NE2 1 
ATOM 545  N N   . LEU B 1 26 ? 14.823  -20.727 38.937  1.00 180.60 ? 1267 LEU B N   1 
ATOM 546  C CA  . LEU B 1 26 ? 14.452  -21.568 37.796  1.00 180.60 ? 1267 LEU B CA  1 
ATOM 547  C C   . LEU B 1 26 ? 12.923  -21.618 37.816  1.00 180.60 ? 1267 LEU B C   1 
ATOM 548  O O   . LEU B 1 26 ? 12.283  -22.323 37.032  1.00 183.22 ? 1267 LEU B O   1 
ATOM 549  C CB  . LEU B 1 26 ? 15.036  -22.983 37.944  1.00 126.69 ? 1267 LEU B CB  1 
ATOM 550  C CG  . LEU B 1 26 ? 15.163  -23.867 36.689  1.00 126.69 ? 1267 LEU B CG  1 
ATOM 551  C CD1 . LEU B 1 26 ? 16.302  -23.371 35.790  1.00 126.69 ? 1267 LEU B CD1 1 
ATOM 552  C CD2 . LEU B 1 26 ? 15.425  -25.306 37.114  1.00 126.69 ? 1267 LEU B CD2 1 
ATOM 553  N N   . GLN B 1 27 ? 12.362  -20.849 38.748  1.00 199.96 ? 1268 GLN B N   1 
ATOM 554  C CA  . GLN B 1 27 ? 10.921  -20.720 38.937  1.00 199.96 ? 1268 GLN B CA  1 
ATOM 555  C C   . GLN B 1 27 ? 10.556  -19.263 38.651  1.00 199.96 ? 1268 GLN B C   1 
ATOM 556  O O   . GLN B 1 27 ? 9.399   -18.936 38.388  1.00 199.96 ? 1268 GLN B O   1 
ATOM 557  C CB  . GLN B 1 27 ? 10.543  -21.087 40.378  1.00 199.36 ? 1268 GLN B CB  1 
ATOM 558  C CG  . GLN B 1 27 ? 9.130   -20.681 40.805  1.00 199.36 ? 1268 GLN B CG  1 
ATOM 559  C CD  . GLN B 1 27 ? 8.035   -21.359 39.997  1.00 199.36 ? 1268 GLN B CD  1 
ATOM 560  O OE1 . GLN B 1 27 ? 7.957   -21.209 38.777  1.00 199.36 ? 1268 GLN B OE1 1 
ATOM 561  N NE2 . GLN B 1 27 ? 7.177   -22.108 40.683  1.00 199.36 ? 1268 GLN B NE2 1 
ATOM 562  N N   . GLN B 1 28 ? 11.563  -18.395 38.712  1.00 182.61 ? 1269 GLN B N   1 
ATOM 563  C CA  . GLN B 1 28 ? 11.393  -16.971 38.443  1.00 182.61 ? 1269 GLN B CA  1 
ATOM 564  C C   . GLN B 1 28 ? 11.676  -16.713 36.963  1.00 182.61 ? 1269 GLN B C   1 
ATOM 565  O O   . GLN B 1 28 ? 10.932  -16.001 36.282  1.00 172.27 ? 1269 GLN B O   1 
ATOM 566  C CB  . GLN B 1 28 ? 12.368  -16.152 39.298  1.00 187.92 ? 1269 GLN B CB  1 
ATOM 567  C CG  . GLN B 1 28 ? 11.910  -15.869 40.727  1.00 187.92 ? 1269 GLN B CG  1 
ATOM 568  C CD  . GLN B 1 28 ? 10.969  -14.686 40.823  1.00 187.92 ? 1269 GLN B CD  1 
ATOM 569  O OE1 . GLN B 1 28 ? 9.831   -14.742 40.356  1.00 187.92 ? 1269 GLN B OE1 1 
ATOM 570  N NE2 . GLN B 1 28 ? 11.444  -13.599 41.424  1.00 187.92 ? 1269 GLN B NE2 1 
ATOM 571  N N   . ALA B 1 29 ? 12.760  -17.304 36.473  1.00 199.37 ? 1270 ALA B N   1 
ATOM 572  C CA  . ALA B 1 29 ? 13.157  -17.149 35.082  1.00 199.37 ? 1270 ALA B CA  1 
ATOM 573  C C   . ALA B 1 29 ? 12.263  -17.946 34.134  1.00 199.37 ? 1270 ALA B C   1 
ATOM 574  O O   . ALA B 1 29 ? 12.035  -17.530 33.001  1.00 199.37 ? 1270 ALA B O   1 
ATOM 575  C CB  . ALA B 1 29 ? 14.609  -17.574 34.911  1.00 167.18 ? 1270 ALA B CB  1 
ATOM 576  N N   . GLU B 1 30 ? 11.762  -19.090 34.598  1.00 199.96 ? 1271 GLU B N   1 
ATOM 577  C CA  . GLU B 1 30 ? 10.895  -19.949 33.786  1.00 199.96 ? 1271 GLU B CA  1 
ATOM 578  C C   . GLU B 1 30 ? 9.563   -19.275 33.455  1.00 199.96 ? 1271 GLU B C   1 
ATOM 579  O O   . GLU B 1 30 ? 8.917   -19.611 32.459  1.00 199.96 ? 1271 GLU B O   1 
ATOM 580  C CB  . GLU B 1 30 ? 10.649  -21.281 34.510  1.00 189.42 ? 1271 GLU B CB  1 
ATOM 581  C CG  . GLU B 1 30 ? 9.731   -22.269 33.783  1.00 189.42 ? 1271 GLU B CG  1 
ATOM 582  C CD  . GLU B 1 30 ? 10.228  -22.660 32.393  1.00 189.42 ? 1271 GLU B CD  1 
ATOM 583  O OE1 . GLU B 1 30 ? 11.413  -23.029 32.250  1.00 189.42 ? 1271 GLU B OE1 1 
ATOM 584  O OE2 . GLU B 1 30 ? 9.422   -22.613 31.439  1.00 189.42 ? 1271 GLU B OE2 1 
ATOM 585  N N   . GLU B 1 31 ? 9.154   -18.324 34.292  1.00 186.58 ? 1272 GLU B N   1 
ATOM 586  C CA  . GLU B 1 31 ? 7.906   -17.600 34.074  1.00 186.58 ? 1272 GLU B CA  1 
ATOM 587  C C   . GLU B 1 31 ? 8.179   -16.356 33.236  1.00 186.58 ? 1272 GLU B C   1 
ATOM 588  O O   . GLU B 1 31 ? 7.265   -15.780 32.644  1.00 186.14 ? 1272 GLU B O   1 
ATOM 589  C CB  . GLU B 1 31 ? 7.268   -17.208 35.414  1.00 199.96 ? 1272 GLU B CB  1 
ATOM 590  C CG  . GLU B 1 31 ? 6.886   -18.404 36.300  1.00 199.96 ? 1272 GLU B CG  1 
ATOM 591  C CD  . GLU B 1 31 ? 6.011   -18.018 37.488  1.00 199.96 ? 1272 GLU B CD  1 
ATOM 592  O OE1 . GLU B 1 31 ? 6.436   -17.160 38.294  1.00 199.96 ? 1272 GLU B OE1 1 
ATOM 593  O OE2 . GLU B 1 31 ? 4.897   -18.578 37.618  1.00 199.96 ? 1272 GLU B OE2 1 
ATOM 594  N N   . ALA B 1 32 ? 9.450   -15.961 33.189  1.00 199.64 ? 1273 ALA B N   1 
ATOM 595  C CA  . ALA B 1 32 ? 9.885   -14.798 32.422  1.00 199.64 ? 1273 ALA B CA  1 
ATOM 596  C C   . ALA B 1 32 ? 10.445  -15.240 31.068  1.00 199.64 ? 1273 ALA B C   1 
ATOM 597  O O   . ALA B 1 32 ? 10.493  -14.456 30.120  1.00 178.05 ? 1273 ALA B O   1 
ATOM 598  C CB  . ALA B 1 32 ? 10.947  -14.022 33.202  1.00 157.97 ? 1273 ALA B CB  1 
ATOM 599  N N   . LEU B 1 33 ? 10.871  -16.499 30.992  1.00 199.96 ? 1274 LEU B N   1 
ATOM 600  C CA  . LEU B 1 33 ? 11.422  -17.069 29.764  1.00 199.96 ? 1274 LEU B CA  1 
ATOM 601  C C   . LEU B 1 33 ? 10.272  -17.542 28.877  1.00 199.96 ? 1274 LEU B C   1 
ATOM 602  O O   . LEU B 1 33 ? 10.469  -17.899 27.713  1.00 199.96 ? 1274 LEU B O   1 
ATOM 603  C CB  . LEU B 1 33 ? 12.357  -18.242 30.095  1.00 160.13 ? 1274 LEU B CB  1 
ATOM 604  C CG  . LEU B 1 33 ? 13.023  -18.984 28.929  1.00 160.13 ? 1274 LEU B CG  1 
ATOM 605  C CD1 . LEU B 1 33 ? 13.843  -18.007 28.113  1.00 160.13 ? 1274 LEU B CD1 1 
ATOM 606  C CD2 . LEU B 1 33 ? 13.905  -20.114 29.454  1.00 160.13 ? 1274 LEU B CD2 1 
ATOM 607  N N   . VAL B 1 34 ? 9.068   -17.546 29.446  1.00 194.16 ? 1275 VAL B N   1 
ATOM 608  C CA  . VAL B 1 34 ? 7.868   -17.950 28.723  1.00 194.16 ? 1275 VAL B CA  1 
ATOM 609  C C   . VAL B 1 34 ? 7.023   -16.686 28.528  1.00 194.16 ? 1275 VAL B C   1 
ATOM 610  O O   . VAL B 1 34 ? 6.090   -16.657 27.727  1.00 174.61 ? 1275 VAL B O   1 
ATOM 611  C CB  . VAL B 1 34 ? 7.072   -19.035 29.519  1.00 136.47 ? 1275 VAL B CB  1 
ATOM 612  C CG1 . VAL B 1 34 ? 6.439   -18.420 30.755  1.00 136.47 ? 1275 VAL B CG1 1 
ATOM 613  C CG2 . VAL B 1 34 ? 6.023   -19.691 28.629  1.00 136.47 ? 1275 VAL B CG2 1 
ATOM 614  N N   . ALA B 1 35 ? 7.375   -15.635 29.264  1.00 182.06 ? 1276 ALA B N   1 
ATOM 615  C CA  . ALA B 1 35 ? 6.678   -14.356 29.176  1.00 182.06 ? 1276 ALA B CA  1 
ATOM 616  C C   . ALA B 1 35 ? 7.349   -13.501 28.102  1.00 182.06 ? 1276 ALA B C   1 
ATOM 617  O O   . ALA B 1 35 ? 6.857   -12.424 27.736  1.00 160.64 ? 1276 ALA B O   1 
ATOM 618  C CB  . ALA B 1 35 ? 6.722   -13.646 30.520  1.00 143.81 ? 1276 ALA B CB  1 
ATOM 619  N N   . LYS B 1 36 ? 8.488   -13.991 27.619  1.00 173.16 ? 1277 LYS B N   1 
ATOM 620  C CA  . LYS B 1 36 ? 9.254   -13.328 26.569  1.00 173.16 ? 1277 LYS B CA  1 
ATOM 621  C C   . LYS B 1 36 ? 8.980   -14.068 25.273  1.00 173.16 ? 1277 LYS B C   1 
ATOM 622  O O   . LYS B 1 36 ? 9.082   -13.500 24.194  1.00 151.43 ? 1277 LYS B O   1 
ATOM 623  C CB  . LYS B 1 36 ? 10.755  -13.380 26.860  1.00 135.60 ? 1277 LYS B CB  1 
ATOM 624  C CG  . LYS B 1 36 ? 11.245  -12.372 27.876  1.00 135.60 ? 1277 LYS B CG  1 
ATOM 625  C CD  . LYS B 1 36 ? 11.034  -10.954 27.386  1.00 135.60 ? 1277 LYS B CD  1 
ATOM 626  C CE  . LYS B 1 36 ? 11.682  -9.954  28.324  1.00 135.60 ? 1277 LYS B CE  1 
ATOM 627  N NZ  . LYS B 1 36 ? 13.143  -10.205 28.452  1.00 135.60 ? 1277 LYS B NZ  1 
ATOM 628  N N   . GLN B 1 37 ? 8.647   -15.348 25.387  1.00 142.07 ? 1278 GLN B N   1 
ATOM 629  C CA  . GLN B 1 37 ? 8.342   -16.147 24.213  1.00 142.07 ? 1278 GLN B CA  1 
ATOM 630  C C   . GLN B 1 37 ? 6.977   -15.671 23.724  1.00 142.07 ? 1278 GLN B C   1 
ATOM 631  O O   . GLN B 1 37 ? 6.523   -16.054 22.648  1.00 137.91 ? 1278 GLN B O   1 
ATOM 632  C CB  . GLN B 1 37 ? 8.289   -17.637 24.578  1.00 196.26 ? 1278 GLN B CB  1 
ATOM 633  C CG  . GLN B 1 37 ? 8.193   -18.590 23.386  1.00 196.26 ? 1278 GLN B CG  1 
ATOM 634  C CD  . GLN B 1 37 ? 9.513   -18.760 22.649  1.00 196.26 ? 1278 GLN B CD  1 
ATOM 635  O OE1 . GLN B 1 37 ? 10.483  -19.279 23.201  1.00 196.26 ? 1278 GLN B OE1 1 
ATOM 636  N NE2 . GLN B 1 37 ? 9.552   -18.326 21.396  1.00 196.26 ? 1278 GLN B NE2 1 
ATOM 637  N N   . GLU B 1 38 ? 6.329   -14.830 24.533  1.00 199.96 ? 1279 GLU B N   1 
ATOM 638  C CA  . GLU B 1 38 ? 5.015   -14.279 24.204  1.00 199.96 ? 1279 GLU B CA  1 
ATOM 639  C C   . GLU B 1 38 ? 5.138   -12.930 23.495  1.00 199.96 ? 1279 GLU B C   1 
ATOM 640  O O   . GLU B 1 38 ? 4.163   -12.427 22.935  1.00 199.96 ? 1279 GLU B O   1 
ATOM 641  C CB  . GLU B 1 38 ? 4.164   -14.114 25.472  1.00 185.18 ? 1279 GLU B CB  1 
ATOM 642  C CG  . GLU B 1 38 ? 3.756   -15.424 26.146  1.00 185.18 ? 1279 GLU B CG  1 
ATOM 643  C CD  . GLU B 1 38 ? 2.794   -15.218 27.308  1.00 185.18 ? 1279 GLU B CD  1 
ATOM 644  O OE1 . GLU B 1 38 ? 3.153   -14.499 28.262  1.00 185.18 ? 1279 GLU B OE1 1 
ATOM 645  O OE2 . GLU B 1 38 ? 1.676   -15.778 27.268  1.00 185.18 ? 1279 GLU B OE2 1 
ATOM 646  N N   . VAL B 1 39 ? 6.334   -12.346 23.534  1.00 163.57 ? 1280 VAL B N   1 
ATOM 647  C CA  . VAL B 1 39 ? 6.592   -11.068 22.876  1.00 163.57 ? 1280 VAL B CA  1 
ATOM 648  C C   . VAL B 1 39 ? 7.428   -11.308 21.612  1.00 163.57 ? 1280 VAL B C   1 
ATOM 649  O O   . VAL B 1 39 ? 7.469   -10.464 20.721  1.00 139.46 ? 1280 VAL B O   1 
ATOM 650  C CB  . VAL B 1 39 ? 7.310   -10.066 23.828  1.00 117.67 ? 1280 VAL B CB  1 
ATOM 651  C CG1 . VAL B 1 39 ? 7.623   -8.754  23.098  1.00 117.67 ? 1280 VAL B CG1 1 
ATOM 652  C CG2 . VAL B 1 39 ? 6.419   -9.783  25.037  1.00 117.67 ? 1280 VAL B CG2 1 
ATOM 653  N N   . ILE B 1 40 ? 8.105   -12.454 21.542  1.00 165.25 ? 1281 ILE B N   1 
ATOM 654  C CA  . ILE B 1 40 ? 8.870   -12.799 20.343  1.00 165.25 ? 1281 ILE B CA  1 
ATOM 655  C C   . ILE B 1 40 ? 7.858   -13.550 19.480  1.00 165.25 ? 1281 ILE B C   1 
ATOM 656  O O   . ILE B 1 40 ? 8.161   -14.031 18.390  1.00 142.82 ? 1281 ILE B O   1 
ATOM 657  C CB  . ILE B 1 40 ? 10.123  -13.707 20.636  1.00 159.27 ? 1281 ILE B CB  1 
ATOM 658  C CG1 . ILE B 1 40 ? 9.773   -14.832 21.613  1.00 159.27 ? 1281 ILE B CG1 1 
ATOM 659  C CG2 . ILE B 1 40 ? 11.271  -12.862 21.162  1.00 159.27 ? 1281 ILE B CG2 1 
ATOM 660  C CD1 . ILE B 1 40 ? 10.969  -15.689 22.026  1.00 159.27 ? 1281 ILE B CD1 1 
ATOM 661  N N   . ASP B 1 41 ? 6.644   -13.639 20.017  1.00 166.91 ? 1282 ASP B N   1 
ATOM 662  C CA  . ASP B 1 41 ? 5.504   -14.271 19.361  1.00 166.91 ? 1282 ASP B CA  1 
ATOM 663  C C   . ASP B 1 41 ? 4.557   -13.110 19.051  1.00 166.91 ? 1282 ASP B C   1 
ATOM 664  O O   . ASP B 1 41 ? 3.871   -13.096 18.030  1.00 144.43 ? 1282 ASP B O   1 
ATOM 665  C CB  . ASP B 1 41 ? 4.825   -15.282 20.301  1.00 195.50 ? 1282 ASP B CB  1 
ATOM 666  C CG  . ASP B 1 41 ? 5.215   -16.729 20.001  1.00 195.50 ? 1282 ASP B CG  1 
ATOM 667  O OD1 . ASP B 1 41 ? 6.424   -17.002 19.844  1.00 195.50 ? 1282 ASP B OD1 1 
ATOM 668  O OD2 . ASP B 1 41 ? 4.311   -17.593 19.931  1.00 195.50 ? 1282 ASP B OD2 1 
ATOM 669  N N   . LYS B 1 42 ? 4.530   -12.130 19.951  1.00 197.84 ? 1283 LYS B N   1 
ATOM 670  C CA  . LYS B 1 42 ? 3.709   -10.943 19.757  1.00 197.84 ? 1283 LYS B CA  1 
ATOM 671  C C   . LYS B 1 42 ? 4.215   -10.327 18.455  1.00 197.84 ? 1283 LYS B C   1 
ATOM 672  O O   . LYS B 1 42 ? 3.458   -10.149 17.504  1.00 177.06 ? 1283 LYS B O   1 
ATOM 673  C CB  . LYS B 1 42 ? 3.909   -9.953  20.917  1.00 164.33 ? 1283 LYS B CB  1 
ATOM 674  C CG  . LYS B 1 42 ? 3.088   -8.671  20.818  1.00 164.33 ? 1283 LYS B CG  1 
ATOM 675  C CD  . LYS B 1 42 ? 1.599   -8.979  20.836  1.00 164.33 ? 1283 LYS B CD  1 
ATOM 676  C CE  . LYS B 1 42 ? 0.759   -7.726  20.671  1.00 164.33 ? 1283 LYS B CE  1 
ATOM 677  N NZ  . LYS B 1 42 ? -0.685  -8.081  20.559  1.00 164.33 ? 1283 LYS B NZ  1 
ATOM 678  N N   . LEU B 1 43 ? 5.515   -10.042 18.418  1.00 134.05 ? 1284 LEU B N   1 
ATOM 679  C CA  . LEU B 1 43 ? 6.163   -9.451  17.254  1.00 134.05 ? 1284 LEU B CA  1 
ATOM 680  C C   . LEU B 1 43 ? 6.454   -10.422 16.112  1.00 134.05 ? 1284 LEU B C   1 
ATOM 681  O O   . LEU B 1 43 ? 6.711   -9.983  14.996  1.00 111.90 ? 1284 LEU B O   1 
ATOM 682  C CB  . LEU B 1 43 ? 7.465   -8.765  17.673  1.00 137.13 ? 1284 LEU B CB  1 
ATOM 683  C CG  . LEU B 1 43 ? 7.348   -7.470  18.483  1.00 137.13 ? 1284 LEU B CG  1 
ATOM 684  C CD1 . LEU B 1 43 ? 8.726   -7.055  18.968  1.00 137.13 ? 1284 LEU B CD1 1 
ATOM 685  C CD2 . LEU B 1 43 ? 6.728   -6.370  17.627  1.00 137.13 ? 1284 LEU B CD2 1 
ATOM 686  N N   . LYS B 1 44 ? 6.425   -11.727 16.376  1.00 176.56 ? 1285 LYS B N   1 
ATOM 687  C CA  . LYS B 1 44 ? 6.690   -12.712 15.322  1.00 176.56 ? 1285 LYS B CA  1 
ATOM 688  C C   . LYS B 1 44 ? 5.667   -12.611 14.190  1.00 176.56 ? 1285 LYS B C   1 
ATOM 689  O O   . LYS B 1 44 ? 6.005   -12.237 13.066  1.00 153.47 ? 1285 LYS B O   1 
ATOM 690  C CB  . LYS B 1 44 ? 6.654   -14.149 15.866  1.00 169.79 ? 1285 LYS B CB  1 
ATOM 691  C CG  . LYS B 1 44 ? 6.788   -15.201 14.755  1.00 169.79 ? 1285 LYS B CG  1 
ATOM 692  C CD  . LYS B 1 44 ? 5.984   -16.482 14.999  1.00 169.79 ? 1285 LYS B CD  1 
ATOM 693  C CE  . LYS B 1 44 ? 6.695   -17.449 15.928  1.00 169.79 ? 1285 LYS B CE  1 
ATOM 694  N NZ  . LYS B 1 44 ? 6.092   -18.811 15.841  1.00 169.79 ? 1285 LYS B NZ  1 
ATOM 695  N N   . GLU B 1 45 ? 4.419   -12.967 14.495  1.00 199.96 ? 1286 GLU B N   1 
ATOM 696  C CA  . GLU B 1 45 ? 3.331   -12.934 13.519  1.00 199.96 ? 1286 GLU B CA  1 
ATOM 697  C C   . GLU B 1 45 ? 2.942   -11.504 13.180  1.00 199.96 ? 1286 GLU B C   1 
ATOM 698  O O   . GLU B 1 45 ? 2.498   -11.223 12.069  1.00 195.83 ? 1286 GLU B O   1 
ATOM 699  C CB  . GLU B 1 45 ? 2.097   -13.671 14.053  1.00 199.96 ? 1286 GLU B CB  1 
ATOM 700  C CG  . GLU B 1 45 ? 2.330   -15.132 14.411  1.00 199.96 ? 1286 GLU B CG  1 
ATOM 701  C CD  . GLU B 1 45 ? 1.067   -15.817 14.907  1.00 199.96 ? 1286 GLU B CD  1 
ATOM 702  O OE1 . GLU B 1 45 ? 0.404   -15.263 15.812  1.00 199.96 ? 1286 GLU B OE1 1 
ATOM 703  O OE2 . GLU B 1 45 ? 0.743   -16.912 14.396  1.00 199.96 ? 1286 GLU B OE2 1 
ATOM 704  N N   . GLU B 1 46 ? 3.101   -10.603 14.146  1.00 141.01 ? 1287 GLU B N   1 
ATOM 705  C CA  . GLU B 1 46 ? 2.767   -9.204  13.925  1.00 141.01 ? 1287 GLU B CA  1 
ATOM 706  C C   . GLU B 1 46 ? 3.824   -8.574  13.033  1.00 141.01 ? 1287 GLU B C   1 
ATOM 707  O O   . GLU B 1 46 ? 3.887   -7.355  12.908  1.00 110.09 ? 1287 GLU B O   1 
ATOM 708  C CB  . GLU B 1 46 ? 2.699   -8.435  15.247  1.00 199.96 ? 1287 GLU B CB  1 
ATOM 709  C CG  . GLU B 1 46 ? 2.014   -7.074  15.131  1.00 199.96 ? 1287 GLU B CG  1 
ATOM 710  C CD  . GLU B 1 46 ? 2.305   -6.158  16.307  1.00 199.96 ? 1287 GLU B CD  1 
ATOM 711  O OE1 . GLU B 1 46 ? 3.475   -5.745  16.458  1.00 199.96 ? 1287 GLU B OE1 1 
ATOM 712  O OE2 . GLU B 1 46 ? 1.367   -5.852  17.077  1.00 199.96 ? 1287 GLU B OE2 1 
ATOM 713  N N   . ALA B 1 47 ? 4.668   -9.411  12.435  1.00 154.97 ? 1288 ALA B N   1 
ATOM 714  C CA  . ALA B 1 47 ? 5.714   -8.940  11.533  1.00 154.97 ? 1288 ALA B CA  1 
ATOM 715  C C   . ALA B 1 47 ? 5.409   -9.501  10.160  1.00 154.97 ? 1288 ALA B C   1 
ATOM 716  O O   . ALA B 1 47 ? 5.822   -8.944  9.150   1.00 138.74 ? 1288 ALA B O   1 
ATOM 717  C CB  . ALA B 1 47 ? 7.076   -9.407  11.994  1.00 120.60 ? 1288 ALA B CB  1 
ATOM 718  N N   . GLU B 1 48 ? 4.698   -10.621 10.130  1.00 166.09 ? 1289 GLU B N   1 
ATOM 719  C CA  . GLU B 1 48 ? 4.307   -11.215 8.865   1.00 166.09 ? 1289 GLU B CA  1 
ATOM 720  C C   . GLU B 1 48 ? 3.067   -10.459 8.409   1.00 166.09 ? 1289 GLU B C   1 
ATOM 721  O O   . GLU B 1 48 ? 2.518   -10.721 7.341   1.00 129.69 ? 1289 GLU B O   1 
ATOM 722  C CB  . GLU B 1 48 ? 4.006   -12.705 9.024   1.00 196.91 ? 1289 GLU B CB  1 
ATOM 723  C CG  . GLU B 1 48 ? 5.240   -13.599 8.946   1.00 196.91 ? 1289 GLU B CG  1 
ATOM 724  C CD  . GLU B 1 48 ? 6.030   -13.402 7.657   1.00 196.91 ? 1289 GLU B CD  1 
ATOM 725  O OE1 . GLU B 1 48 ? 6.676   -12.343 7.512   1.00 196.91 ? 1289 GLU B OE1 1 
ATOM 726  O OE2 . GLU B 1 48 ? 6.001   -14.303 6.788   1.00 196.91 ? 1289 GLU B OE2 1 
ATOM 727  N N   . GLN B 1 49 ? 2.622   -9.527  9.246   1.00 138.96 ? 1290 GLN B N   1 
ATOM 728  C CA  . GLN B 1 49 ? 1.479   -8.689  8.927   1.00 138.96 ? 1290 GLN B CA  1 
ATOM 729  C C   . GLN B 1 49 ? 2.099   -7.520  8.197   1.00 138.96 ? 1290 GLN B C   1 
ATOM 730  O O   . GLN B 1 49 ? 1.675   -7.179  7.106   1.00 97.24  ? 1290 GLN B O   1 
ATOM 731  C CB  . GLN B 1 49 ? 0.792   -8.171  10.191  1.00 171.01 ? 1290 GLN B CB  1 
ATOM 732  C CG  . GLN B 1 49 ? -0.232  -9.104  10.819  1.00 171.01 ? 1290 GLN B CG  1 
ATOM 733  C CD  . GLN B 1 49 ? -0.769  -8.561  12.141  1.00 171.01 ? 1290 GLN B CD  1 
ATOM 734  O OE1 . GLN B 1 49 ? -1.235  -7.419  12.222  1.00 171.01 ? 1290 GLN B OE1 1 
ATOM 735  N NE2 . GLN B 1 49 ? -0.706  -9.380  13.184  1.00 171.01 ? 1290 GLN B NE2 1 
ATOM 736  N N   . HIS B 1 50 ? 3.126   -6.931  8.807   1.00 164.40 ? 1291 HIS B N   1 
ATOM 737  C CA  . HIS B 1 50 ? 3.841   -5.788  8.237   1.00 164.40 ? 1291 HIS B CA  1 
ATOM 738  C C   . HIS B 1 50 ? 4.459   -6.090  6.877   1.00 164.40 ? 1291 HIS B C   1 
ATOM 739  O O   . HIS B 1 50 ? 4.842   -5.172  6.154   1.00 116.13 ? 1291 HIS B O   1 
ATOM 740  C CB  . HIS B 1 50 ? 4.959   -5.324  9.177   1.00 176.38 ? 1291 HIS B CB  1 
ATOM 741  C CG  . HIS B 1 50 ? 4.472   -4.746  10.470  1.00 176.38 ? 1291 HIS B CG  1 
ATOM 742  N ND1 . HIS B 1 50 ? 5.331   -4.262  11.434  1.00 176.38 ? 1291 HIS B ND1 1 
ATOM 743  C CD2 . HIS B 1 50 ? 3.221   -4.566  10.956  1.00 176.38 ? 1291 HIS B CD2 1 
ATOM 744  C CE1 . HIS B 1 50 ? 4.629   -3.809  12.458  1.00 176.38 ? 1291 HIS B CE1 1 
ATOM 745  N NE2 . HIS B 1 50 ? 3.346   -3.982  12.194  1.00 176.38 ? 1291 HIS B NE2 1 
ATOM 746  N N   . LYS B 1 51 ? 4.575   -7.371  6.541   1.00 128.18 ? 1292 LYS B N   1 
ATOM 747  C CA  . LYS B 1 51 ? 5.152   -7.779  5.261   1.00 128.18 ? 1292 LYS B CA  1 
ATOM 748  C C   . LYS B 1 51 ? 4.125   -7.665  4.137   1.00 128.18 ? 1292 LYS B C   1 
ATOM 749  O O   . LYS B 1 51 ? 4.355   -6.970  3.143   1.00 156.78 ? 1292 LYS B O   1 
ATOM 750  C CB  . LYS B 1 51 ? 5.660   -9.228  5.341   1.00 158.80 ? 1292 LYS B CB  1 
ATOM 751  C CG  . LYS B 1 51 ? 6.105   -9.828  3.998   1.00 158.80 ? 1292 LYS B CG  1 
ATOM 752  C CD  . LYS B 1 51 ? 6.390   -11.342 4.085   1.00 158.80 ? 1292 LYS B CD  1 
ATOM 753  C CE  . LYS B 1 51 ? 5.127   -12.194 4.328   1.00 158.80 ? 1292 LYS B CE  1 
ATOM 754  N NZ  . LYS B 1 51 ? 4.169   -12.247 3.175   1.00 158.80 ? 1292 LYS B NZ  1 
ATOM 755  N N   . ILE B 1 52 ? 2.986   -8.334  4.308   1.00 126.97 ? 1293 ILE B N   1 
ATOM 756  C CA  . ILE B 1 52 ? 1.938   -8.338  3.294   1.00 126.97 ? 1293 ILE B CA  1 
ATOM 757  C C   . ILE B 1 52 ? 1.495   -6.946  2.864   1.00 126.97 ? 1293 ILE B C   1 
ATOM 758  O O   . ILE B 1 52 ? 0.809   -6.799  1.851   1.00 155.84 ? 1293 ILE B O   1 
ATOM 759  C CB  . ILE B 1 52 ? 0.693   -9.129  3.765   1.00 129.21 ? 1293 ILE B CB  1 
ATOM 760  C CG1 . ILE B 1 52 ? -0.143  -8.287  4.720   1.00 129.21 ? 1293 ILE B CG1 1 
ATOM 761  C CG2 . ILE B 1 52 ? 1.123   -10.412 4.470   1.00 129.21 ? 1293 ILE B CG2 1 
ATOM 762  C CD1 . ILE B 1 52 ? -1.447  -8.958  5.120   1.00 129.21 ? 1293 ILE B CD1 1 
ATOM 763  N N   . VAL B 1 53 ? 1.892   -5.933  3.630   1.00 111.94 ? 1294 VAL B N   1 
ATOM 764  C CA  . VAL B 1 53 ? 1.534   -4.550  3.336   1.00 111.94 ? 1294 VAL B CA  1 
ATOM 765  C C   . VAL B 1 53 ? 2.563   -3.826  2.477   1.00 111.94 ? 1294 VAL B C   1 
ATOM 766  O O   . VAL B 1 53 ? 2.201   -3.098  1.549   1.00 148.98 ? 1294 VAL B O   1 
ATOM 767  C CB  . VAL B 1 53 ? 1.327   -3.748  4.626   1.00 97.01  ? 1294 VAL B CB  1 
ATOM 768  C CG1 . VAL B 1 53 ? 1.366   -2.264  4.334   1.00 97.01  ? 1294 VAL B CG1 1 
ATOM 769  C CG2 . VAL B 1 53 ? -0.006  -4.107  5.233   1.00 97.01  ? 1294 VAL B CG2 1 
ATOM 770  N N   . MET B 1 54 ? 3.841   -4.010  2.791   1.00 94.75  ? 1295 MET B N   1 
ATOM 771  C CA  . MET B 1 54 ? 4.902   -3.367  2.025   1.00 94.75  ? 1295 MET B CA  1 
ATOM 772  C C   . MET B 1 54 ? 5.067   -4.113  0.700   1.00 94.75  ? 1295 MET B C   1 
ATOM 773  O O   . MET B 1 54 ? 6.008   -3.863  -0.063  1.00 131.70 ? 1295 MET B O   1 
ATOM 774  C CB  . MET B 1 54 ? 6.205   -3.399  2.816   1.00 127.21 ? 1295 MET B CB  1 
ATOM 775  C CG  . MET B 1 54 ? 6.040   -3.020  4.281   1.00 127.21 ? 1295 MET B CG  1 
ATOM 776  S SD  . MET B 1 54 ? 7.584   -3.142  5.202   1.00 127.21 ? 1295 MET B SD  1 
ATOM 777  C CE  . MET B 1 54 ? 7.919   -4.941  5.053   1.00 127.21 ? 1295 MET B CE  1 
ATOM 778  N N   . GLU B 1 55 ? 4.141   -5.042  0.455   1.00 109.58 ? 1296 GLU B N   1 
ATOM 779  C CA  . GLU B 1 55 ? 4.127   -5.839  -0.762  1.00 109.58 ? 1296 GLU B CA  1 
ATOM 780  C C   . GLU B 1 55 ? 2.962   -5.434  -1.668  1.00 109.58 ? 1296 GLU B C   1 
ATOM 781  O O   . GLU B 1 55 ? 2.755   -6.029  -2.733  1.00 145.58 ? 1296 GLU B O   1 
ATOM 782  C CB  . GLU B 1 55 ? 4.055   -7.336  -0.427  1.00 176.18 ? 1296 GLU B CB  1 
ATOM 783  C CG  . GLU B 1 55 ? 5.369   -7.907  0.127   1.00 176.18 ? 1296 GLU B CG  1 
ATOM 784  C CD  . GLU B 1 55 ? 5.370   -9.432  0.256   1.00 176.18 ? 1296 GLU B CD  1 
ATOM 785  O OE1 . GLU B 1 55 ? 6.435   -9.991  0.604   1.00 176.18 ? 1296 GLU B OE1 1 
ATOM 786  O OE2 . GLU B 1 55 ? 4.317   -10.067 0.015   1.00 176.18 ? 1296 GLU B OE2 1 
ATOM 787  N N   . THR B 1 56 ? 2.203   -4.427  -1.228  1.00 115.19 ? 1297 THR B N   1 
ATOM 788  C CA  . THR B 1 56 ? 1.087   -3.893  -2.014  1.00 115.19 ? 1297 THR B CA  1 
ATOM 789  C C   . THR B 1 56 ? 1.467   -2.497  -2.492  1.00 115.19 ? 1297 THR B C   1 
ATOM 790  O O   . THR B 1 56 ? 0.662   -1.802  -3.111  1.00 150.53 ? 1297 THR B O   1 
ATOM 791  C CB  . THR B 1 56 ? -0.264  -3.793  -1.217  1.00 97.36  ? 1297 THR B CB  1 
ATOM 792  O OG1 . THR B 1 56 ? -0.109  -2.967  -0.055  1.00 97.36  ? 1297 THR B OG1 1 
ATOM 793  C CG2 . THR B 1 56 ? -0.752  -5.176  -0.828  1.00 97.36  ? 1297 THR B CG2 1 
ATOM 794  N N   . VAL B 1 57 ? 2.701   -2.097  -2.196  1.00 91.53  ? 1298 VAL B N   1 
ATOM 795  C CA  . VAL B 1 57 ? 3.218   -0.789  -2.601  1.00 91.53  ? 1298 VAL B CA  1 
ATOM 796  C C   . VAL B 1 57 ? 3.654   -0.797  -4.056  1.00 91.53  ? 1298 VAL B C   1 
ATOM 797  O O   . VAL B 1 57 ? 3.342   0.124   -4.813  1.00 126.82 ? 1298 VAL B O   1 
ATOM 798  C CB  . VAL B 1 57 ? 4.433   -0.361  -1.739  1.00 87.67  ? 1298 VAL B CB  1 
ATOM 799  C CG1 . VAL B 1 57 ? 5.104   0.871   -2.327  1.00 87.67  ? 1298 VAL B CG1 1 
ATOM 800  C CG2 . VAL B 1 57 ? 3.976   -0.061  -0.334  1.00 87.67  ? 1298 VAL B CG2 1 
ATOM 801  N N   . PRO B 1 58 ? 4.392   -1.841  -4.470  1.00 100.43 ? 1299 PRO B N   1 
ATOM 802  C CA  . PRO B 1 58 ? 4.844   -1.911  -5.857  1.00 100.43 ? 1299 PRO B CA  1 
ATOM 803  C C   . PRO B 1 58 ? 3.657   -2.024  -6.812  1.00 100.43 ? 1299 PRO B C   1 
ATOM 804  O O   . PRO B 1 58 ? 3.671   -1.455  -7.906  1.00 134.03 ? 1299 PRO B O   1 
ATOM 805  C CB  . PRO B 1 58 ? 5.737   -3.146  -5.851  1.00 94.60  ? 1299 PRO B CB  1 
ATOM 806  C CG  . PRO B 1 58 ? 5.072   -4.026  -4.841  1.00 94.60  ? 1299 PRO B CG  1 
ATOM 807  C CD  . PRO B 1 58 ? 4.788   -3.055  -3.733  1.00 94.60  ? 1299 PRO B CD  1 
ATOM 808  N N   . VAL B 1 59 ? 2.626   -2.744  -6.368  1.00 83.41  ? 1300 VAL B N   1 
ATOM 809  C CA  . VAL B 1 59 ? 1.399   -2.950  -7.157  1.00 83.41  ? 1300 VAL B CA  1 
ATOM 810  C C   . VAL B 1 59 ? 0.495   -1.718  -7.096  1.00 83.41  ? 1300 VAL B C   1 
ATOM 811  O O   . VAL B 1 59 ? -0.178  -1.376  -8.066  1.00 114.41 ? 1300 VAL B O   1 
ATOM 812  C CB  . VAL B 1 59 ? 0.558   -4.179  -6.656  1.00 73.56  ? 1300 VAL B CB  1 
ATOM 813  C CG1 . VAL B 1 59 ? 1.187   -4.770  -5.414  1.00 73.56  ? 1300 VAL B CG1 1 
ATOM 814  C CG2 . VAL B 1 59 ? -0.895  -3.739  -6.347  1.00 73.56  ? 1300 VAL B CG2 1 
ATOM 815  N N   . LEU B 1 60 ? 0.474   -1.079  -5.936  1.00 86.36  ? 1301 LEU B N   1 
ATOM 816  C CA  . LEU B 1 60 ? -0.334  0.107   -5.752  1.00 86.36  ? 1301 LEU B CA  1 
ATOM 817  C C   . LEU B 1 60 ? 0.220   1.258   -6.593  1.00 86.36  ? 1301 LEU B C   1 
ATOM 818  O O   . LEU B 1 60 ? -0.477  2.245   -6.839  1.00 111.45 ? 1301 LEU B O   1 
ATOM 819  C CB  . LEU B 1 60 ? -0.374  0.493   -4.281  1.00 93.47  ? 1301 LEU B CB  1 
ATOM 820  C CG  . LEU B 1 60 ? -1.741  0.895   -3.740  1.00 93.47  ? 1301 LEU B CG  1 
ATOM 821  C CD1 . LEU B 1 60 ? -2.838  -0.005  -4.277  1.00 93.47  ? 1301 LEU B CD1 1 
ATOM 822  C CD2 . LEU B 1 60 ? -1.679  0.796   -2.239  1.00 93.47  ? 1301 LEU B CD2 1 
ATOM 823  N N   . LYS B 1 61 ? 1.471   1.130   -7.031  1.00 104.53 ? 1302 LYS B N   1 
ATOM 824  C CA  . LYS B 1 61 ? 2.082   2.149   -7.873  1.00 104.53 ? 1302 LYS B CA  1 
ATOM 825  C C   . LYS B 1 61 ? 1.728   1.829   -9.320  1.00 104.53 ? 1302 LYS B C   1 
ATOM 826  O O   . LYS B 1 61 ? 1.391   2.719   -10.100 1.00 131.93 ? 1302 LYS B O   1 
ATOM 827  C CB  . LYS B 1 61 ? 3.598   2.147   -7.713  1.00 103.86 ? 1302 LYS B CB  1 
ATOM 828  C CG  . LYS B 1 61 ? 4.071   2.693   -6.397  1.00 103.86 ? 1302 LYS B CG  1 
ATOM 829  C CD  . LYS B 1 61 ? 5.570   2.801   -6.388  1.00 103.86 ? 1302 LYS B CD  1 
ATOM 830  C CE  . LYS B 1 61 ? 6.085   3.464   -5.119  1.00 103.86 ? 1302 LYS B CE  1 
ATOM 831  N NZ  . LYS B 1 61 ? 7.581   3.643   -5.159  1.00 103.86 ? 1302 LYS B NZ  1 
ATOM 832  N N   . ALA B 1 62 ? 1.808   0.548   -9.671  1.00 83.36  ? 1303 ALA B N   1 
ATOM 833  C CA  . ALA B 1 62 ? 1.488   0.088   -11.015 1.00 83.36  ? 1303 ALA B CA  1 
ATOM 834  C C   . ALA B 1 62 ? 0.046   0.431   -11.387 1.00 83.36  ? 1303 ALA B C   1 
ATOM 835  O O   . ALA B 1 62 ? -0.269  0.623   -12.560 1.00 112.92 ? 1303 ALA B O   1 
ATOM 836  C CB  . ALA B 1 62 ? 1.695   -1.414  -11.103 1.00 89.61  ? 1303 ALA B CB  1 
ATOM 837  N N   . GLN B 1 63 ? -0.829  0.480   -10.382 1.00 79.33  ? 1304 GLN B N   1 
ATOM 838  C CA  . GLN B 1 63 ? -2.245  0.812   -10.580 1.00 79.33  ? 1304 GLN B CA  1 
ATOM 839  C C   . GLN B 1 63 ? -2.359  2.302   -10.846 1.00 79.33  ? 1304 GLN B C   1 
ATOM 840  O O   . GLN B 1 63 ? -3.030  2.722   -11.786 1.00 104.12 ? 1304 GLN B O   1 
ATOM 841  C CB  . GLN B 1 63 ? -3.075  0.453   -9.334  1.00 134.02 ? 1304 GLN B CB  1 
ATOM 842  C CG  . GLN B 1 63 ? -3.216  -1.041  -9.057  1.00 134.02 ? 1304 GLN B CG  1 
ATOM 843  C CD  . GLN B 1 63 ? -4.205  -1.727  -9.988  1.00 134.02 ? 1304 GLN B CD  1 
ATOM 844  O OE1 . GLN B 1 63 ? -4.337  -1.365  -11.162 1.00 134.02 ? 1304 GLN B OE1 1 
ATOM 845  N NE2 . GLN B 1 63 ? -4.894  -2.739  -9.470  1.00 134.02 ? 1304 GLN B NE2 1 
ATOM 846  N N   . ALA B 1 64 ? -1.703  3.100   -10.010 1.00 98.65  ? 1305 ALA B N   1 
ATOM 847  C CA  . ALA B 1 64 ? -1.721  4.543   -10.188 1.00 98.65  ? 1305 ALA B CA  1 
ATOM 848  C C   . ALA B 1 64 ? -1.176  4.863   -11.588 1.00 98.65  ? 1305 ALA B C   1 
ATOM 849  O O   . ALA B 1 64 ? -1.716  5.713   -12.295 1.00 122.72 ? 1305 ALA B O   1 
ATOM 850  C CB  . ALA B 1 64 ? -0.871  5.221   -9.106  1.00 127.04 ? 1305 ALA B CB  1 
ATOM 851  N N   . ASP B 1 65 ? -0.122  4.156   -11.990 1.00 93.88  ? 1306 ASP B N   1 
ATOM 852  C CA  . ASP B 1 65 ? 0.505   4.354   -13.295 1.00 93.88  ? 1306 ASP B CA  1 
ATOM 853  C C   . ASP B 1 65 ? -0.383  4.030   -14.497 1.00 93.88  ? 1306 ASP B C   1 
ATOM 854  O O   . ASP B 1 65 ? -0.501  4.848   -15.415 1.00 115.14 ? 1306 ASP B O   1 
ATOM 855  C CB  . ASP B 1 65 ? 1.793   3.533   -13.386 1.00 118.36 ? 1306 ASP B CB  1 
ATOM 856  C CG  . ASP B 1 65 ? 2.966   4.218   -12.724 1.00 118.36 ? 1306 ASP B CG  1 
ATOM 857  O OD1 . ASP B 1 65 ? 4.020   3.568   -12.549 1.00 118.36 ? 1306 ASP B OD1 1 
ATOM 858  O OD2 . ASP B 1 65 ? 2.836   5.413   -12.385 1.00 118.36 ? 1306 ASP B OD2 1 
ATOM 859  N N   . ILE B 1 66 ? -1.002  2.849   -14.506 1.00 101.12 ? 1307 ILE B N   1 
ATOM 860  C CA  . ILE B 1 66 ? -1.848  2.486   -15.634 1.00 101.12 ? 1307 ILE B CA  1 
ATOM 861  C C   . ILE B 1 66 ? -3.103  3.385   -15.691 1.00 101.12 ? 1307 ILE B C   1 
ATOM 862  O O   . ILE B 1 66 ? -3.559  3.731   -16.777 1.00 121.93 ? 1307 ILE B O   1 
ATOM 863  C CB  . ILE B 1 66 ? -2.198  0.934   -15.643 1.00 114.94 ? 1307 ILE B CB  1 
ATOM 864  C CG1 . ILE B 1 66 ? -3.298  0.609   -14.644 1.00 114.94 ? 1307 ILE B CG1 1 
ATOM 865  C CG2 . ILE B 1 66 ? -0.968  0.095   -15.300 1.00 114.94 ? 1307 ILE B CG2 1 
ATOM 866  C CD1 . ILE B 1 66 ? -4.706  0.633   -15.253 1.00 114.94 ? 1307 ILE B CD1 1 
ATOM 867  N N   . TYR B 1 67 ? -3.638  3.795   -14.538 1.00 108.37 ? 1308 TYR B N   1 
ATOM 868  C CA  . TYR B 1 67 ? -4.806  4.677   -14.514 1.00 108.37 ? 1308 TYR B CA  1 
ATOM 869  C C   . TYR B 1 67 ? -4.418  6.066   -14.981 1.00 108.37 ? 1308 TYR B C   1 
ATOM 870  O O   . TYR B 1 67 ? -5.179  6.721   -15.685 1.00 131.24 ? 1308 TYR B O   1 
ATOM 871  C CB  . TYR B 1 67 ? -5.375  4.770   -13.114 1.00 118.02 ? 1308 TYR B CB  1 
ATOM 872  C CG  . TYR B 1 67 ? -6.044  3.505   -12.682 1.00 118.02 ? 1308 TYR B CG  1 
ATOM 873  C CD1 . TYR B 1 67 ? -5.942  3.061   -11.369 1.00 118.02 ? 1308 TYR B CD1 1 
ATOM 874  C CD2 . TYR B 1 67 ? -6.786  2.745   -13.585 1.00 118.02 ? 1308 TYR B CD2 1 
ATOM 875  C CE1 . TYR B 1 67 ? -6.555  1.892   -10.959 1.00 118.02 ? 1308 TYR B CE1 1 
ATOM 876  C CE2 . TYR B 1 67 ? -7.410  1.569   -13.183 1.00 118.02 ? 1308 TYR B CE2 1 
ATOM 877  C CZ  . TYR B 1 67 ? -7.287  1.149   -11.866 1.00 118.02 ? 1308 TYR B CZ  1 
ATOM 878  O OH  . TYR B 1 67 ? -7.889  -0.011  -11.445 1.00 118.02 ? 1308 TYR B OH  1 
ATOM 879  N N   . LYS B 1 68 ? -3.243  6.529   -14.567 1.00 100.13 ? 1309 LYS B N   1 
ATOM 880  C CA  . LYS B 1 68 ? -2.764  7.833   -14.998 1.00 100.13 ? 1309 LYS B CA  1 
ATOM 881  C C   . LYS B 1 68 ? -2.628  7.742   -16.513 1.00 100.13 ? 1309 LYS B C   1 
ATOM 882  O O   . LYS B 1 68 ? -3.013  8.666   -17.226 1.00 123.45 ? 1309 LYS B O   1 
ATOM 883  C CB  . LYS B 1 68 ? -1.402  8.148   -14.373 1.00 100.39 ? 1309 LYS B CB  1 
ATOM 884  C CG  . LYS B 1 68 ? -0.741  9.398   -14.914 1.00 100.39 ? 1309 LYS B CG  1 
ATOM 885  C CD  . LYS B 1 68 ? 0.729   9.140   -15.229 1.00 100.39 ? 1309 LYS B CD  1 
ATOM 886  C CE  . LYS B 1 68 ? 1.657   9.899   -14.287 1.00 100.39 ? 1309 LYS B CE  1 
ATOM 887  N NZ  . LYS B 1 68 ? 1.363   11.377  -14.282 1.00 100.39 ? 1309 LYS B NZ  1 
ATOM 888  N N   . ALA B 1 69 ? -2.105  6.607   -16.993 1.00 90.65  ? 1310 ALA B N   1 
ATOM 889  C CA  . ALA B 1 69 ? -1.900  6.366   -18.428 1.00 90.65  ? 1310 ALA B CA  1 
ATOM 890  C C   . ALA B 1 69 ? -3.195  6.173   -19.217 1.00 90.65  ? 1310 ALA B C   1 
ATOM 891  O O   . ALA B 1 69 ? -3.327  6.683   -20.323 1.00 110.10 ? 1310 ALA B O   1 
ATOM 892  C CB  . ALA B 1 69 ? -0.991  5.163   -18.624 1.00 128.78 ? 1310 ALA B CB  1 
ATOM 893  N N   . ASP B 1 70 ? -4.138  5.425   -18.655 1.00 92.16  ? 1311 ASP B N   1 
ATOM 894  C CA  . ASP B 1 70 ? -5.426  5.190   -19.315 1.00 92.16  ? 1311 ASP B CA  1 
ATOM 895  C C   . ASP B 1 70 ? -6.129  6.532   -19.450 1.00 92.16  ? 1311 ASP B C   1 
ATOM 896  O O   . ASP B 1 70 ? -6.770  6.838   -20.454 1.00 110.67 ? 1311 ASP B O   1 
ATOM 897  C CB  . ASP B 1 70 ? -6.321  4.267   -18.476 1.00 115.00 ? 1311 ASP B CB  1 
ATOM 898  C CG  . ASP B 1 70 ? -5.971  2.803   -18.627 1.00 115.00 ? 1311 ASP B CG  1 
ATOM 899  O OD1 . ASP B 1 70 ? -5.040  2.476   -19.407 1.00 115.00 ? 1311 ASP B OD1 1 
ATOM 900  O OD2 . ASP B 1 70 ? -6.644  1.982   -17.956 1.00 115.00 ? 1311 ASP B OD2 1 
ATOM 901  N N   . PHE B 1 71 ? -6.010  7.317   -18.397 1.00 103.15 ? 1312 PHE B N   1 
ATOM 902  C CA  . PHE B 1 71 ? -6.607  8.624   -18.328 1.00 103.15 ? 1312 PHE B CA  1 
ATOM 903  C C   . PHE B 1 71 ? -6.032  9.571   -19.375 1.00 103.15 ? 1312 PHE B C   1 
ATOM 904  O O   . PHE B 1 71 ? -6.783  10.244  -20.062 1.00 120.79 ? 1312 PHE B O   1 
ATOM 905  C CB  . PHE B 1 71 ? -6.380  9.169   -16.929 1.00 85.57  ? 1312 PHE B CB  1 
ATOM 906  C CG  . PHE B 1 71 ? -6.451  10.655  -16.833 1.00 85.57  ? 1312 PHE B CG  1 
ATOM 907  C CD1 . PHE B 1 71 ? -7.675  11.300  -16.750 1.00 85.57  ? 1312 PHE B CD1 1 
ATOM 908  C CD2 . PHE B 1 71 ? -5.278  11.409  -16.785 1.00 85.57  ? 1312 PHE B CD2 1 
ATOM 909  C CE1 . PHE B 1 71 ? -7.732  12.664  -16.613 1.00 85.57  ? 1312 PHE B CE1 1 
ATOM 910  C CE2 . PHE B 1 71 ? -5.318  12.790  -16.646 1.00 85.57  ? 1312 PHE B CE2 1 
ATOM 911  C CZ  . PHE B 1 71 ? -6.547  13.420  -16.557 1.00 85.57  ? 1312 PHE B CZ  1 
ATOM 912  N N   . GLN B 1 72 ? -4.712  9.648   -19.499 1.00 110.40 ? 1313 GLN B N   1 
ATOM 913  C CA  . GLN B 1 72 ? -4.122  10.547  -20.492 1.00 110.40 ? 1313 GLN B CA  1 
ATOM 914  C C   . GLN B 1 72 ? -4.515  10.147  -21.909 1.00 110.40 ? 1313 GLN B C   1 
ATOM 915  O O   . GLN B 1 72 ? -4.526  10.977  -22.816 1.00 126.18 ? 1313 GLN B O   1 
ATOM 916  C CB  . GLN B 1 72 ? -2.601  10.565  -20.371 1.00 118.62 ? 1313 GLN B CB  1 
ATOM 917  C CG  . GLN B 1 72 ? -2.095  11.327  -19.169 1.00 118.62 ? 1313 GLN B CG  1 
ATOM 918  C CD  . GLN B 1 72 ? -0.664  10.978  -18.837 1.00 118.62 ? 1313 GLN B CD  1 
ATOM 919  O OE1 . GLN B 1 72 ? -0.069  11.567  -17.934 1.00 118.62 ? 1313 GLN B OE1 1 
ATOM 920  N NE2 . GLN B 1 72 ? -0.103  10.008  -19.562 1.00 118.62 ? 1313 GLN B NE2 1 
ATOM 921  N N   . ALA B 1 73 ? -4.840  8.872   -22.094 1.00 131.59 ? 1314 ALA B N   1 
ATOM 922  C CA  . ALA B 1 73 ? -5.245  8.384   -23.401 1.00 131.59 ? 1314 ALA B CA  1 
ATOM 923  C C   . ALA B 1 73 ? -6.661  8.843   -23.657 1.00 131.59 ? 1314 ALA B C   1 
ATOM 924  O O   . ALA B 1 73 ? -7.081  8.930   -24.796 1.00 113.18 ? 1314 ALA B O   1 
ATOM 925  C CB  . ALA B 1 73 ? -5.184  6.879   -23.445 1.00 78.38  ? 1314 ALA B CB  1 
ATOM 926  N N   . GLU B 1 74 ? -7.389  9.123   -22.582 1.00 112.91 ? 1315 GLU B N   1 
ATOM 927  C CA  . GLU B 1 74 ? -8.770  9.592   -22.660 1.00 112.91 ? 1315 GLU B CA  1 
ATOM 928  C C   . GLU B 1 74 ? -8.756  11.128  -22.719 1.00 112.91 ? 1315 GLU B C   1 
ATOM 929  O O   . GLU B 1 74 ? -9.677  11.747  -23.245 1.00 90.45  ? 1315 GLU B O   1 
ATOM 930  C CB  . GLU B 1 74 ? -9.545  9.133   -21.426 1.00 135.54 ? 1315 GLU B CB  1 
ATOM 931  C CG  . GLU B 1 74 ? -10.918 8.551   -21.695 1.00 135.54 ? 1315 GLU B CG  1 
ATOM 932  C CD  . GLU B 1 74 ? -10.858 7.178   -22.331 1.00 135.54 ? 1315 GLU B CD  1 
ATOM 933  O OE1 . GLU B 1 74 ? -9.832  6.484   -22.170 1.00 135.54 ? 1315 GLU B OE1 1 
ATOM 934  O OE2 . GLU B 1 74 ? -11.846 6.779   -22.981 1.00 135.54 ? 1315 GLU B OE2 1 
ATOM 935  N N   . ARG B 1 75 ? -7.710  11.739  -22.164 1.00 129.44 ? 1316 ARG B N   1 
ATOM 936  C CA  . ARG B 1 75 ? -7.573  13.193  -22.175 1.00 129.44 ? 1316 ARG B CA  1 
ATOM 937  C C   . ARG B 1 75 ? -7.409  13.550  -23.637 1.00 129.44 ? 1316 ARG B C   1 
ATOM 938  O O   . ARG B 1 75 ? -8.185  14.318  -24.189 1.00 110.69 ? 1316 ARG B O   1 
ATOM 939  C CB  . ARG B 1 75 ? -6.317  13.627  -21.415 1.00 119.69 ? 1316 ARG B CB  1 
ATOM 940  C CG  . ARG B 1 75 ? -6.187  15.118  -21.153 1.00 119.69 ? 1316 ARG B CG  1 
ATOM 941  C CD  . ARG B 1 75 ? -6.678  15.449  -19.749 1.00 119.69 ? 1316 ARG B CD  1 
ATOM 942  N NE  . ARG B 1 75 ? -5.766  16.307  -18.975 1.00 119.69 ? 1316 ARG B NE  1 
ATOM 943  C CZ  . ARG B 1 75 ? -4.449  16.112  -18.830 1.00 119.69 ? 1316 ARG B CZ  1 
ATOM 944  N NH1 . ARG B 1 75 ? -3.847  15.079  -19.419 1.00 119.69 ? 1316 ARG B NH1 1 
ATOM 945  N NH2 . ARG B 1 75 ? -3.731  16.943  -18.073 1.00 119.69 ? 1316 ARG B NH2 1 
ATOM 946  N N   . GLN B 1 76 ? -6.393  12.958  -24.259 1.00 168.23 ? 1317 GLN B N   1 
ATOM 947  C CA  . GLN B 1 76 ? -6.081  13.191  -25.663 1.00 168.23 ? 1317 GLN B CA  1 
ATOM 948  C C   . GLN B 1 76 ? -7.097  12.590  -26.637 1.00 168.23 ? 1317 GLN B C   1 
ATOM 949  O O   . GLN B 1 76 ? -7.120  12.967  -27.798 1.00 148.68 ? 1317 GLN B O   1 
ATOM 950  C CB  . GLN B 1 76 ? -4.691  12.638  -25.980 1.00 196.27 ? 1317 GLN B CB  1 
ATOM 951  C CG  . GLN B 1 76 ? -4.333  12.672  -27.451 1.00 196.27 ? 1317 GLN B CG  1 
ATOM 952  C CD  . GLN B 1 76 ? -3.241  11.685  -27.804 1.00 196.27 ? 1317 GLN B CD  1 
ATOM 953  O OE1 . GLN B 1 76 ? -2.110  11.798  -27.330 1.00 196.27 ? 1317 GLN B OE1 1 
ATOM 954  N NE2 . GLN B 1 76 ? -3.576  10.705  -28.636 1.00 196.27 ? 1317 GLN B NE2 1 
ATOM 955  N N   . ALA B 1 77 ? -7.923  11.653  -26.176 1.00 160.85 ? 1318 ALA B N   1 
ATOM 956  C CA  . ALA B 1 77 ? -8.930  11.033  -27.042 1.00 160.85 ? 1318 ALA B CA  1 
ATOM 957  C C   . ALA B 1 77 ? -10.258 11.774  -26.917 1.00 160.85 ? 1318 ALA B C   1 
ATOM 958  O O   . ALA B 1 77 ? -11.333 11.209  -27.116 1.00 139.43 ? 1318 ALA B O   1 
ATOM 959  C CB  . ALA B 1 77 ? -9.114  9.571   -26.677 1.00 193.77 ? 1318 ALA B CB  1 
ATOM 960  N N   . ARG B 1 78 ? -10.161 13.051  -26.576 1.00 150.16 ? 1319 ARG B N   1 
ATOM 961  C CA  . ARG B 1 78 ? -11.316 13.914  -26.419 1.00 150.16 ? 1319 ARG B CA  1 
ATOM 962  C C   . ARG B 1 78 ? -10.839 15.264  -26.970 1.00 150.16 ? 1319 ARG B C   1 
ATOM 963  O O   . ARG B 1 78 ? -11.630 16.112  -27.354 1.00 128.43 ? 1319 ARG B O   1 
ATOM 964  C CB  . ARG B 1 78 ? -11.678 14.003  -24.936 1.00 127.60 ? 1319 ARG B CB  1 
ATOM 965  C CG  . ARG B 1 78 ? -13.045 14.571  -24.606 1.00 127.60 ? 1319 ARG B CG  1 
ATOM 966  C CD  . ARG B 1 78 ? -13.150 14.837  -23.098 1.00 127.60 ? 1319 ARG B CD  1 
ATOM 967  N NE  . ARG B 1 78 ? -12.852 16.220  -22.678 1.00 127.60 ? 1319 ARG B NE  1 
ATOM 968  C CZ  . ARG B 1 78 ? -11.797 16.963  -23.054 1.00 127.60 ? 1319 ARG B CZ  1 
ATOM 969  N NH1 . ARG B 1 78 ? -10.878 16.490  -23.894 1.00 127.60 ? 1319 ARG B NH1 1 
ATOM 970  N NH2 . ARG B 1 78 ? -11.650 18.201  -22.580 1.00 127.60 ? 1319 ARG B NH2 1 
ATOM 971  N N   . GLU B 1 79 ? -9.525  15.448  -27.017 1.00 172.88 ? 1320 GLU B N   1 
ATOM 972  C CA  . GLU B 1 79 ? -8.942  16.673  -27.556 1.00 172.88 ? 1320 GLU B CA  1 
ATOM 973  C C   . GLU B 1 79 ? -8.744  16.477  -29.066 1.00 172.88 ? 1320 GLU B C   1 
ATOM 974  O O   . GLU B 1 79 ? -8.311  17.382  -29.777 1.00 148.08 ? 1320 GLU B O   1 
ATOM 975  C CB  . GLU B 1 79 ? -7.588  16.963  -26.897 1.00 159.32 ? 1320 GLU B CB  1 
ATOM 976  C CG  . GLU B 1 79 ? -7.629  17.236  -25.397 1.00 159.32 ? 1320 GLU B CG  1 
ATOM 977  C CD  . GLU B 1 79 ? -6.238  17.492  -24.819 1.00 159.32 ? 1320 GLU B CD  1 
ATOM 978  O OE1 . GLU B 1 79 ? -5.350  16.624  -24.983 1.00 159.32 ? 1320 GLU B OE1 1 
ATOM 979  O OE2 . GLU B 1 79 ? -6.030  18.561  -24.204 1.00 159.32 ? 1320 GLU B OE2 1 
ATOM 980  N N   . LYS B 1 80 ? -9.055  15.274  -29.538 1.00 199.50 ? 1321 LYS B N   1 
ATOM 981  C CA  . LYS B 1 80 ? -8.933  14.913  -30.950 1.00 199.50 ? 1321 LYS B CA  1 
ATOM 982  C C   . LYS B 1 80 ? -10.356 14.713  -31.468 1.00 199.50 ? 1321 LYS B C   1 
ATOM 983  O O   . LYS B 1 80 ? -10.595 14.572  -32.668 1.00 177.13 ? 1321 LYS B O   1 
ATOM 984  C CB  . LYS B 1 80 ? -8.108  13.619  -31.084 1.00 124.45 ? 1321 LYS B CB  1 
ATOM 985  C CG  . LYS B 1 80 ? -8.080  12.983  -32.469 1.00 124.45 ? 1321 LYS B CG  1 
ATOM 986  C CD  . LYS B 1 80 ? -7.419  11.602  -32.444 1.00 124.45 ? 1321 LYS B CD  1 
ATOM 987  C CE  . LYS B 1 80 ? -7.684  10.850  -33.747 1.00 124.45 ? 1321 LYS B CE  1 
ATOM 988  N NZ  . LYS B 1 80 ? -7.092  9.484   -33.772 1.00 124.45 ? 1321 LYS B NZ  1 
ATOM 989  N N   . LEU B 1 81 ? -11.298 14.708  -30.535 1.00 134.36 ? 1322 LEU B N   1 
ATOM 990  C CA  . LEU B 1 81 ? -12.701 14.544  -30.857 1.00 134.36 ? 1322 LEU B CA  1 
ATOM 991  C C   . LEU B 1 81 ? -13.426 15.812  -30.417 1.00 134.36 ? 1322 LEU B C   1 
ATOM 992  O O   . LEU B 1 81 ? -14.652 15.816  -30.247 1.00 110.25 ? 1322 LEU B O   1 
ATOM 993  C CB  . LEU B 1 81 ? -13.286 13.345  -30.121 1.00 116.01 ? 1322 LEU B CB  1 
ATOM 994  C CG  . LEU B 1 81 ? -14.597 12.832  -30.708 1.00 116.01 ? 1322 LEU B CG  1 
ATOM 995  C CD1 . LEU B 1 81 ? -14.269 11.773  -31.753 1.00 116.01 ? 1322 LEU B CD1 1 
ATOM 996  C CD2 . LEU B 1 81 ? -15.479 12.241  -29.615 1.00 116.01 ? 1322 LEU B CD2 1 
ATOM 997  N N   . ALA B 1 82 ? -12.650 16.876  -30.205 1.00 160.74 ? 1323 ALA B N   1 
ATOM 998  C CA  . ALA B 1 82 ? -13.185 18.180  -29.814 1.00 160.74 ? 1323 ALA B CA  1 
ATOM 999  C C   . ALA B 1 82 ? -12.783 19.154  -30.914 1.00 160.74 ? 1323 ALA B C   1 
ATOM 1000 O O   . ALA B 1 82 ? -13.208 20.308  -30.932 1.00 138.31 ? 1323 ALA B O   1 
ATOM 1001 C CB  . ALA B 1 82 ? -12.600 18.633  -28.470 1.00 84.08  ? 1323 ALA B CB  1 
ATOM 1002 N N   . GLU B 1 83 ? -11.939 18.667  -31.820 1.00 199.96 ? 1324 GLU B N   1 
ATOM 1003 C CA  . GLU B 1 83 ? -11.457 19.446  -32.957 1.00 199.96 ? 1324 GLU B CA  1 
ATOM 1004 C C   . GLU B 1 83 ? -12.343 19.087  -34.148 1.00 199.96 ? 1324 GLU B C   1 
ATOM 1005 O O   . GLU B 1 83 ? -12.742 19.943  -34.936 1.00 180.90 ? 1324 GLU B O   1 
ATOM 1006 C CB  . GLU B 1 83 ? -9.999  19.078  -33.277 1.00 199.96 ? 1324 GLU B CB  1 
ATOM 1007 C CG  . GLU B 1 83 ? -8.989  19.335  -32.155 1.00 199.96 ? 1324 GLU B CG  1 
ATOM 1008 C CD  . GLU B 1 83 ? -8.698  20.815  -31.931 1.00 199.96 ? 1324 GLU B CD  1 
ATOM 1009 O OE1 . GLU B 1 83 ? -8.271  21.493  -32.892 1.00 199.96 ? 1324 GLU B OE1 1 
ATOM 1010 O OE2 . GLU B 1 83 ? -8.888  21.298  -30.792 1.00 199.96 ? 1324 GLU B OE2 1 
ATOM 1011 N N   . LYS B 1 84 ? -12.642 17.799  -34.258 1.00 199.96 ? 1325 LYS B N   1 
ATOM 1012 C CA  . LYS B 1 84 ? -13.473 17.277  -35.330 1.00 199.96 ? 1325 LYS B CA  1 
ATOM 1013 C C   . LYS B 1 84 ? -14.928 17.172  -34.858 1.00 199.96 ? 1325 LYS B C   1 
ATOM 1014 O O   . LYS B 1 84 ? -15.629 16.204  -35.165 1.00 193.34 ? 1325 LYS B O   1 
ATOM 1015 C CB  . LYS B 1 84 ? -12.938 15.903  -35.758 1.00 146.42 ? 1325 LYS B CB  1 
ATOM 1016 C CG  . LYS B 1 84 ? -11.514 15.934  -36.333 1.00 146.42 ? 1325 LYS B CG  1 
ATOM 1017 C CD  . LYS B 1 84 ? -10.717 14.680  -35.975 1.00 146.42 ? 1325 LYS B CD  1 
ATOM 1018 C CE  . LYS B 1 84 ? -11.491 13.405  -36.275 1.00 146.42 ? 1325 LYS B CE  1 
ATOM 1019 N NZ  . LYS B 1 84 ? -11.906 13.316  -37.699 1.00 146.42 ? 1325 LYS B NZ  1 
ATOM 1020 N N   . LYS B 1 85 ? -15.368 18.170  -34.093 1.00 164.09 ? 1326 LYS B N   1 
ATOM 1021 C CA  . LYS B 1 85 ? -16.741 18.207  -33.588 1.00 164.09 ? 1326 LYS B CA  1 
ATOM 1022 C C   . LYS B 1 85 ? -17.173 19.650  -33.338 1.00 164.09 ? 1326 LYS B C   1 
ATOM 1023 O O   . LYS B 1 85 ? -18.295 20.039  -33.669 1.00 141.94 ? 1326 LYS B O   1 
ATOM 1024 C CB  . LYS B 1 85 ? -16.872 17.382  -32.305 1.00 164.17 ? 1326 LYS B CB  1 
ATOM 1025 C CG  . LYS B 1 85 ? -18.199 16.634  -32.201 1.00 164.17 ? 1326 LYS B CG  1 
ATOM 1026 C CD  . LYS B 1 85 ? -19.389 17.565  -31.965 1.00 164.17 ? 1326 LYS B CD  1 
ATOM 1027 C CE  . LYS B 1 85 ? -19.462 18.026  -30.518 1.00 164.17 ? 1326 LYS B CE  1 
ATOM 1028 N NZ  . LYS B 1 85 ? -20.729 18.748  -30.223 1.00 164.17 ? 1326 LYS B NZ  1 
ATOM 1029 N N   . GLU B 1 86 ? -16.287 20.440  -32.742 1.00 199.96 ? 1327 GLU B N   1 
ATOM 1030 C CA  . GLU B 1 86 ? -16.571 21.848  -32.503 1.00 199.96 ? 1327 GLU B CA  1 
ATOM 1031 C C   . GLU B 1 86 ? -16.595 22.489  -33.891 1.00 199.96 ? 1327 GLU B C   1 
ATOM 1032 O O   . GLU B 1 86 ? -17.260 23.503  -34.117 1.00 176.93 ? 1327 GLU B O   1 
ATOM 1033 C CB  . GLU B 1 86 ? -15.456 22.475  -31.663 1.00 197.08 ? 1327 GLU B CB  1 
ATOM 1034 C CG  . GLU B 1 86 ? -15.137 23.918  -32.036 1.00 197.08 ? 1327 GLU B CG  1 
ATOM 1035 C CD  . GLU B 1 86 ? -13.651 24.223  -31.978 1.00 197.08 ? 1327 GLU B CD  1 
ATOM 1036 O OE1 . GLU B 1 86 ? -13.246 25.311  -32.445 1.00 197.08 ? 1327 GLU B OE1 1 
ATOM 1037 O OE2 . GLU B 1 86 ? -12.887 23.379  -31.464 1.00 197.08 ? 1327 GLU B OE2 1 
ATOM 1038 N N   . LEU B 1 87 ? -15.855 21.870  -34.812 1.00 199.96 ? 1328 LEU B N   1 
ATOM 1039 C CA  . LEU B 1 87 ? -15.737 22.315  -36.200 1.00 199.96 ? 1328 LEU B CA  1 
ATOM 1040 C C   . LEU B 1 87 ? -17.040 22.123  -36.965 1.00 199.96 ? 1328 LEU B C   1 
ATOM 1041 O O   . LEU B 1 87 ? -17.484 23.014  -37.691 1.00 199.96 ? 1328 LEU B O   1 
ATOM 1042 C CB  . LEU B 1 87 ? -14.633 21.525  -36.909 1.00 141.69 ? 1328 LEU B CB  1 
ATOM 1043 C CG  . LEU B 1 87 ? -14.413 21.778  -38.402 1.00 141.69 ? 1328 LEU B CG  1 
ATOM 1044 C CD1 . LEU B 1 87 ? -13.697 23.110  -38.603 1.00 141.69 ? 1328 LEU B CD1 1 
ATOM 1045 C CD2 . LEU B 1 87 ? -13.596 20.639  -38.984 1.00 141.69 ? 1328 LEU B CD2 1 
ATOM 1046 N N   . LEU B 1 88 ? -17.646 20.952  -36.810 1.00 167.40 ? 1329 LEU B N   1 
ATOM 1047 C CA  . LEU B 1 88 ? -18.893 20.669  -37.498 1.00 167.40 ? 1329 LEU B CA  1 
ATOM 1048 C C   . LEU B 1 88 ? -20.040 21.555  -37.034 1.00 167.40 ? 1329 LEU B C   1 
ATOM 1049 O O   . LEU B 1 88 ? -21.092 21.583  -37.661 1.00 136.48 ? 1329 LEU B O   1 
ATOM 1050 C CB  . LEU B 1 88 ? -19.259 19.191  -37.353 1.00 118.25 ? 1329 LEU B CB  1 
ATOM 1051 C CG  . LEU B 1 88 ? -18.238 18.242  -37.990 1.00 118.25 ? 1329 LEU B CG  1 
ATOM 1052 C CD1 . LEU B 1 88 ? -18.902 16.901  -38.239 1.00 118.25 ? 1329 LEU B CD1 1 
ATOM 1053 C CD2 . LEU B 1 88 ? -17.721 18.820  -39.306 1.00 118.25 ? 1329 LEU B CD2 1 
ATOM 1054 N N   . GLN B 1 89 ? -19.845 22.269  -35.930 1.00 199.96 ? 1330 GLN B N   1 
ATOM 1055 C CA  . GLN B 1 89 ? -20.867 23.188  -35.441 1.00 199.96 ? 1330 GLN B CA  1 
ATOM 1056 C C   . GLN B 1 89 ? -20.542 24.561  -36.021 1.00 199.96 ? 1330 GLN B C   1 
ATOM 1057 O O   . GLN B 1 89 ? -21.178 25.560  -35.687 1.00 199.96 ? 1330 GLN B O   1 
ATOM 1058 C CB  . GLN B 1 89 ? -20.877 23.261  -33.913 1.00 170.47 ? 1330 GLN B CB  1 
ATOM 1059 C CG  . GLN B 1 89 ? -21.865 22.315  -33.249 1.00 170.47 ? 1330 GLN B CG  1 
ATOM 1060 C CD  . GLN B 1 89 ? -22.078 22.649  -31.785 1.00 170.47 ? 1330 GLN B CD  1 
ATOM 1061 O OE1 . GLN B 1 89 ? -22.478 23.762  -31.444 1.00 170.47 ? 1330 GLN B OE1 1 
ATOM 1062 N NE2 . GLN B 1 89 ? -21.810 21.687  -30.912 1.00 170.47 ? 1330 GLN B NE2 1 
ATOM 1063 N N   . GLU B 1 90 ? -19.533 24.589  -36.891 1.00 199.96 ? 1331 GLU B N   1 
ATOM 1064 C CA  . GLU B 1 90 ? -19.096 25.807  -37.566 1.00 199.96 ? 1331 GLU B CA  1 
ATOM 1065 C C   . GLU B 1 90 ? -19.535 25.705  -39.024 1.00 199.96 ? 1331 GLU B C   1 
ATOM 1066 O O   . GLU B 1 90 ? -19.551 26.696  -39.751 1.00 184.29 ? 1331 GLU B O   1 
ATOM 1067 C CB  . GLU B 1 90 ? -17.572 25.942  -37.507 1.00 173.89 ? 1331 GLU B CB  1 
ATOM 1068 C CG  . GLU B 1 90 ? -16.995 25.991  -36.100 1.00 173.89 ? 1331 GLU B CG  1 
ATOM 1069 C CD  . GLU B 1 90 ? -15.483 25.830  -36.079 1.00 173.89 ? 1331 GLU B CD  1 
ATOM 1070 O OE1 . GLU B 1 90 ? -14.900 25.837  -34.975 1.00 173.89 ? 1331 GLU B OE1 1 
ATOM 1071 O OE2 . GLU B 1 90 ? -14.875 25.694  -37.162 1.00 173.89 ? 1331 GLU B OE2 1 
ATOM 1072 N N   . GLN B 1 91 ? -19.889 24.491  -39.441 1.00 163.31 ? 1332 GLN B N   1 
ATOM 1073 C CA  . GLN B 1 91 ? -20.339 24.253  -40.805 1.00 163.31 ? 1332 GLN B CA  1 
ATOM 1074 C C   . GLN B 1 91 ? -21.622 23.413  -40.883 1.00 163.31 ? 1332 GLN B C   1 
ATOM 1075 O O   . GLN B 1 91 ? -21.624 22.256  -41.311 1.00 121.59 ? 1332 GLN B O   1 
ATOM 1076 C CB  . GLN B 1 91 ? -19.212 23.611  -41.611 1.00 199.96 ? 1332 GLN B CB  1 
ATOM 1077 C CG  . GLN B 1 91 ? -17.988 24.512  -41.713 1.00 199.96 ? 1332 GLN B CG  1 
ATOM 1078 C CD  . GLN B 1 91 ? -16.908 23.955  -42.622 1.00 199.96 ? 1332 GLN B CD  1 
ATOM 1079 O OE1 . GLN B 1 91 ? -16.356 22.882  -42.368 1.00 199.96 ? 1332 GLN B OE1 1 
ATOM 1080 N NE2 . GLN B 1 91 ? -16.599 24.687  -43.691 1.00 199.96 ? 1332 GLN B NE2 1 
ATOM 1081 N N   . LEU B 1 92 ? -22.718 24.020  -40.454 1.00 199.96 ? 1333 LEU B N   1 
ATOM 1082 C CA  . LEU B 1 92 ? -24.025 23.381  -40.476 1.00 199.96 ? 1333 LEU B CA  1 
ATOM 1083 C C   . LEU B 1 92 ? -25.016 24.539  -40.648 1.00 199.96 ? 1333 LEU B C   1 
ATOM 1084 O O   . LEU B 1 92 ? -25.821 24.522  -41.609 1.00 182.13 ? 1333 LEU B O   1 
ATOM 1085 C CB  . LEU B 1 92 ? -24.279 22.629  -39.158 1.00 136.37 ? 1333 LEU B CB  1 
ATOM 1086 C CG  . LEU B 1 92 ? -25.382 21.554  -39.113 1.00 136.37 ? 1333 LEU B CG  1 
ATOM 1087 C CD1 . LEU B 1 92 ? -24.881 20.273  -39.775 1.00 136.37 ? 1333 LEU B CD1 1 
ATOM 1088 C CD2 . LEU B 1 92 ? -25.794 21.273  -37.669 1.00 136.37 ? 1333 LEU B CD2 1 
# 
